data_9US4
#
_entry.id   9US4
#
_cell.length_a   74.913
_cell.length_b   108.244
_cell.length_c   82.284
_cell.angle_alpha   90.000
_cell.angle_beta   96.765
_cell.angle_gamma   90.000
#
_symmetry.space_group_name_H-M   'P 1 21 1'
#
loop_
_entity.id
_entity.type
_entity.pdbx_description
1 polymer 'Maltohexaose-producing amylase'
2 branched 4,6-dideoxy-4-{[(1S,4R,5S,6S)-4,5,6-trihydroxy-3-(hydroxymethyl)cyclohex-2-en-1-yl]amino}-alpha-D-glucopyranose-(1-4)-alpha-D-glucopyranose-(1-4)-beta-D-glucopyranose
3 branched 4,6-dideoxy-4-{[(1S,4R,5S,6S)-4,5,6-trihydroxy-3-(hydroxymethyl)cyclohex-2-en-1-yl]amino}-alpha-D-glucopyranose-(1-4)-alpha-D-glucopyranose-(1-4)-alpha-D-glucopyranose
4 branched 4,6-dideoxy-4-{[(1S,4R,5S,6S)-4,5,6-trihydroxy-3-(hydroxymethyl)cyclohex-2-en-1-yl]amino}-alpha-D-glucopyranose-(1-4)-alpha-D-glucopyranose
5 non-polymer 'CALCIUM ION'
6 water water
#
_entity_poly.entity_id   1
_entity_poly.type   'polypeptide(L)'
_entity_poly.pdbx_seq_one_letter_code
;AWTTTDFPAFTEEGTGRFISQKVVEKGTRPLQLNFDQQCWQPSGGIKLNQMLSMEPCRGTPPQWRIFRQGLYTLEVDTRS
GTPTMMISLEEKETSAAAPQIRQCPKWDGKPLTIDVSKTFAEGSKVRDFYSGNVATVSGGKITLQPAFGSNGLLLLERAE
TAAPAPFDWHNATVYFVLTDRFVNGNPANDNSYGRHKDGMQEIGTFHGGDLQGLTSKLDYLQQMGVNALWISSPLEQIHG
WVGGGTKGDFPHYAYHGYYTQDWSKLDANMGTEADLRRLVDEAHKRGIRILFDVVMNHAGYATLADMQEFQFGSLYLQGD
ELKKTLGERWTDWKPGAGQTWHSFNDYINFSDKAGWEKWWGKKWIRIDIGDYDNPGYDDLTMSLAFLPDLKTESKEISGL
PNFYSHKPDTAAKAIPGYTPRDYLTHWLSQWVRDYGIDGFRVDTAKHVEMDAWQQLKTQATAALAEWKKANPDKALDAAP
FWMTGEAWGHGVMQSDYYRHGFDAMINFDYQDQAAKAATCMANIDLTWQQMADKLQSFNVLSYLSSHDTRLFREGGATAA
ELLLLAPGAVQIFYGDESSRPFGPTGSDPLQGTRSEMNWQDVNGKAARSVTHWQKIGQFRARHPAIGMGKQTTLSMSRGY
GFVRESGEDKVMVIWAGQQQ
;
_entity_poly.pdbx_strand_id   A,B
#
loop_
_chem_comp.id
_chem_comp.type
_chem_comp.name
_chem_comp.formula
AC1 D-saccharide 4,6-dideoxy-4-{[(1S,4R,5S,6S)-4,5,6-trihydroxy-3-(hydroxymethyl)cyclohex-2-en-1-yl]amino}-alpha-D-glucopyranose 'C13 H23 N O8'
BGC D-saccharide, beta linking beta-D-glucopyranose 'C6 H12 O6'
CA non-polymer 'CALCIUM ION' 'Ca 2'
GLC D-saccharide, alpha linking alpha-D-glucopyranose 'C6 H12 O6'
#
# COMPACT_ATOMS: atom_id res chain seq x y z
N ALA A 1 44.59 -17.32 12.88
CA ALA A 1 43.25 -16.94 12.42
C ALA A 1 42.23 -17.04 13.57
N TRP A 2 41.09 -16.35 13.45
CA TRP A 2 39.94 -16.46 14.39
C TRP A 2 39.24 -17.80 14.15
N THR A 3 38.92 -18.53 15.22
CA THR A 3 38.22 -19.83 15.16
C THR A 3 37.26 -19.99 16.35
N THR A 4 36.18 -20.74 16.13
CA THR A 4 35.28 -21.29 17.18
C THR A 4 34.86 -22.70 16.75
N THR A 5 34.43 -23.52 17.71
CA THR A 5 33.96 -24.92 17.49
C THR A 5 32.87 -24.93 16.41
N ASP A 6 32.97 -25.87 15.45
CA ASP A 6 31.93 -26.23 14.44
C ASP A 6 32.01 -25.31 13.21
N PHE A 7 32.51 -24.09 13.36
CA PHE A 7 32.61 -23.08 12.26
C PHE A 7 33.96 -23.20 11.56
N PRO A 8 34.02 -23.02 10.22
CA PRO A 8 35.29 -22.93 9.51
C PRO A 8 36.10 -21.73 10.01
N ALA A 9 37.43 -21.77 9.86
CA ALA A 9 38.35 -20.66 10.17
C ALA A 9 37.77 -19.36 9.59
N PHE A 10 37.77 -18.28 10.37
CA PHE A 10 37.24 -16.95 9.97
C PHE A 10 38.13 -16.37 8.88
N THR A 11 37.54 -15.65 7.92
CA THR A 11 38.25 -14.92 6.83
C THR A 11 37.86 -13.44 6.89
N GLU A 12 38.76 -12.56 6.45
CA GLU A 12 38.55 -11.10 6.45
C GLU A 12 37.42 -10.74 5.47
N GLU A 13 36.48 -9.90 5.92
CA GLU A 13 35.37 -9.33 5.12
C GLU A 13 35.26 -7.84 5.48
N GLY A 14 36.04 -6.99 4.80
CA GLY A 14 36.27 -5.59 5.19
C GLY A 14 37.37 -5.49 6.22
N THR A 15 38.22 -4.46 6.12
CA THR A 15 39.44 -4.27 6.97
C THR A 15 39.06 -4.40 8.44
N GLY A 16 39.73 -5.31 9.17
CA GLY A 16 39.59 -5.47 10.63
C GLY A 16 38.35 -6.27 11.03
N ARG A 17 37.55 -6.74 10.06
CA ARG A 17 36.37 -7.60 10.30
C ARG A 17 36.62 -8.99 9.69
N PHE A 18 36.42 -10.04 10.47
CA PHE A 18 36.57 -11.46 10.07
C PHE A 18 35.24 -12.17 10.33
N ILE A 19 34.80 -13.00 9.37
CA ILE A 19 33.49 -13.71 9.45
C ILE A 19 33.69 -15.18 9.15
N SER A 20 32.80 -16.00 9.68
CA SER A 20 32.64 -17.45 9.37
C SER A 20 31.14 -17.74 9.27
N GLN A 21 30.75 -18.67 8.40
CA GLN A 21 29.34 -19.04 8.16
C GLN A 21 29.20 -20.56 8.31
N LYS A 22 28.03 -21.00 8.80
CA LYS A 22 27.74 -22.42 9.10
C LYS A 22 26.23 -22.55 9.37
N VAL A 23 25.59 -23.56 8.75
CA VAL A 23 24.20 -23.95 9.08
C VAL A 23 24.22 -24.61 10.47
N VAL A 24 23.56 -24.01 11.46
CA VAL A 24 23.50 -24.49 12.86
C VAL A 24 22.09 -25.01 13.16
N GLU A 25 21.99 -26.11 13.91
CA GLU A 25 20.70 -26.73 14.36
C GLU A 25 20.21 -25.97 15.61
N LYS A 26 18.91 -26.11 15.93
CA LYS A 26 18.32 -25.57 17.19
C LYS A 26 19.03 -26.23 18.38
N GLY A 27 19.23 -25.47 19.46
CA GLY A 27 19.87 -25.95 20.70
C GLY A 27 20.67 -24.85 21.39
N THR A 28 21.53 -25.23 22.33
CA THR A 28 22.45 -24.35 23.09
C THR A 28 23.87 -24.89 22.96
N ARG A 29 24.87 -24.00 22.91
CA ARG A 29 26.31 -24.36 22.88
C ARG A 29 27.11 -23.24 23.54
N PRO A 30 28.28 -23.55 24.12
CA PRO A 30 29.19 -22.52 24.62
C PRO A 30 29.76 -21.73 23.42
N LEU A 31 30.06 -20.44 23.62
CA LEU A 31 30.62 -19.57 22.56
C LEU A 31 31.89 -18.88 23.07
N GLN A 32 33.04 -19.34 22.56
CA GLN A 32 34.37 -18.69 22.72
C GLN A 32 34.99 -18.50 21.33
N LEU A 33 35.78 -17.45 21.16
CA LEU A 33 36.61 -17.20 19.96
C LEU A 33 38.09 -17.27 20.36
N ASN A 34 38.87 -18.06 19.63
CA ASN A 34 40.33 -18.20 19.82
C ASN A 34 41.04 -17.48 18.67
N PHE A 35 42.09 -16.71 18.99
CA PHE A 35 43.03 -16.09 18.04
C PHE A 35 44.44 -16.25 18.58
N ASP A 36 45.26 -17.07 17.92
CA ASP A 36 46.61 -17.48 18.39
C ASP A 36 46.46 -18.09 19.79
N GLN A 37 46.96 -17.43 20.83
CA GLN A 37 46.92 -17.92 22.23
C GLN A 37 45.92 -17.08 23.06
N GLN A 38 45.21 -16.14 22.42
CA GLN A 38 44.15 -15.32 23.06
C GLN A 38 42.82 -16.08 22.97
N CYS A 39 42.06 -16.09 24.08
CA CYS A 39 40.68 -16.61 24.16
C CYS A 39 39.75 -15.45 24.55
N TRP A 40 38.67 -15.26 23.79
CA TRP A 40 37.64 -14.21 24.01
C TRP A 40 36.26 -14.85 24.10
N GLN A 41 35.38 -14.32 24.94
CA GLN A 41 33.97 -14.77 25.08
C GLN A 41 33.08 -13.55 25.29
N PRO A 42 31.81 -13.58 24.83
CA PRO A 42 30.86 -12.50 25.11
C PRO A 42 30.75 -12.21 26.62
N SER A 43 30.94 -10.95 27.01
CA SER A 43 30.90 -10.47 28.42
C SER A 43 29.45 -10.18 28.84
N GLY A 44 28.64 -9.63 27.93
CA GLY A 44 27.21 -9.33 28.14
C GLY A 44 26.33 -10.47 27.66
N GLY A 45 25.02 -10.23 27.55
CA GLY A 45 24.04 -11.23 27.06
C GLY A 45 24.18 -11.47 25.57
N ILE A 46 24.22 -12.74 25.15
CA ILE A 46 24.35 -13.15 23.72
C ILE A 46 23.01 -12.95 23.01
N LYS A 47 22.99 -12.09 21.98
CA LYS A 47 21.78 -11.72 21.18
C LYS A 47 22.18 -11.62 19.71
N LEU A 48 21.20 -11.70 18.80
CA LEU A 48 21.40 -11.55 17.33
C LEU A 48 21.40 -10.07 16.96
N ASN A 49 22.14 -9.71 15.91
CA ASN A 49 22.09 -8.39 15.22
C ASN A 49 22.46 -7.26 16.19
N GLN A 50 23.39 -7.52 17.12
CA GLN A 50 23.84 -6.53 18.13
C GLN A 50 25.33 -6.71 18.41
N MET A 51 26.06 -5.59 18.57
CA MET A 51 27.50 -5.57 18.96
C MET A 51 27.65 -6.20 20.35
N LEU A 52 28.28 -7.37 20.42
CA LEU A 52 28.55 -8.10 21.69
C LEU A 52 29.96 -7.75 22.18
N SER A 53 30.06 -7.05 23.31
CA SER A 53 31.33 -6.82 24.05
C SER A 53 31.88 -8.19 24.48
N MET A 54 33.20 -8.31 24.57
CA MET A 54 33.89 -9.59 24.88
C MET A 54 34.94 -9.36 25.98
N GLU A 55 35.19 -10.41 26.77
CA GLU A 55 36.18 -10.44 27.88
C GLU A 55 37.16 -11.57 27.61
N PRO A 56 38.41 -11.50 28.12
CA PRO A 56 39.29 -12.67 28.13
C PRO A 56 38.54 -13.85 28.79
N CYS A 57 38.70 -15.05 28.23
CA CYS A 57 37.99 -16.28 28.70
C CYS A 57 38.27 -16.52 30.19
N ARG A 58 37.22 -16.75 30.97
CA ARG A 58 37.27 -17.09 32.41
C ARG A 58 36.10 -18.01 32.76
N GLY A 59 36.35 -19.00 33.62
CA GLY A 59 35.33 -19.98 34.08
C GLY A 59 34.64 -20.66 32.91
N THR A 60 33.34 -20.89 33.05
CA THR A 60 32.48 -21.57 32.04
C THR A 60 32.16 -20.57 30.93
N PRO A 61 32.30 -20.96 29.64
CA PRO A 61 31.92 -20.09 28.53
C PRO A 61 30.43 -19.77 28.54
N PRO A 62 30.01 -18.56 28.10
CA PRO A 62 28.59 -18.22 28.06
C PRO A 62 27.84 -19.09 27.04
N GLN A 63 26.57 -19.39 27.33
CA GLN A 63 25.70 -20.28 26.51
C GLN A 63 25.07 -19.44 25.39
N TRP A 64 25.32 -19.84 24.13
CA TRP A 64 24.69 -19.27 22.92
C TRP A 64 23.51 -20.17 22.53
N ARG A 65 22.29 -19.64 22.69
CA ARG A 65 21.01 -20.36 22.42
C ARG A 65 20.60 -20.15 20.97
N ILE A 66 20.45 -21.24 20.21
CA ILE A 66 20.03 -21.25 18.77
C ILE A 66 18.51 -21.49 18.73
N PHE A 67 17.73 -20.44 18.54
CA PHE A 67 16.24 -20.47 18.55
C PHE A 67 15.70 -21.04 17.23
N ARG A 68 16.38 -20.74 16.11
CA ARG A 68 15.95 -21.15 14.74
C ARG A 68 17.11 -21.80 14.00
N GLN A 69 16.80 -22.80 13.15
CA GLN A 69 17.77 -23.50 12.27
C GLN A 69 18.00 -22.65 11.02
N GLY A 70 19.24 -22.50 10.58
CA GLY A 70 19.60 -21.74 9.36
C GLY A 70 21.08 -21.43 9.27
N LEU A 71 21.46 -20.66 8.24
CA LEU A 71 22.86 -20.21 8.00
C LEU A 71 23.17 -19.04 8.94
N TYR A 72 24.02 -19.26 9.93
CA TYR A 72 24.48 -18.24 10.90
C TYR A 72 25.81 -17.65 10.43
N THR A 73 25.95 -16.33 10.51
CA THR A 73 27.22 -15.59 10.31
C THR A 73 27.72 -15.09 11.66
N LEU A 74 28.90 -15.55 12.09
CA LEU A 74 29.66 -14.96 13.21
C LEU A 74 30.64 -13.94 12.61
N GLU A 75 30.72 -12.74 13.21
CA GLU A 75 31.65 -11.67 12.79
C GLU A 75 32.46 -11.23 14.02
N VAL A 76 33.76 -10.98 13.84
CA VAL A 76 34.64 -10.39 14.88
C VAL A 76 35.18 -9.06 14.34
N ASP A 77 35.00 -7.99 15.11
CA ASP A 77 35.45 -6.61 14.78
C ASP A 77 36.62 -6.26 15.69
N THR A 78 37.82 -6.10 15.12
CA THR A 78 39.10 -5.86 15.85
C THR A 78 39.58 -4.43 15.61
N ARG A 79 38.73 -3.56 15.03
CA ARG A 79 39.10 -2.18 14.62
C ARG A 79 39.22 -1.27 15.84
N SER A 80 38.37 -1.46 16.86
CA SER A 80 38.31 -0.62 18.09
C SER A 80 39.29 -1.14 19.16
N GLY A 81 40.31 -1.91 18.75
CA GLY A 81 41.34 -2.46 19.65
C GLY A 81 40.92 -3.80 20.24
N THR A 82 39.93 -3.80 21.14
CA THR A 82 39.39 -5.01 21.81
C THR A 82 38.34 -5.65 20.90
N PRO A 83 38.31 -6.99 20.76
CA PRO A 83 37.35 -7.65 19.89
C PRO A 83 35.89 -7.48 20.38
N THR A 84 35.00 -7.11 19.46
CA THR A 84 33.53 -7.26 19.61
C THR A 84 33.07 -8.24 18.53
N MET A 85 31.92 -8.89 18.71
CA MET A 85 31.39 -9.84 17.70
C MET A 85 29.90 -9.60 17.45
N MET A 86 29.44 -10.09 16.30
CA MET A 86 28.07 -9.93 15.74
C MET A 86 27.59 -11.31 15.32
N ILE A 87 26.38 -11.70 15.73
CA ILE A 87 25.71 -12.97 15.31
C ILE A 87 24.44 -12.59 14.54
N SER A 88 24.25 -13.15 13.35
CA SER A 88 23.06 -12.91 12.48
C SER A 88 22.65 -14.21 11.79
N LEU A 89 21.37 -14.26 11.40
CA LEU A 89 20.70 -15.49 10.85
C LEU A 89 20.14 -15.17 9.46
N GLU A 90 20.35 -16.09 8.51
CA GLU A 90 19.64 -16.16 7.20
C GLU A 90 18.78 -17.43 7.19
N GLU A 91 17.46 -17.27 7.24
CA GLU A 91 16.48 -18.39 7.36
C GLU A 91 16.09 -18.91 5.97
N LYS A 92 15.48 -20.11 5.93
CA LYS A 92 14.98 -20.79 4.69
C LYS A 92 16.11 -20.91 3.68
N GLN A 103 12.72 -25.11 -9.87
CA GLN A 103 13.53 -25.29 -8.64
C GLN A 103 14.84 -24.51 -8.78
N CYS A 104 15.40 -24.06 -7.66
CA CYS A 104 16.64 -23.24 -7.57
C CYS A 104 17.88 -24.15 -7.53
N PRO A 105 18.97 -23.81 -8.25
CA PRO A 105 20.25 -24.50 -8.08
C PRO A 105 20.70 -24.56 -6.61
N LYS A 106 21.08 -25.75 -6.14
CA LYS A 106 21.54 -26.01 -4.75
C LYS A 106 23.07 -26.09 -4.74
N TRP A 107 23.67 -25.67 -3.64
CA TRP A 107 25.15 -25.64 -3.42
C TRP A 107 25.48 -26.39 -2.13
N ASP A 108 26.47 -27.30 -2.20
CA ASP A 108 26.92 -28.15 -1.06
C ASP A 108 27.95 -27.40 -0.21
N GLY A 109 28.31 -26.18 -0.60
CA GLY A 109 29.22 -25.30 0.15
C GLY A 109 30.69 -25.50 -0.19
N LYS A 110 30.99 -26.44 -1.10
CA LYS A 110 32.37 -26.89 -1.43
C LYS A 110 32.86 -26.17 -2.68
N PRO A 111 34.18 -26.17 -2.98
CA PRO A 111 34.71 -25.48 -4.15
C PRO A 111 34.02 -25.85 -5.47
N LEU A 112 33.96 -24.91 -6.41
CA LEU A 112 33.43 -25.09 -7.79
C LEU A 112 34.60 -25.24 -8.76
N THR A 113 34.52 -26.20 -9.69
CA THR A 113 35.40 -26.30 -10.87
C THR A 113 34.66 -25.71 -12.07
N ILE A 114 35.17 -24.61 -12.62
CA ILE A 114 34.50 -23.78 -13.68
C ILE A 114 35.23 -24.02 -15.00
N ASP A 115 34.49 -24.37 -16.05
CA ASP A 115 34.97 -24.39 -17.46
C ASP A 115 35.04 -22.94 -17.95
N VAL A 116 36.24 -22.37 -18.01
CA VAL A 116 36.50 -20.95 -18.45
C VAL A 116 37.15 -20.96 -19.84
N SER A 117 37.16 -22.11 -20.52
CA SER A 117 37.92 -22.35 -21.78
C SER A 117 37.52 -21.33 -22.86
N LYS A 118 36.27 -20.88 -22.88
CA LYS A 118 35.71 -19.99 -23.94
C LYS A 118 35.91 -18.51 -23.58
N THR A 119 36.43 -18.21 -22.37
CA THR A 119 36.47 -16.82 -21.81
C THR A 119 37.90 -16.41 -21.48
N PHE A 120 38.62 -17.21 -20.68
CA PHE A 120 39.97 -16.90 -20.16
C PHE A 120 40.98 -17.89 -20.77
N ALA A 121 42.14 -17.37 -21.20
CA ALA A 121 43.17 -18.11 -21.97
C ALA A 121 43.84 -19.16 -21.07
N GLU A 122 44.15 -20.32 -21.64
CA GLU A 122 44.94 -21.40 -21.00
C GLU A 122 46.20 -20.79 -20.39
N GLY A 123 46.48 -21.08 -19.11
CA GLY A 123 47.69 -20.63 -18.41
C GLY A 123 47.62 -19.20 -17.91
N SER A 124 46.53 -18.47 -18.20
CA SER A 124 46.30 -17.09 -17.69
C SER A 124 45.84 -17.16 -16.23
N LYS A 125 46.05 -16.07 -15.49
CA LYS A 125 45.60 -15.94 -14.07
C LYS A 125 44.21 -15.29 -14.07
N VAL A 126 43.26 -15.90 -13.37
CA VAL A 126 41.86 -15.40 -13.19
C VAL A 126 41.64 -15.12 -11.71
N ARG A 127 41.16 -13.91 -11.38
CA ARG A 127 40.84 -13.49 -10.00
C ARG A 127 39.32 -13.58 -9.79
N ASP A 128 38.91 -14.20 -8.67
CA ASP A 128 37.58 -13.95 -8.05
C ASP A 128 37.70 -12.66 -7.26
N PHE A 129 37.18 -11.55 -7.80
CA PHE A 129 37.36 -10.20 -7.22
C PHE A 129 36.81 -10.15 -5.78
N TYR A 130 35.75 -10.92 -5.49
CA TYR A 130 35.07 -10.88 -4.16
C TYR A 130 36.02 -11.38 -3.07
N SER A 131 36.71 -12.50 -3.30
CA SER A 131 37.64 -13.14 -2.33
C SER A 131 39.06 -12.60 -2.51
N GLY A 132 39.43 -12.21 -3.74
CA GLY A 132 40.82 -11.88 -4.12
C GLY A 132 41.62 -13.12 -4.49
N ASN A 133 41.03 -14.32 -4.37
CA ASN A 133 41.66 -15.62 -4.76
C ASN A 133 41.98 -15.59 -6.26
N VAL A 134 43.19 -16.03 -6.63
CA VAL A 134 43.67 -16.09 -8.05
C VAL A 134 43.92 -17.55 -8.40
N ALA A 135 43.39 -17.98 -9.57
CA ALA A 135 43.58 -19.34 -10.12
C ALA A 135 44.21 -19.24 -11.51
N THR A 136 45.05 -20.21 -11.85
CA THR A 136 45.65 -20.36 -13.21
C THR A 136 44.78 -21.33 -14.02
N VAL A 137 44.32 -20.90 -15.20
CA VAL A 137 43.51 -21.74 -16.13
C VAL A 137 44.39 -22.93 -16.55
N SER A 138 43.95 -24.15 -16.24
CA SER A 138 44.65 -25.42 -16.56
C SER A 138 43.62 -26.42 -17.10
N GLY A 139 43.84 -26.92 -18.33
CA GLY A 139 42.86 -27.74 -19.07
C GLY A 139 41.54 -27.01 -19.24
N GLY A 140 41.59 -25.69 -19.41
CA GLY A 140 40.41 -24.82 -19.60
C GLY A 140 39.56 -24.69 -18.35
N LYS A 141 40.11 -24.98 -17.17
CA LYS A 141 39.35 -25.03 -15.90
C LYS A 141 40.09 -24.30 -14.78
N ILE A 142 39.33 -23.79 -13.81
CA ILE A 142 39.82 -23.26 -12.50
C ILE A 142 38.92 -23.81 -11.40
N THR A 143 39.46 -23.98 -10.19
CA THR A 143 38.73 -24.44 -8.97
C THR A 143 38.83 -23.33 -7.93
N LEU A 144 37.70 -22.82 -7.45
CA LEU A 144 37.60 -21.70 -6.49
C LEU A 144 36.46 -21.95 -5.50
N GLN A 145 36.69 -21.59 -4.23
CA GLN A 145 35.70 -21.62 -3.13
C GLN A 145 35.10 -20.22 -3.01
N PRO A 146 33.79 -20.04 -3.28
CA PRO A 146 33.13 -18.77 -2.98
C PRO A 146 33.38 -18.39 -1.51
N ALA A 147 33.78 -17.14 -1.25
CA ALA A 147 34.13 -16.63 0.08
C ALA A 147 32.87 -16.47 0.94
N PHE A 148 33.03 -16.46 2.26
CA PHE A 148 31.97 -16.09 3.23
C PHE A 148 31.50 -14.67 2.88
N GLY A 149 30.19 -14.47 2.80
CA GLY A 149 29.56 -13.18 2.49
C GLY A 149 29.28 -13.00 1.00
N SER A 150 29.84 -13.86 0.15
CA SER A 150 29.70 -13.79 -1.34
C SER A 150 28.29 -14.24 -1.77
N ASN A 151 27.56 -14.94 -0.89
CA ASN A 151 26.27 -15.60 -1.19
C ASN A 151 26.48 -16.67 -2.28
N GLY A 152 27.71 -17.20 -2.40
CA GLY A 152 28.07 -18.23 -3.41
C GLY A 152 28.50 -17.64 -4.74
N LEU A 153 28.79 -16.33 -4.81
CA LEU A 153 29.23 -15.64 -6.04
C LEU A 153 30.73 -15.83 -6.27
N LEU A 154 31.11 -16.09 -7.52
CA LEU A 154 32.49 -15.85 -8.05
C LEU A 154 32.40 -14.71 -9.06
N LEU A 155 33.15 -13.63 -8.82
CA LEU A 155 33.24 -12.46 -9.74
C LEU A 155 34.57 -12.58 -10.51
N LEU A 156 34.56 -13.33 -11.61
CA LEU A 156 35.78 -13.76 -12.33
C LEU A 156 36.20 -12.69 -13.35
N GLU A 157 37.44 -12.23 -13.23
CA GLU A 157 38.05 -11.19 -14.09
C GLU A 157 39.49 -11.63 -14.41
N ARG A 158 40.09 -11.06 -15.45
CA ARG A 158 41.55 -11.22 -15.73
C ARG A 158 42.30 -10.61 -14.53
N ALA A 159 43.29 -11.34 -14.00
CA ALA A 159 44.05 -10.97 -12.78
C ALA A 159 44.79 -9.65 -12.99
N GLU A 160 45.02 -9.25 -14.25
CA GLU A 160 45.72 -7.99 -14.61
C GLU A 160 44.80 -6.78 -14.33
N THR A 161 43.48 -6.99 -14.20
CA THR A 161 42.51 -5.96 -13.74
C THR A 161 43.00 -5.39 -12.40
N ALA A 162 43.09 -4.07 -12.28
CA ALA A 162 43.80 -3.37 -11.17
C ALA A 162 43.02 -2.15 -10.65
N ALA A 163 42.16 -1.53 -11.46
CA ALA A 163 41.51 -0.24 -11.12
C ALA A 163 40.18 -0.10 -11.88
N PRO A 164 39.34 0.90 -11.52
CA PRO A 164 38.11 1.17 -12.26
C PRO A 164 38.34 1.44 -13.75
N ALA A 165 37.40 1.01 -14.60
CA ALA A 165 37.35 1.33 -16.04
C ALA A 165 36.94 2.79 -16.22
N PRO A 166 37.24 3.42 -17.38
CA PRO A 166 36.71 4.75 -17.67
C PRO A 166 35.19 4.81 -17.42
N PHE A 167 34.72 5.91 -16.85
CA PHE A 167 33.28 6.16 -16.59
C PHE A 167 32.49 6.03 -17.89
N ASP A 168 31.35 5.34 -17.84
CA ASP A 168 30.35 5.30 -18.92
C ASP A 168 28.96 5.33 -18.29
N TRP A 169 28.08 6.21 -18.79
CA TRP A 169 26.68 6.35 -18.29
C TRP A 169 25.96 5.00 -18.41
N HIS A 170 26.34 4.17 -19.39
CA HIS A 170 25.73 2.84 -19.67
C HIS A 170 26.26 1.77 -18.70
N ASN A 171 27.24 2.14 -17.85
CA ASN A 171 27.74 1.27 -16.76
C ASN A 171 27.73 2.05 -15.43
N ALA A 172 26.93 3.12 -15.34
CA ALA A 172 26.91 4.06 -14.20
C ALA A 172 26.30 3.38 -12.97
N THR A 173 26.83 3.69 -11.79
CA THR A 173 26.25 3.35 -10.48
C THR A 173 25.81 4.65 -9.82
N VAL A 174 24.52 4.98 -9.93
CA VAL A 174 23.91 6.23 -9.42
C VAL A 174 23.46 5.98 -7.98
N TYR A 175 23.84 6.86 -7.06
CA TYR A 175 23.33 6.90 -5.67
C TYR A 175 22.31 8.02 -5.58
N PHE A 176 21.04 7.67 -5.39
CA PHE A 176 19.90 8.62 -5.22
C PHE A 176 19.70 8.88 -3.73
N VAL A 177 19.96 10.11 -3.30
CA VAL A 177 19.90 10.53 -1.88
C VAL A 177 18.89 11.67 -1.73
N LEU A 178 17.94 11.50 -0.80
CA LEU A 178 17.14 12.61 -0.24
C LEU A 178 18.01 13.29 0.83
N THR A 179 18.61 14.43 0.47
CA THR A 179 19.66 15.14 1.25
C THR A 179 19.18 15.37 2.69
N ASP A 180 17.91 15.73 2.87
CA ASP A 180 17.33 16.05 4.19
C ASP A 180 17.40 14.84 5.12
N ARG A 181 17.42 13.62 4.57
CA ARG A 181 17.24 12.35 5.32
C ARG A 181 18.55 11.57 5.39
N PHE A 182 19.69 12.19 5.03
CA PHE A 182 21.01 11.51 4.94
C PHE A 182 21.90 11.91 6.12
N VAL A 183 22.60 13.05 6.03
CA VAL A 183 23.55 13.52 7.08
C VAL A 183 23.28 15.00 7.38
N ASN A 184 22.96 15.30 8.64
CA ASN A 184 22.86 16.68 9.18
C ASN A 184 24.26 17.15 9.56
N GLY A 185 24.93 17.86 8.65
CA GLY A 185 26.27 18.45 8.86
C GLY A 185 26.23 19.65 9.80
N ASN A 186 25.16 20.44 9.75
CA ASN A 186 25.00 21.67 10.57
C ASN A 186 23.55 21.79 11.06
N PRO A 187 23.29 21.61 12.37
CA PRO A 187 21.93 21.70 12.90
C PRO A 187 21.34 23.13 12.85
N ALA A 188 22.18 24.14 12.66
CA ALA A 188 21.82 25.59 12.70
C ALA A 188 20.81 25.93 11.60
N ASN A 189 20.83 25.21 10.46
CA ASN A 189 20.00 25.54 9.28
C ASN A 189 18.78 24.61 9.19
N ASP A 190 18.52 23.80 10.21
CA ASP A 190 17.44 22.77 10.22
C ASP A 190 16.05 23.42 10.15
N ASN A 191 15.89 24.64 10.66
CA ASN A 191 14.58 25.32 10.85
C ASN A 191 14.56 26.64 10.07
N SER A 192 15.07 26.63 8.84
CA SER A 192 15.11 27.81 7.93
C SER A 192 13.67 28.29 7.68
N TYR A 193 13.48 29.60 7.55
CA TYR A 193 12.19 30.25 7.20
C TYR A 193 11.11 29.92 8.25
N GLY A 194 11.52 29.65 9.50
CA GLY A 194 10.61 29.36 10.63
C GLY A 194 9.95 27.99 10.54
N ARG A 195 10.59 27.03 9.86
CA ARG A 195 10.11 25.62 9.75
C ARG A 195 10.21 24.94 11.11
N HIS A 196 9.26 24.05 11.43
CA HIS A 196 9.15 23.35 12.74
C HIS A 196 9.27 21.84 12.55
N LYS A 197 9.91 21.16 13.51
CA LYS A 197 9.71 19.72 13.80
C LYS A 197 8.26 19.54 14.25
N ASP A 198 7.68 18.36 14.12
CA ASP A 198 6.25 18.12 14.49
C ASP A 198 6.17 17.49 15.89
N GLY A 199 7.29 17.01 16.44
CA GLY A 199 7.37 16.40 17.78
C GLY A 199 6.61 15.10 17.86
N MET A 200 6.29 14.51 16.71
CA MET A 200 5.57 13.22 16.58
C MET A 200 6.52 12.19 15.97
N GLN A 201 6.33 11.78 14.71
CA GLN A 201 7.23 10.82 14.01
C GLN A 201 8.01 11.52 12.90
N GLU A 202 7.91 12.86 12.81
CA GLU A 202 8.65 13.70 11.83
C GLU A 202 8.51 13.11 10.42
N ILE A 203 7.31 12.68 10.05
CA ILE A 203 7.04 11.99 8.75
C ILE A 203 7.36 12.95 7.60
N GLY A 204 6.86 14.19 7.66
CA GLY A 204 6.89 15.14 6.54
C GLY A 204 7.70 16.40 6.82
N THR A 205 8.51 16.39 7.89
CA THR A 205 9.31 17.57 8.32
C THR A 205 10.71 17.51 7.73
N PHE A 206 11.43 18.63 7.77
CA PHE A 206 12.89 18.69 7.49
C PHE A 206 13.61 18.09 8.70
N HIS A 207 14.18 16.89 8.56
CA HIS A 207 15.02 16.23 9.59
C HIS A 207 16.32 17.01 9.82
N GLY A 208 16.82 17.68 8.79
CA GLY A 208 17.98 18.60 8.90
C GLY A 208 19.19 18.13 8.11
N GLY A 209 19.07 17.08 7.29
CA GLY A 209 20.15 16.67 6.36
C GLY A 209 20.48 17.79 5.39
N ASP A 210 21.77 17.98 5.07
CA ASP A 210 22.23 19.14 4.27
C ASP A 210 23.41 18.76 3.37
N LEU A 211 23.82 19.67 2.50
CA LEU A 211 24.87 19.45 1.46
C LEU A 211 26.22 19.20 2.14
N GLN A 212 26.50 19.91 3.24
CA GLN A 212 27.72 19.71 4.07
C GLN A 212 27.79 18.24 4.53
N GLY A 213 26.70 17.74 5.11
CA GLY A 213 26.62 16.36 5.63
C GLY A 213 26.87 15.34 4.53
N LEU A 214 26.25 15.53 3.35
CA LEU A 214 26.39 14.66 2.17
C LEU A 214 27.86 14.63 1.73
N THR A 215 28.49 15.80 1.67
CA THR A 215 29.92 16.00 1.29
C THR A 215 30.82 15.10 2.15
N SER A 216 30.51 14.99 3.45
CA SER A 216 31.30 14.20 4.44
C SER A 216 31.29 12.71 4.11
N LYS A 217 30.36 12.23 3.28
CA LYS A 217 30.18 10.79 2.98
C LYS A 217 30.62 10.46 1.54
N LEU A 218 31.34 11.35 0.86
CA LEU A 218 31.78 11.14 -0.54
C LEU A 218 32.80 9.98 -0.59
N ASP A 219 33.66 9.83 0.41
CA ASP A 219 34.60 8.69 0.52
C ASP A 219 33.80 7.39 0.66
N TYR A 220 32.79 7.39 1.52
CA TYR A 220 31.86 6.26 1.77
C TYR A 220 31.25 5.82 0.43
N LEU A 221 30.76 6.78 -0.36
CA LEU A 221 30.09 6.50 -1.66
C LEU A 221 31.12 6.01 -2.69
N GLN A 222 32.30 6.63 -2.74
CA GLN A 222 33.42 6.24 -3.64
C GLN A 222 33.77 4.76 -3.42
N GLN A 223 33.86 4.32 -2.17
CA GLN A 223 34.25 2.93 -1.79
C GLN A 223 33.19 1.93 -2.27
N MET A 224 31.95 2.39 -2.49
CA MET A 224 30.80 1.55 -2.95
C MET A 224 30.81 1.45 -4.48
N GLY A 225 31.73 2.13 -5.16
CA GLY A 225 31.80 2.17 -6.63
C GLY A 225 30.77 3.10 -7.23
N VAL A 226 30.21 4.02 -6.43
CA VAL A 226 29.27 5.08 -6.89
C VAL A 226 30.08 6.08 -7.73
N ASN A 227 29.62 6.39 -8.95
CA ASN A 227 30.29 7.32 -9.88
C ASN A 227 29.29 8.37 -10.39
N ALA A 228 28.06 8.38 -9.85
CA ALA A 228 27.04 9.42 -10.11
C ALA A 228 26.18 9.60 -8.85
N LEU A 229 26.09 10.84 -8.36
CA LEU A 229 25.34 11.21 -7.13
C LEU A 229 24.13 12.05 -7.54
N TRP A 230 22.94 11.46 -7.48
CA TRP A 230 21.64 12.12 -7.79
C TRP A 230 21.06 12.64 -6.47
N ILE A 231 21.07 13.97 -6.28
CA ILE A 231 20.59 14.63 -5.03
C ILE A 231 19.17 15.16 -5.27
N SER A 232 18.31 15.08 -4.25
CA SER A 232 17.02 15.82 -4.20
C SER A 232 17.31 17.29 -4.48
N SER A 233 16.42 17.99 -5.18
CA SER A 233 16.63 19.41 -5.59
C SER A 233 17.11 20.20 -4.37
N PRO A 234 18.24 20.94 -4.47
CA PRO A 234 18.65 21.86 -3.42
C PRO A 234 18.10 23.29 -3.56
N LEU A 235 17.21 23.51 -4.55
CA LEU A 235 16.69 24.86 -4.89
C LEU A 235 15.58 25.24 -3.90
N GLU A 236 15.35 26.55 -3.73
CA GLU A 236 14.50 27.11 -2.65
C GLU A 236 13.07 26.60 -2.79
N GLN A 237 12.59 25.88 -1.78
CA GLN A 237 11.24 25.30 -1.72
C GLN A 237 10.26 26.31 -1.12
N ILE A 238 8.97 26.00 -1.20
CA ILE A 238 7.92 26.59 -0.32
C ILE A 238 8.46 26.54 1.12
N HIS A 239 8.25 27.60 1.90
CA HIS A 239 8.81 27.76 3.27
C HIS A 239 7.98 26.96 4.27
N GLY A 240 6.69 26.79 3.97
CA GLY A 240 5.70 26.22 4.92
C GLY A 240 5.35 24.78 4.60
N TRP A 241 4.17 24.38 5.08
CA TRP A 241 3.69 22.97 5.10
C TRP A 241 2.26 22.96 4.54
N VAL A 242 1.79 21.78 4.16
CA VAL A 242 0.36 21.49 3.86
C VAL A 242 -0.01 20.25 4.68
N GLY A 243 -1.30 19.87 4.68
CA GLY A 243 -1.78 18.65 5.34
C GLY A 243 -1.15 17.42 4.72
N GLY A 244 -0.70 16.48 5.56
CA GLY A 244 -0.04 15.23 5.13
C GLY A 244 -1.04 14.12 4.85
N GLY A 245 -0.80 13.34 3.80
CA GLY A 245 -1.58 12.13 3.45
C GLY A 245 -3.05 12.44 3.25
N THR A 246 -3.90 11.44 3.49
CA THR A 246 -5.38 11.52 3.29
C THR A 246 -6.06 11.95 4.59
N LYS A 247 -5.39 11.82 5.74
CA LYS A 247 -6.00 12.01 7.09
C LYS A 247 -5.47 13.26 7.79
N GLY A 248 -4.51 13.98 7.19
CA GLY A 248 -3.87 15.16 7.80
C GLY A 248 -3.28 14.81 9.15
N ASP A 249 -2.58 13.67 9.24
CA ASP A 249 -2.04 13.12 10.51
C ASP A 249 -0.64 13.68 10.78
N PHE A 250 -0.06 14.41 9.82
CA PHE A 250 1.27 15.06 9.97
C PHE A 250 1.35 16.31 9.10
N PRO A 251 2.17 17.31 9.49
CA PRO A 251 2.47 18.44 8.61
C PRO A 251 3.48 18.04 7.53
N HIS A 252 3.20 18.38 6.28
CA HIS A 252 4.01 17.99 5.09
C HIS A 252 4.78 19.21 4.59
N TYR A 253 6.09 19.25 4.87
CA TYR A 253 7.05 20.27 4.38
C TYR A 253 7.74 19.73 3.12
N ALA A 254 8.45 20.61 2.41
CA ALA A 254 9.10 20.33 1.11
C ALA A 254 10.50 19.73 1.32
N TYR A 255 10.62 18.73 2.19
CA TYR A 255 11.92 18.13 2.62
C TYR A 255 12.57 17.39 1.45
N HIS A 256 11.76 16.96 0.47
CA HIS A 256 12.14 16.08 -0.67
C HIS A 256 12.56 16.91 -1.90
N GLY A 257 12.30 18.23 -1.90
CA GLY A 257 12.80 19.17 -2.92
C GLY A 257 11.89 19.29 -4.13
N TYR A 258 10.70 18.67 -4.12
CA TYR A 258 9.78 18.59 -5.28
C TYR A 258 8.78 19.74 -5.29
N TYR A 259 8.77 20.61 -4.27
CA TYR A 259 7.82 21.74 -4.12
C TYR A 259 8.59 23.07 -4.21
N THR A 260 9.17 23.35 -5.37
CA THR A 260 10.07 24.50 -5.61
C THR A 260 9.27 25.81 -5.64
N GLN A 261 9.85 26.88 -5.12
CA GLN A 261 9.27 28.25 -5.06
C GLN A 261 10.17 29.20 -5.85
N ASP A 262 11.49 29.08 -5.68
CA ASP A 262 12.49 29.95 -6.35
C ASP A 262 13.62 29.06 -6.89
N TRP A 263 13.63 28.87 -8.21
CA TRP A 263 14.64 28.07 -8.95
C TRP A 263 15.98 28.79 -8.97
N SER A 264 16.02 30.10 -8.68
CA SER A 264 17.21 30.96 -8.81
C SER A 264 18.06 30.93 -7.53
N LYS A 265 17.54 30.36 -6.44
CA LYS A 265 18.20 30.38 -5.09
C LYS A 265 18.29 28.96 -4.53
N LEU A 266 19.31 28.69 -3.72
CA LEU A 266 19.42 27.46 -2.89
C LEU A 266 18.46 27.58 -1.70
N ASP A 267 17.87 26.46 -1.30
CA ASP A 267 17.10 26.36 -0.04
C ASP A 267 18.07 26.46 1.14
N ALA A 268 17.77 27.31 2.12
CA ALA A 268 18.66 27.62 3.27
C ALA A 268 18.91 26.38 4.13
N ASN A 269 17.96 25.42 4.14
CA ASN A 269 18.11 24.13 4.86
C ASN A 269 19.28 23.33 4.27
N MET A 270 19.49 23.44 2.94
CA MET A 270 20.48 22.63 2.19
C MET A 270 21.88 23.20 2.39
N GLY A 271 21.98 24.54 2.49
CA GLY A 271 23.22 25.25 2.85
C GLY A 271 23.50 26.41 1.92
N THR A 272 24.77 26.79 1.82
CA THR A 272 25.27 27.97 1.06
C THR A 272 25.71 27.54 -0.34
N GLU A 273 25.99 28.53 -1.20
CA GLU A 273 26.58 28.33 -2.55
C GLU A 273 27.97 27.69 -2.37
N ALA A 274 28.72 28.13 -1.36
CA ALA A 274 30.06 27.59 -1.01
C ALA A 274 29.94 26.09 -0.68
N ASP A 275 28.86 25.69 0.00
CA ASP A 275 28.57 24.27 0.35
C ASP A 275 28.33 23.46 -0.93
N LEU A 276 27.51 23.97 -1.85
CA LEU A 276 27.25 23.30 -3.16
C LEU A 276 28.56 23.18 -3.94
N ARG A 277 29.34 24.26 -4.00
CA ARG A 277 30.65 24.30 -4.72
C ARG A 277 31.54 23.18 -4.19
N ARG A 278 31.66 23.04 -2.87
CA ARG A 278 32.53 22.01 -2.24
C ARG A 278 31.99 20.61 -2.55
N LEU A 279 30.67 20.39 -2.42
CA LEU A 279 30.04 19.07 -2.73
C LEU A 279 30.45 18.64 -4.14
N VAL A 280 30.22 19.51 -5.14
CA VAL A 280 30.43 19.20 -6.58
C VAL A 280 31.94 18.99 -6.81
N ASP A 281 32.78 19.86 -6.29
CA ASP A 281 34.26 19.85 -6.52
C ASP A 281 34.87 18.61 -5.85
N GLU A 282 34.44 18.27 -4.63
CA GLU A 282 34.94 17.08 -3.89
C GLU A 282 34.41 15.79 -4.52
N ALA A 283 33.19 15.81 -5.07
CA ALA A 283 32.59 14.67 -5.81
C ALA A 283 33.41 14.40 -7.08
N HIS A 284 33.70 15.46 -7.85
CA HIS A 284 34.48 15.39 -9.11
C HIS A 284 35.89 14.85 -8.83
N LYS A 285 36.51 15.28 -7.72
CA LYS A 285 37.86 14.83 -7.29
C LYS A 285 37.88 13.29 -7.12
N ARG A 286 36.73 12.69 -6.79
CA ARG A 286 36.61 11.23 -6.52
C ARG A 286 36.00 10.51 -7.73
N GLY A 287 35.90 11.20 -8.88
CA GLY A 287 35.34 10.64 -10.13
C GLY A 287 33.84 10.42 -10.05
N ILE A 288 33.14 11.14 -9.17
CA ILE A 288 31.66 11.07 -9.00
C ILE A 288 31.02 12.25 -9.72
N ARG A 289 30.13 11.97 -10.69
CA ARG A 289 29.33 13.00 -11.41
C ARG A 289 28.18 13.43 -10.49
N ILE A 290 27.71 14.67 -10.63
CA ILE A 290 26.57 15.23 -9.83
C ILE A 290 25.34 15.35 -10.76
N LEU A 291 24.21 14.77 -10.33
CA LEU A 291 22.89 14.95 -10.97
C LEU A 291 21.99 15.72 -10.00
N PHE A 292 21.41 16.84 -10.44
CA PHE A 292 20.28 17.52 -9.77
C PHE A 292 18.99 16.82 -10.18
N ASP A 293 18.17 16.44 -9.19
CA ASP A 293 16.72 16.22 -9.40
C ASP A 293 16.13 17.59 -9.72
N VAL A 294 15.35 17.71 -10.81
CA VAL A 294 14.76 19.00 -11.26
C VAL A 294 13.27 18.80 -11.54
N VAL A 295 12.49 19.88 -11.39
CA VAL A 295 11.04 19.97 -11.73
C VAL A 295 10.86 21.18 -12.65
N MET A 296 10.09 21.03 -13.73
CA MET A 296 9.56 22.15 -14.54
C MET A 296 8.03 22.06 -14.64
N ASN A 297 7.44 20.93 -14.24
CA ASN A 297 5.97 20.69 -14.33
C ASN A 297 5.21 21.64 -13.39
N HIS A 298 5.69 21.82 -12.17
CA HIS A 298 4.89 22.45 -11.08
C HIS A 298 5.78 23.25 -10.13
N ALA A 299 5.19 24.24 -9.47
CA ALA A 299 5.72 24.89 -8.25
C ALA A 299 5.09 24.22 -7.04
N GLY A 300 5.57 24.55 -5.84
CA GLY A 300 5.03 24.02 -4.58
C GLY A 300 3.65 24.57 -4.28
N TYR A 301 2.87 23.86 -3.47
CA TYR A 301 1.55 24.29 -2.94
C TYR A 301 1.69 25.65 -2.26
N ALA A 302 0.60 26.42 -2.25
CA ALA A 302 0.41 27.59 -1.36
C ALA A 302 0.53 27.09 0.08
N THR A 303 1.30 27.78 0.92
CA THR A 303 1.41 27.52 2.38
C THR A 303 1.16 28.84 3.12
N LEU A 304 0.69 28.76 4.37
CA LEU A 304 0.45 29.93 5.24
C LEU A 304 1.76 30.73 5.38
N ALA A 305 2.89 30.05 5.53
CA ALA A 305 4.23 30.66 5.65
C ALA A 305 4.47 31.60 4.47
N ASP A 306 4.30 31.10 3.24
CA ASP A 306 4.61 31.84 1.99
C ASP A 306 3.57 32.95 1.76
N MET A 307 2.29 32.65 2.02
CA MET A 307 1.17 33.62 1.87
C MET A 307 1.46 34.87 2.72
N GLN A 308 1.85 34.68 3.98
CA GLN A 308 2.14 35.79 4.93
C GLN A 308 3.42 36.52 4.48
N GLU A 309 4.48 35.76 4.23
CA GLU A 309 5.83 36.29 3.90
C GLU A 309 5.77 37.12 2.60
N PHE A 310 5.09 36.64 1.57
CA PHE A 310 5.14 37.21 0.20
C PHE A 310 3.81 37.88 -0.16
N GLN A 311 2.90 38.01 0.81
CA GLN A 311 1.70 38.88 0.75
C GLN A 311 0.78 38.46 -0.42
N PHE A 312 0.42 37.19 -0.51
CA PHE A 312 -0.50 36.66 -1.55
C PHE A 312 -1.55 35.75 -0.90
N GLY A 313 -2.64 35.52 -1.63
CA GLY A 313 -3.75 34.65 -1.21
C GLY A 313 -4.77 35.41 -0.37
N SER A 314 -5.93 34.79 -0.15
CA SER A 314 -7.08 35.36 0.59
C SER A 314 -7.49 34.38 1.70
N LEU A 315 -7.85 34.93 2.86
CA LEU A 315 -8.33 34.17 4.05
C LEU A 315 -9.76 34.60 4.37
N TYR A 316 -10.56 33.68 4.92
CA TYR A 316 -11.90 33.95 5.49
C TYR A 316 -11.74 34.70 6.82
N LEU A 317 -10.57 34.57 7.46
CA LEU A 317 -10.19 35.30 8.70
C LEU A 317 -9.72 36.71 8.33
N GLN A 318 -10.01 37.71 9.16
CA GLN A 318 -9.70 39.15 8.91
C GLN A 318 -9.26 39.83 10.22
N GLY A 319 -8.20 40.64 10.14
CA GLY A 319 -7.75 41.55 11.22
C GLY A 319 -7.05 40.82 12.35
N ASP A 320 -7.69 40.74 13.52
CA ASP A 320 -7.10 40.21 14.78
C ASP A 320 -7.63 38.80 15.08
N GLU A 321 -8.87 38.49 14.68
CA GLU A 321 -9.41 37.10 14.68
C GLU A 321 -8.50 36.21 13.83
N LEU A 322 -7.83 36.81 12.84
CA LEU A 322 -6.73 36.20 12.05
C LEU A 322 -5.57 35.83 12.99
N LYS A 323 -5.15 36.76 13.85
CA LYS A 323 -4.05 36.55 14.84
C LYS A 323 -4.54 35.66 15.99
N LYS A 324 -5.84 35.69 16.30
CA LYS A 324 -6.48 34.81 17.32
C LYS A 324 -6.34 33.35 16.89
N THR A 325 -6.69 33.04 15.63
CA THR A 325 -6.81 31.66 15.10
C THR A 325 -5.44 31.13 14.64
N LEU A 326 -4.75 31.86 13.77
CA LEU A 326 -3.50 31.37 13.10
C LEU A 326 -2.27 31.77 13.93
N GLY A 327 -2.29 32.96 14.56
CA GLY A 327 -1.19 33.47 15.40
C GLY A 327 -0.46 34.61 14.73
N GLU A 328 0.62 35.10 15.36
CA GLU A 328 1.51 36.17 14.84
C GLU A 328 2.12 35.71 13.51
N ARG A 329 2.74 34.51 13.52
CA ARG A 329 3.18 33.79 12.30
C ARG A 329 2.15 32.69 12.00
N TRP A 330 1.44 32.80 10.88
CA TRP A 330 0.32 31.90 10.49
C TRP A 330 0.82 30.45 10.44
N THR A 331 2.06 30.24 10.00
CA THR A 331 2.68 28.90 9.80
C THR A 331 2.85 28.17 11.15
N ASP A 332 2.77 28.90 12.28
CA ASP A 332 2.92 28.30 13.64
C ASP A 332 1.62 27.63 14.08
N TRP A 333 0.54 27.76 13.30
CA TRP A 333 -0.77 27.12 13.57
C TRP A 333 -0.60 25.61 13.74
N LYS A 334 -1.27 25.02 14.72
CA LYS A 334 -1.33 23.55 14.97
C LYS A 334 -2.79 23.15 15.09
N PRO A 335 -3.18 21.94 14.63
CA PRO A 335 -4.57 21.49 14.75
C PRO A 335 -5.05 21.47 16.21
N GLY A 336 -6.26 21.99 16.46
CA GLY A 336 -6.96 21.85 17.75
C GLY A 336 -7.69 20.53 17.83
N ALA A 337 -8.47 20.31 18.91
CA ALA A 337 -9.31 19.11 19.09
C ALA A 337 -10.35 19.07 17.96
N GLY A 338 -10.49 17.93 17.29
CA GLY A 338 -11.44 17.72 16.19
C GLY A 338 -10.92 18.20 14.84
N GLN A 339 -9.70 18.77 14.80
CA GLN A 339 -9.05 19.26 13.56
C GLN A 339 -7.99 18.25 13.12
N THR A 340 -7.55 18.35 11.86
CA THR A 340 -6.35 17.68 11.30
C THR A 340 -5.44 18.75 10.69
N TRP A 341 -4.30 18.33 10.14
CA TRP A 341 -3.34 19.25 9.47
C TRP A 341 -3.90 19.73 8.13
N HIS A 342 -5.03 19.18 7.66
CA HIS A 342 -5.77 19.66 6.47
C HIS A 342 -6.73 20.80 6.84
N SER A 343 -7.03 20.98 8.14
CA SER A 343 -8.13 21.88 8.62
C SER A 343 -7.82 23.36 8.34
N PHE A 344 -6.54 23.72 8.18
CA PHE A 344 -6.12 25.13 7.90
C PHE A 344 -6.74 25.62 6.58
N ASN A 345 -7.04 24.70 5.65
CA ASN A 345 -7.66 25.00 4.34
C ASN A 345 -9.04 25.65 4.54
N ASP A 346 -9.73 25.31 5.63
CA ASP A 346 -11.06 25.87 6.01
C ASP A 346 -10.96 27.39 6.17
N TYR A 347 -9.79 27.92 6.52
CA TYR A 347 -9.55 29.37 6.79
C TYR A 347 -9.15 30.11 5.51
N ILE A 348 -8.83 29.39 4.44
CA ILE A 348 -8.31 29.97 3.16
C ILE A 348 -9.45 30.09 2.16
N ASN A 349 -9.61 31.28 1.57
CA ASN A 349 -10.61 31.58 0.52
C ASN A 349 -9.95 31.40 -0.85
N PHE A 350 -9.97 30.18 -1.39
CA PHE A 350 -9.32 29.81 -2.67
C PHE A 350 -10.13 30.34 -3.86
N SER A 351 -11.36 30.79 -3.65
CA SER A 351 -12.25 31.33 -4.72
C SER A 351 -11.88 32.77 -5.07
N ASP A 352 -11.20 33.51 -4.19
CA ASP A 352 -10.99 34.98 -4.31
C ASP A 352 -9.96 35.28 -5.41
N LYS A 353 -10.41 35.92 -6.50
CA LYS A 353 -9.60 36.19 -7.73
C LYS A 353 -8.45 37.15 -7.43
N ALA A 354 -8.74 38.31 -6.84
CA ALA A 354 -7.78 39.43 -6.65
C ALA A 354 -6.64 38.99 -5.72
N GLY A 355 -6.96 38.36 -4.60
CA GLY A 355 -5.97 37.91 -3.58
C GLY A 355 -4.99 36.90 -4.14
N TRP A 356 -5.46 35.98 -4.99
CA TRP A 356 -4.67 34.81 -5.46
C TRP A 356 -3.89 35.15 -6.74
N GLU A 357 -4.28 36.21 -7.47
CA GLU A 357 -3.51 36.73 -8.63
C GLU A 357 -2.13 37.22 -8.15
N LYS A 358 -2.04 37.63 -6.88
CA LYS A 358 -0.81 38.18 -6.25
C LYS A 358 0.26 37.09 -6.07
N TRP A 359 -0.11 35.82 -6.24
CA TRP A 359 0.82 34.66 -6.17
C TRP A 359 1.63 34.59 -7.48
N TRP A 360 1.70 33.44 -8.16
CA TRP A 360 2.43 33.29 -9.45
C TRP A 360 1.86 34.25 -10.49
N GLY A 361 0.54 34.34 -10.59
CA GLY A 361 -0.17 35.15 -11.59
C GLY A 361 -0.64 34.31 -12.76
N LYS A 362 -1.72 34.76 -13.42
CA LYS A 362 -2.48 34.03 -14.47
C LYS A 362 -1.57 33.64 -15.64
N LYS A 363 -0.47 34.36 -15.87
CA LYS A 363 0.46 34.11 -17.00
C LYS A 363 1.38 32.90 -16.72
N TRP A 364 1.43 32.41 -15.47
CA TRP A 364 2.45 31.43 -15.02
C TRP A 364 1.89 30.02 -14.82
N ILE A 365 0.74 29.86 -14.16
CA ILE A 365 0.27 28.53 -13.65
C ILE A 365 -1.20 28.29 -14.00
N ARG A 366 -1.55 27.02 -14.21
CA ARG A 366 -2.94 26.50 -14.16
C ARG A 366 -3.17 25.92 -12.76
N ILE A 367 -4.32 26.25 -12.15
CA ILE A 367 -4.75 25.72 -10.82
C ILE A 367 -6.21 26.11 -10.61
N ASP A 368 -6.97 25.30 -9.88
CA ASP A 368 -8.41 25.53 -9.61
C ASP A 368 -8.55 26.49 -8.42
N ILE A 369 -7.94 27.66 -8.53
CA ILE A 369 -7.95 28.76 -7.51
C ILE A 369 -8.31 30.06 -8.24
N GLY A 370 -9.15 30.89 -7.62
CA GLY A 370 -9.46 32.26 -8.08
C GLY A 370 -9.61 32.35 -9.59
N ASP A 371 -8.80 33.19 -10.24
CA ASP A 371 -8.96 33.64 -11.65
C ASP A 371 -7.94 32.94 -12.57
N TYR A 372 -7.21 31.94 -12.07
CA TYR A 372 -6.17 31.21 -12.86
C TYR A 372 -6.86 30.42 -13.98
N ASP A 373 -6.17 30.27 -15.12
CA ASP A 373 -6.52 29.31 -16.19
C ASP A 373 -6.85 27.97 -15.52
N ASN A 374 -7.95 27.33 -15.91
CA ASN A 374 -8.34 26.01 -15.36
C ASN A 374 -7.31 24.97 -15.80
N PRO A 375 -6.94 24.01 -14.93
CA PRO A 375 -6.20 22.84 -15.38
C PRO A 375 -6.99 22.12 -16.49
N GLY A 376 -6.30 21.44 -17.39
CA GLY A 376 -6.91 20.58 -18.42
C GLY A 376 -7.26 19.21 -17.85
N TYR A 377 -7.71 18.29 -18.70
CA TYR A 377 -8.13 16.91 -18.34
C TYR A 377 -7.17 15.92 -19.00
N ASP A 378 -5.93 16.34 -19.25
CA ASP A 378 -4.86 15.52 -19.89
C ASP A 378 -3.59 15.60 -19.03
N ASP A 379 -2.62 14.72 -19.29
CA ASP A 379 -1.35 14.61 -18.52
C ASP A 379 -0.59 15.94 -18.55
N LEU A 380 -0.60 16.67 -19.68
CA LEU A 380 0.31 17.83 -19.90
C LEU A 380 -0.20 19.08 -19.15
N THR A 381 -1.52 19.30 -19.07
CA THR A 381 -2.11 20.57 -18.55
C THR A 381 -2.91 20.34 -17.27
N MET A 382 -3.03 19.09 -16.78
CA MET A 382 -3.72 18.81 -15.50
C MET A 382 -2.93 19.42 -14.34
N SER A 383 -3.61 19.68 -13.22
CA SER A 383 -3.02 20.05 -11.91
C SER A 383 -2.74 18.76 -11.14
N LEU A 384 -1.56 18.17 -11.34
CA LEU A 384 -1.14 16.88 -10.73
C LEU A 384 -1.10 17.06 -9.20
N ALA A 385 -1.88 16.25 -8.48
CA ALA A 385 -1.99 16.26 -6.99
C ALA A 385 -2.27 17.69 -6.50
N PHE A 386 -3.03 18.48 -7.27
CA PHE A 386 -3.46 19.87 -6.96
C PHE A 386 -2.28 20.84 -6.97
N LEU A 387 -1.13 20.45 -7.53
CA LEU A 387 0.07 21.34 -7.64
C LEU A 387 -0.19 22.37 -8.73
N PRO A 388 0.26 23.64 -8.54
CA PRO A 388 0.15 24.65 -9.60
C PRO A 388 0.95 24.19 -10.82
N ASP A 389 0.27 24.07 -11.97
CA ASP A 389 0.86 23.53 -13.23
C ASP A 389 1.51 24.69 -14.00
N LEU A 390 2.83 24.72 -14.08
CA LEU A 390 3.59 25.77 -14.81
C LEU A 390 3.22 25.68 -16.30
N LYS A 391 2.89 26.82 -16.91
CA LYS A 391 2.41 26.92 -18.32
C LYS A 391 3.63 26.86 -19.24
N THR A 392 4.27 25.68 -19.32
CA THR A 392 5.51 25.43 -20.08
C THR A 392 5.27 25.62 -21.58
N GLU A 393 4.05 25.35 -22.05
CA GLU A 393 3.65 25.43 -23.49
C GLU A 393 3.30 26.87 -23.89
N SER A 394 3.13 27.79 -22.93
CA SER A 394 2.70 29.18 -23.19
C SER A 394 3.77 29.93 -23.99
N LYS A 395 3.32 30.70 -24.99
CA LYS A 395 4.18 31.58 -25.83
C LYS A 395 4.00 33.05 -25.37
N GLU A 396 3.19 33.28 -24.34
CA GLU A 396 2.97 34.62 -23.75
C GLU A 396 4.22 35.08 -22.99
N ILE A 397 4.69 36.30 -23.26
CA ILE A 397 5.77 36.97 -22.48
C ILE A 397 5.18 37.30 -21.10
N SER A 398 5.72 36.70 -20.04
CA SER A 398 5.07 36.60 -18.71
C SER A 398 5.55 37.71 -17.77
N GLY A 399 6.82 38.11 -17.86
CA GLY A 399 7.54 38.80 -16.77
C GLY A 399 7.74 37.83 -15.61
N LEU A 400 8.21 38.32 -14.46
CA LEU A 400 8.46 37.47 -13.26
C LEU A 400 7.13 37.09 -12.62
N PRO A 401 7.10 36.04 -11.79
CA PRO A 401 5.91 35.75 -10.99
C PRO A 401 5.58 36.96 -10.12
N ASN A 402 4.30 37.28 -9.96
CA ASN A 402 3.81 38.52 -9.29
C ASN A 402 4.41 38.61 -7.89
N PHE A 403 4.40 37.52 -7.12
CA PHE A 403 4.81 37.48 -5.69
C PHE A 403 6.32 37.69 -5.53
N TYR A 404 7.12 37.61 -6.60
CA TYR A 404 8.58 37.89 -6.57
C TYR A 404 8.81 39.38 -6.30
N SER A 405 7.80 40.22 -6.51
CA SER A 405 7.81 41.66 -6.17
C SER A 405 8.00 41.85 -4.65
N HIS A 406 7.61 40.85 -3.84
CA HIS A 406 7.74 40.85 -2.35
C HIS A 406 8.81 39.85 -1.90
N LYS A 407 9.70 39.41 -2.81
CA LYS A 407 10.81 38.48 -2.51
C LYS A 407 12.13 39.14 -2.94
N PRO A 408 12.67 40.09 -2.16
CA PRO A 408 13.85 40.85 -2.57
C PRO A 408 15.17 40.07 -2.61
N ASP A 409 15.21 38.84 -2.08
CA ASP A 409 16.43 38.00 -2.04
C ASP A 409 16.54 37.16 -3.33
N THR A 410 15.56 37.23 -4.23
CA THR A 410 15.54 36.41 -5.47
C THR A 410 16.70 36.83 -6.39
N ALA A 411 17.31 35.87 -7.08
CA ALA A 411 18.33 36.08 -8.13
C ALA A 411 17.63 36.17 -9.51
N ALA A 412 16.32 35.91 -9.54
CA ALA A 412 15.47 36.02 -10.76
C ALA A 412 15.35 37.48 -11.16
N LYS A 413 15.55 37.76 -12.46
CA LYS A 413 15.37 39.09 -13.09
C LYS A 413 14.44 38.93 -14.30
N ALA A 414 13.55 39.92 -14.53
CA ALA A 414 12.75 40.04 -15.76
C ALA A 414 13.71 40.08 -16.96
N ILE A 415 13.45 39.27 -17.98
CA ILE A 415 14.24 39.21 -19.24
C ILE A 415 13.29 39.48 -20.41
N PRO A 416 13.51 40.52 -21.23
CA PRO A 416 12.61 40.85 -22.33
C PRO A 416 12.32 39.63 -23.23
N GLY A 417 11.04 39.37 -23.52
CA GLY A 417 10.58 38.35 -24.48
C GLY A 417 10.48 36.95 -23.88
N TYR A 418 10.83 36.77 -22.61
CA TYR A 418 10.87 35.43 -21.95
C TYR A 418 9.46 34.97 -21.60
N THR A 419 9.15 33.72 -21.95
CA THR A 419 7.97 32.96 -21.51
C THR A 419 8.33 32.26 -20.19
N PRO A 420 7.35 31.74 -19.43
CA PRO A 420 7.64 30.91 -18.25
C PRO A 420 8.68 29.80 -18.52
N ARG A 421 8.58 29.12 -19.67
CA ARG A 421 9.50 28.03 -20.07
C ARG A 421 10.93 28.58 -20.17
N ASP A 422 11.10 29.73 -20.83
CA ASP A 422 12.41 30.39 -21.04
C ASP A 422 13.06 30.66 -19.68
N TYR A 423 12.29 31.18 -18.72
CA TYR A 423 12.76 31.46 -17.34
C TYR A 423 13.24 30.16 -16.68
N LEU A 424 12.41 29.11 -16.75
CA LEU A 424 12.66 27.82 -16.07
C LEU A 424 13.95 27.18 -16.59
N THR A 425 14.12 27.10 -17.92
CA THR A 425 15.31 26.47 -18.56
C THR A 425 16.55 27.34 -18.27
N HIS A 426 16.38 28.66 -18.25
CA HIS A 426 17.44 29.65 -17.92
C HIS A 426 17.90 29.45 -16.46
N TRP A 427 16.95 29.38 -15.54
CA TRP A 427 17.20 29.26 -14.08
C TRP A 427 17.91 27.94 -13.76
N LEU A 428 17.46 26.84 -14.34
CA LEU A 428 18.05 25.49 -14.12
C LEU A 428 19.45 25.44 -14.75
N SER A 429 19.61 25.98 -15.96
CA SER A 429 20.88 26.01 -16.74
C SER A 429 21.94 26.82 -15.99
N GLN A 430 21.51 27.85 -15.25
CA GLN A 430 22.42 28.75 -14.47
C GLN A 430 23.29 27.91 -13.53
N TRP A 431 22.68 26.92 -12.84
CA TRP A 431 23.38 26.04 -11.86
C TRP A 431 24.44 25.20 -12.59
N VAL A 432 24.12 24.70 -13.79
CA VAL A 432 25.04 23.89 -14.63
C VAL A 432 26.24 24.77 -15.02
N ARG A 433 25.97 25.99 -15.49
CA ARG A 433 27.00 26.97 -15.95
C ARG A 433 27.93 27.37 -14.79
N ASP A 434 27.39 27.50 -13.57
CA ASP A 434 28.10 28.12 -12.42
C ASP A 434 28.83 27.06 -11.59
N TYR A 435 28.38 25.80 -11.57
CA TYR A 435 28.92 24.75 -10.67
C TYR A 435 29.39 23.50 -11.43
N GLY A 436 29.08 23.37 -12.72
CA GLY A 436 29.48 22.21 -13.54
C GLY A 436 28.71 20.96 -13.17
N ILE A 437 27.40 21.09 -12.92
CA ILE A 437 26.46 19.95 -12.70
C ILE A 437 26.48 19.09 -13.98
N ASP A 438 26.68 17.77 -13.83
CA ASP A 438 26.95 16.84 -14.95
C ASP A 438 25.66 16.43 -15.66
N GLY A 439 24.52 16.52 -14.98
CA GLY A 439 23.23 16.11 -15.57
C GLY A 439 22.04 16.41 -14.68
N PHE A 440 20.84 16.13 -15.18
CA PHE A 440 19.57 16.23 -14.43
C PHE A 440 18.87 14.86 -14.44
N ARG A 441 18.21 14.54 -13.32
CA ARG A 441 17.08 13.59 -13.27
C ARG A 441 15.80 14.44 -13.28
N VAL A 442 14.97 14.27 -14.30
CA VAL A 442 13.77 15.13 -14.56
C VAL A 442 12.53 14.45 -13.95
N ASP A 443 11.91 15.13 -12.98
CA ASP A 443 10.62 14.71 -12.37
C ASP A 443 9.47 14.92 -13.37
N THR A 444 8.38 14.19 -13.20
CA THR A 444 7.06 14.43 -13.86
C THR A 444 7.27 14.63 -15.38
N ALA A 445 8.10 13.77 -16.01
CA ALA A 445 8.51 13.88 -17.42
C ALA A 445 7.27 13.84 -18.34
N LYS A 446 6.25 13.06 -18.01
CA LYS A 446 5.06 12.85 -18.89
C LYS A 446 4.02 13.94 -18.67
N HIS A 447 4.31 14.97 -17.87
CA HIS A 447 3.35 16.08 -17.54
C HIS A 447 3.83 17.41 -18.13
N VAL A 448 4.92 17.39 -18.90
CA VAL A 448 5.47 18.58 -19.61
C VAL A 448 5.75 18.17 -21.06
N GLU A 449 5.37 19.02 -22.03
CA GLU A 449 5.51 18.73 -23.49
C GLU A 449 6.99 18.47 -23.82
N MET A 450 7.23 17.62 -24.82
CA MET A 450 8.58 17.16 -25.23
C MET A 450 9.47 18.36 -25.59
N ASP A 451 8.94 19.38 -26.27
CA ASP A 451 9.69 20.57 -26.75
C ASP A 451 10.34 21.30 -25.56
N ALA A 452 9.69 21.32 -24.40
CA ALA A 452 10.21 21.99 -23.18
C ALA A 452 11.45 21.25 -22.65
N TRP A 453 11.44 19.92 -22.68
CA TRP A 453 12.58 19.07 -22.22
C TRP A 453 13.76 19.23 -23.18
N GLN A 454 13.50 19.30 -24.49
CA GLN A 454 14.56 19.52 -25.51
C GLN A 454 15.24 20.87 -25.23
N GLN A 455 14.46 21.93 -25.01
CA GLN A 455 14.99 23.29 -24.71
C GLN A 455 15.91 23.22 -23.48
N LEU A 456 15.45 22.58 -22.41
CA LEU A 456 16.23 22.41 -21.15
C LEU A 456 17.56 21.71 -21.47
N LYS A 457 17.52 20.60 -22.19
CA LYS A 457 18.71 19.78 -22.55
C LYS A 457 19.70 20.63 -23.37
N THR A 458 19.22 21.29 -24.43
CA THR A 458 20.04 22.16 -25.31
C THR A 458 20.75 23.23 -24.47
N GLN A 459 20.01 23.91 -23.59
CA GLN A 459 20.55 25.02 -22.76
C GLN A 459 21.51 24.45 -21.71
N ALA A 460 21.14 23.36 -21.03
CA ALA A 460 21.98 22.66 -20.04
C ALA A 460 23.28 22.18 -20.70
N THR A 461 23.19 21.64 -21.92
CA THR A 461 24.36 21.16 -22.70
C THR A 461 25.35 22.31 -22.92
N ALA A 462 24.87 23.44 -23.43
CA ALA A 462 25.67 24.67 -23.66
C ALA A 462 26.28 25.15 -22.34
N ALA A 463 25.51 25.15 -21.25
CA ALA A 463 25.93 25.60 -19.91
C ALA A 463 27.13 24.78 -19.42
N LEU A 464 27.07 23.44 -19.52
CA LEU A 464 28.14 22.55 -19.00
C LEU A 464 29.42 22.73 -19.82
N ALA A 465 29.29 22.76 -21.15
CA ALA A 465 30.41 23.00 -22.10
C ALA A 465 31.14 24.29 -21.70
N GLU A 466 30.38 25.33 -21.36
CA GLU A 466 30.89 26.67 -20.95
C GLU A 466 31.64 26.54 -19.63
N TRP A 467 31.08 25.83 -18.64
CA TRP A 467 31.72 25.63 -17.31
C TRP A 467 33.04 24.86 -17.48
N LYS A 468 33.02 23.77 -18.26
CA LYS A 468 34.19 22.88 -18.47
C LYS A 468 35.32 23.65 -19.18
N LYS A 469 34.97 24.50 -20.16
CA LYS A 469 35.92 25.40 -20.87
C LYS A 469 36.58 26.34 -19.86
N ALA A 470 35.77 26.99 -19.01
CA ALA A 470 36.20 27.99 -18.01
C ALA A 470 36.92 27.33 -16.82
N ASN A 471 36.73 26.02 -16.62
CA ASN A 471 37.32 25.27 -15.47
C ASN A 471 38.02 24.01 -15.98
N PRO A 472 39.09 24.15 -16.80
CA PRO A 472 39.76 22.98 -17.38
C PRO A 472 40.48 22.13 -16.32
N ASP A 473 40.85 22.73 -15.19
CA ASP A 473 41.52 22.07 -14.04
C ASP A 473 40.54 21.14 -13.32
N LYS A 474 39.23 21.44 -13.36
CA LYS A 474 38.17 20.75 -12.57
C LYS A 474 37.41 19.74 -13.44
N ALA A 475 37.29 20.00 -14.76
CA ALA A 475 36.58 19.13 -15.73
C ALA A 475 37.28 17.76 -15.77
N LEU A 476 36.54 16.69 -15.51
CA LEU A 476 37.05 15.29 -15.52
C LEU A 476 37.23 14.81 -16.96
N ASP A 477 36.38 15.28 -17.87
CA ASP A 477 36.39 14.93 -19.32
C ASP A 477 35.60 16.01 -20.07
N ALA A 478 35.44 15.86 -21.39
CA ALA A 478 34.67 16.77 -22.27
C ALA A 478 33.31 16.15 -22.61
N ALA A 479 32.81 15.23 -21.76
CA ALA A 479 31.52 14.52 -21.97
C ALA A 479 30.38 15.54 -21.97
N PRO A 480 29.34 15.35 -22.81
CA PRO A 480 28.22 16.28 -22.84
C PRO A 480 27.36 16.15 -21.58
N PHE A 481 26.49 17.14 -21.33
CA PHE A 481 25.45 17.10 -20.27
C PHE A 481 24.61 15.82 -20.46
N TRP A 482 24.25 15.16 -19.36
CA TRP A 482 23.46 13.89 -19.35
C TRP A 482 22.09 14.17 -18.74
N MET A 483 21.01 13.60 -19.29
CA MET A 483 19.65 13.82 -18.74
C MET A 483 18.87 12.50 -18.72
N THR A 484 18.34 12.16 -17.53
CA THR A 484 17.38 11.06 -17.31
C THR A 484 16.07 11.67 -16.82
N GLY A 485 14.96 10.93 -16.94
CA GLY A 485 13.63 11.40 -16.54
C GLY A 485 12.80 10.30 -15.92
N GLU A 486 11.85 10.67 -15.07
CA GLU A 486 10.79 9.76 -14.57
C GLU A 486 9.52 10.02 -15.38
N ALA A 487 9.24 9.16 -16.36
CA ALA A 487 7.93 9.02 -17.03
C ALA A 487 7.24 7.81 -16.40
N TRP A 488 6.18 8.03 -15.63
CA TRP A 488 5.53 6.99 -14.78
C TRP A 488 5.29 5.72 -15.61
N GLY A 489 5.82 4.58 -15.14
CA GLY A 489 5.58 3.24 -15.71
C GLY A 489 6.47 2.95 -16.91
N HIS A 490 7.45 3.81 -17.22
CA HIS A 490 8.40 3.60 -18.36
C HIS A 490 9.15 2.28 -18.16
N GLY A 491 9.30 1.50 -19.22
CA GLY A 491 10.03 0.22 -19.23
C GLY A 491 11.31 0.31 -20.04
N VAL A 492 11.82 -0.84 -20.50
CA VAL A 492 13.06 -0.95 -21.32
C VAL A 492 12.65 -0.78 -22.79
N MET A 493 12.43 0.47 -23.21
CA MET A 493 12.05 0.85 -24.60
C MET A 493 12.71 2.19 -24.95
N GLN A 494 13.20 2.34 -26.19
CA GLN A 494 13.80 3.60 -26.68
C GLN A 494 12.64 4.49 -27.18
N SER A 495 11.89 5.06 -26.24
CA SER A 495 10.69 5.90 -26.47
C SER A 495 11.08 7.24 -27.11
N ASP A 496 10.08 8.05 -27.45
CA ASP A 496 10.27 9.38 -28.11
C ASP A 496 10.98 10.34 -27.15
N TYR A 497 10.97 10.07 -25.83
CA TYR A 497 11.77 10.85 -24.83
C TYR A 497 13.23 10.90 -25.27
N TYR A 498 13.75 9.80 -25.83
CA TYR A 498 15.18 9.65 -26.23
C TYR A 498 15.51 10.55 -27.42
N ARG A 499 14.50 11.09 -28.13
CA ARG A 499 14.69 12.02 -29.27
C ARG A 499 14.17 13.42 -28.90
N HIS A 500 14.05 13.73 -27.61
CA HIS A 500 13.66 15.06 -27.09
C HIS A 500 14.51 15.43 -25.87
N GLY A 501 15.76 14.93 -25.81
CA GLY A 501 16.81 15.41 -24.89
C GLY A 501 17.23 14.39 -23.83
N PHE A 502 16.57 13.22 -23.75
CA PHE A 502 16.83 12.22 -22.68
C PHE A 502 17.82 11.16 -23.19
N ASP A 503 18.87 10.92 -22.40
CA ASP A 503 19.95 9.94 -22.71
C ASP A 503 19.57 8.56 -22.15
N ALA A 504 18.62 8.54 -21.21
CA ALA A 504 18.13 7.33 -20.51
C ALA A 504 16.85 7.69 -19.75
N MET A 505 15.87 6.81 -19.76
CA MET A 505 14.64 6.97 -18.95
C MET A 505 14.70 5.98 -17.78
N ILE A 506 14.13 6.36 -16.64
CA ILE A 506 14.07 5.51 -15.42
C ILE A 506 13.15 4.33 -15.74
N ASN A 507 13.65 3.11 -15.51
CA ASN A 507 12.98 1.83 -15.84
C ASN A 507 12.21 1.33 -14.61
N PHE A 508 10.89 1.39 -14.66
CA PHE A 508 9.97 0.99 -13.54
C PHE A 508 9.86 -0.53 -13.42
N ASP A 509 10.23 -1.28 -14.47
CA ASP A 509 9.87 -2.71 -14.61
C ASP A 509 10.89 -3.61 -13.89
N TYR A 510 12.09 -3.11 -13.58
CA TYR A 510 13.17 -3.97 -12.99
C TYR A 510 12.78 -4.40 -11.57
N GLN A 511 12.13 -3.51 -10.81
CA GLN A 511 11.74 -3.74 -9.40
C GLN A 511 11.05 -5.11 -9.25
N ASP A 512 9.98 -5.35 -10.02
CA ASP A 512 9.16 -6.59 -9.93
C ASP A 512 9.96 -7.81 -10.40
N GLN A 513 10.82 -7.66 -11.40
CA GLN A 513 11.65 -8.77 -11.94
C GLN A 513 12.67 -9.20 -10.88
N ALA A 514 13.29 -8.23 -10.19
CA ALA A 514 14.23 -8.47 -9.06
C ALA A 514 13.48 -9.15 -7.91
N ALA A 515 12.22 -8.75 -7.65
CA ALA A 515 11.34 -9.32 -6.60
C ALA A 515 11.14 -10.82 -6.84
N LYS A 516 10.98 -11.22 -8.11
CA LYS A 516 10.76 -12.63 -8.53
C LYS A 516 12.05 -13.45 -8.37
N ALA A 517 13.20 -12.80 -8.18
CA ALA A 517 14.52 -13.45 -8.00
C ALA A 517 15.03 -13.29 -6.57
N ALA A 518 14.20 -12.76 -5.66
CA ALA A 518 14.57 -12.39 -4.27
C ALA A 518 15.09 -13.62 -3.50
N THR A 519 14.49 -14.79 -3.72
CA THR A 519 14.81 -16.06 -2.99
C THR A 519 15.64 -17.01 -3.86
N CYS A 520 15.87 -16.67 -5.14
CA CYS A 520 16.68 -17.48 -6.09
C CYS A 520 17.23 -16.57 -7.20
N MET A 521 18.48 -16.11 -7.06
CA MET A 521 19.12 -15.12 -7.95
C MET A 521 19.06 -15.59 -9.41
N ALA A 522 19.19 -16.89 -9.66
CA ALA A 522 19.17 -17.50 -11.03
C ALA A 522 17.90 -17.11 -11.78
N ASN A 523 16.80 -16.85 -11.08
CA ASN A 523 15.47 -16.50 -11.68
C ASN A 523 15.57 -15.20 -12.50
N ILE A 524 16.58 -14.37 -12.26
CA ILE A 524 16.75 -13.05 -12.95
C ILE A 524 17.30 -13.24 -14.37
N ASP A 525 17.75 -14.45 -14.73
CA ASP A 525 18.56 -14.70 -15.96
C ASP A 525 17.87 -14.12 -17.19
N LEU A 526 16.59 -14.47 -17.43
CA LEU A 526 15.83 -14.06 -18.64
C LEU A 526 15.79 -12.53 -18.74
N THR A 527 15.52 -11.85 -17.62
CA THR A 527 15.46 -10.37 -17.53
C THR A 527 16.83 -9.79 -17.93
N TRP A 528 17.92 -10.34 -17.40
CA TRP A 528 19.31 -9.89 -17.70
C TRP A 528 19.64 -10.14 -19.18
N GLN A 529 19.27 -11.30 -19.73
CA GLN A 529 19.50 -11.64 -21.16
CA GLN A 529 19.49 -11.64 -21.16
C GLN A 529 18.76 -10.62 -22.04
N GLN A 530 17.48 -10.39 -21.77
CA GLN A 530 16.61 -9.44 -22.52
C GLN A 530 17.20 -8.02 -22.46
N MET A 531 17.61 -7.58 -21.27
CA MET A 531 18.12 -6.20 -21.04
C MET A 531 19.48 -6.04 -21.72
N ALA A 532 20.39 -7.00 -21.57
CA ALA A 532 21.72 -7.00 -22.23
C ALA A 532 21.53 -6.82 -23.74
N ASP A 533 20.62 -7.60 -24.34
CA ASP A 533 20.30 -7.59 -25.80
C ASP A 533 19.73 -6.22 -26.20
N LYS A 534 18.64 -5.80 -25.56
CA LYS A 534 17.90 -4.54 -25.90
C LYS A 534 18.81 -3.32 -25.74
N LEU A 535 19.63 -3.27 -24.68
CA LEU A 535 20.39 -2.05 -24.30
C LEU A 535 21.75 -2.00 -25.01
N GLN A 536 21.97 -2.82 -26.05
CA GLN A 536 23.08 -2.62 -27.01
C GLN A 536 22.86 -1.30 -27.77
N SER A 537 21.60 -0.87 -27.94
CA SER A 537 21.19 0.28 -28.79
C SER A 537 20.86 1.53 -27.96
N PHE A 538 20.59 1.40 -26.65
CA PHE A 538 20.20 2.53 -25.78
C PHE A 538 20.42 2.17 -24.30
N ASN A 539 20.21 3.15 -23.41
CA ASN A 539 20.46 3.04 -21.95
C ASN A 539 19.16 3.31 -21.19
N VAL A 540 19.00 2.68 -20.03
CA VAL A 540 17.92 2.97 -19.03
C VAL A 540 18.58 3.07 -17.65
N LEU A 541 17.84 3.60 -16.67
CA LEU A 541 18.25 3.67 -15.25
C LEU A 541 17.29 2.79 -14.43
N SER A 542 17.76 1.63 -13.99
CA SER A 542 16.98 0.60 -13.25
C SER A 542 17.23 0.73 -11.75
N TYR A 543 16.27 0.36 -10.92
CA TYR A 543 16.33 0.47 -9.43
C TYR A 543 15.58 -0.69 -8.78
N LEU A 544 15.94 -0.97 -7.52
CA LEU A 544 15.19 -1.89 -6.61
C LEU A 544 14.22 -1.07 -5.75
N SER A 545 14.65 0.13 -5.33
CA SER A 545 13.97 0.98 -4.32
C SER A 545 13.85 2.42 -4.84
N SER A 546 12.76 3.11 -4.49
CA SER A 546 12.59 4.55 -4.80
C SER A 546 11.61 5.21 -3.82
N HIS A 547 11.60 6.54 -3.83
CA HIS A 547 10.78 7.44 -2.99
C HIS A 547 9.29 7.33 -3.35
N ASP A 548 8.94 6.80 -4.52
CA ASP A 548 7.52 6.77 -5.00
C ASP A 548 7.08 5.34 -5.35
N THR A 549 7.81 4.31 -4.88
CA THR A 549 7.40 2.89 -4.99
C THR A 549 7.48 2.24 -3.60
N ARG A 550 8.62 1.63 -3.27
CA ARG A 550 8.82 0.92 -1.99
C ARG A 550 10.33 0.71 -1.80
N LEU A 551 10.73 0.24 -0.61
CA LEU A 551 12.11 -0.20 -0.30
C LEU A 551 12.20 -1.72 -0.50
N PHE A 552 13.13 -2.16 -1.33
CA PHE A 552 13.39 -3.59 -1.67
C PHE A 552 14.17 -4.22 -0.51
N ARG A 553 13.50 -4.97 0.36
CA ARG A 553 14.09 -5.56 1.58
C ARG A 553 13.81 -7.07 1.65
N GLU A 554 13.28 -7.66 0.57
CA GLU A 554 12.92 -9.12 0.51
C GLU A 554 14.10 -9.93 -0.05
N GLY A 555 15.18 -9.28 -0.48
CA GLY A 555 16.32 -9.94 -1.13
C GLY A 555 17.25 -10.63 -0.14
N GLY A 556 16.95 -10.56 1.16
CA GLY A 556 17.85 -11.05 2.22
C GLY A 556 19.16 -10.29 2.19
N ALA A 557 20.25 -10.94 1.76
CA ALA A 557 21.60 -10.34 1.61
C ALA A 557 21.99 -10.27 0.12
N THR A 558 21.05 -10.48 -0.81
CA THR A 558 21.32 -10.63 -2.27
C THR A 558 20.92 -9.39 -3.07
N ALA A 559 20.46 -8.32 -2.41
CA ALA A 559 19.97 -7.08 -3.07
C ALA A 559 21.11 -6.44 -3.90
N ALA A 560 22.35 -6.47 -3.41
CA ALA A 560 23.53 -5.87 -4.05
C ALA A 560 23.70 -6.44 -5.47
N GLU A 561 23.82 -7.77 -5.58
CA GLU A 561 24.09 -8.45 -6.87
C GLU A 561 22.85 -8.31 -7.79
N LEU A 562 21.64 -8.32 -7.22
CA LEU A 562 20.38 -8.22 -8.00
C LEU A 562 20.34 -6.87 -8.74
N LEU A 563 20.82 -5.79 -8.12
CA LEU A 563 20.86 -4.44 -8.74
C LEU A 563 22.12 -4.29 -9.61
N LEU A 564 23.31 -4.45 -9.00
CA LEU A 564 24.60 -3.95 -9.56
C LEU A 564 25.07 -4.82 -10.73
N LEU A 565 24.55 -6.04 -10.90
CA LEU A 565 24.91 -6.92 -12.05
C LEU A 565 23.87 -6.77 -13.18
N ALA A 566 22.91 -5.85 -13.05
CA ALA A 566 21.90 -5.55 -14.09
C ALA A 566 22.58 -4.84 -15.26
N PRO A 567 22.23 -5.18 -16.52
CA PRO A 567 22.60 -4.34 -17.67
C PRO A 567 22.02 -2.92 -17.54
N GLY A 568 22.69 -1.95 -18.17
CA GLY A 568 22.30 -0.52 -18.18
C GLY A 568 22.72 0.17 -16.89
N ALA A 569 22.49 1.48 -16.79
CA ALA A 569 22.73 2.27 -15.57
C ALA A 569 21.84 1.74 -14.45
N VAL A 570 22.33 1.73 -13.22
CA VAL A 570 21.57 1.25 -12.03
C VAL A 570 21.56 2.38 -10.99
N GLN A 571 20.50 2.43 -10.18
CA GLN A 571 20.26 3.47 -9.16
C GLN A 571 20.14 2.80 -7.79
N ILE A 572 21.14 3.03 -6.93
CA ILE A 572 21.08 2.69 -5.48
C ILE A 572 20.27 3.80 -4.81
N PHE A 573 19.15 3.44 -4.16
CA PHE A 573 18.41 4.36 -3.26
C PHE A 573 19.14 4.35 -1.92
N TYR A 574 19.44 5.52 -1.35
CA TYR A 574 20.23 5.66 -0.11
C TYR A 574 19.69 4.65 0.92
N GLY A 575 20.58 3.84 1.49
CA GLY A 575 20.25 2.88 2.56
C GLY A 575 19.92 1.49 2.03
N ASP A 576 19.84 1.29 0.72
CA ASP A 576 19.76 -0.07 0.10
C ASP A 576 20.93 -0.91 0.64
N GLU A 577 22.11 -0.30 0.75
CA GLU A 577 23.39 -0.99 1.13
C GLU A 577 23.37 -1.40 2.61
N SER A 578 22.49 -0.79 3.43
CA SER A 578 22.42 -0.98 4.90
C SER A 578 21.03 -1.48 5.33
N SER A 579 20.18 -1.86 4.37
CA SER A 579 18.77 -2.30 4.59
C SER A 579 18.03 -1.28 5.46
N ARG A 580 18.14 0.01 5.14
CA ARG A 580 17.43 1.10 5.85
C ARG A 580 15.95 0.73 5.94
N PRO A 581 15.38 0.58 7.16
CA PRO A 581 13.99 0.17 7.31
C PRO A 581 12.98 1.21 6.82
N PHE A 582 11.86 0.76 6.25
CA PHE A 582 10.65 1.58 5.99
C PHE A 582 10.28 2.27 7.31
N GLY A 583 10.16 3.61 7.30
CA GLY A 583 9.95 4.42 8.50
C GLY A 583 8.47 4.67 8.77
N PRO A 584 8.14 5.51 9.77
CA PRO A 584 6.75 5.95 9.99
C PRO A 584 6.20 6.55 8.68
N THR A 585 4.96 6.24 8.33
CA THR A 585 4.36 6.61 7.01
C THR A 585 3.01 7.30 7.16
N GLY A 586 2.30 7.13 8.29
CA GLY A 586 0.98 7.73 8.49
C GLY A 586 -0.01 7.32 7.40
N SER A 587 -0.81 8.25 6.90
CA SER A 587 -1.88 8.01 5.89
C SER A 587 -1.36 8.23 4.45
N ASP A 588 -0.05 8.43 4.27
CA ASP A 588 0.61 8.49 2.94
C ASP A 588 1.55 7.30 2.83
N PRO A 589 1.19 6.25 2.05
CA PRO A 589 1.95 4.99 2.03
C PRO A 589 3.36 5.09 1.43
N LEU A 590 3.72 6.23 0.84
CA LEU A 590 5.07 6.47 0.24
C LEU A 590 6.04 7.04 1.28
N GLN A 591 5.54 7.69 2.33
CA GLN A 591 6.38 8.52 3.24
C GLN A 591 7.48 7.67 3.89
N GLY A 592 7.18 6.41 4.22
CA GLY A 592 8.12 5.49 4.89
C GLY A 592 9.38 5.22 4.08
N THR A 593 9.33 5.40 2.76
CA THR A 593 10.49 5.20 1.82
C THR A 593 11.53 6.29 2.03
N ARG A 594 11.17 7.41 2.68
CA ARG A 594 12.06 8.59 2.88
C ARG A 594 12.60 8.59 4.32
N SER A 595 12.60 7.44 5.00
CA SER A 595 13.10 7.28 6.39
C SER A 595 14.56 7.74 6.49
N GLU A 596 14.97 8.15 7.69
CA GLU A 596 16.34 8.61 8.01
C GLU A 596 17.35 7.49 7.66
N MET A 597 18.50 7.86 7.09
CA MET A 597 19.63 6.94 6.84
C MET A 597 20.06 6.31 8.18
N ASN A 598 20.33 5.00 8.18
CA ASN A 598 20.56 4.22 9.43
C ASN A 598 22.07 4.06 9.66
N TRP A 599 22.74 5.16 10.03
CA TRP A 599 24.22 5.21 10.22
C TRP A 599 24.65 4.31 11.38
N GLN A 600 23.82 4.19 12.43
CA GLN A 600 24.11 3.31 13.59
C GLN A 600 24.24 1.85 13.08
N ASP A 601 23.38 1.45 12.14
CA ASP A 601 23.37 0.10 11.52
C ASP A 601 24.59 -0.06 10.61
N VAL A 602 24.91 0.98 9.81
CA VAL A 602 26.06 1.00 8.86
C VAL A 602 27.35 0.61 9.62
N ASN A 603 27.53 1.10 10.84
CA ASN A 603 28.77 0.93 11.64
C ASN A 603 28.64 -0.31 12.55
N GLY A 604 27.48 -0.96 12.56
CA GLY A 604 27.17 -2.11 13.43
C GLY A 604 26.62 -3.30 12.66
N LYS A 605 25.32 -3.57 12.76
CA LYS A 605 24.68 -4.84 12.30
C LYS A 605 24.69 -4.92 10.75
N ALA A 606 24.82 -3.78 10.06
CA ALA A 606 24.80 -3.72 8.57
C ALA A 606 26.21 -3.53 8.00
N ALA A 607 27.25 -3.62 8.83
CA ALA A 607 28.66 -3.39 8.44
C ALA A 607 29.08 -4.35 7.31
N ARG A 608 28.76 -5.64 7.44
CA ARG A 608 29.18 -6.66 6.43
C ARG A 608 28.33 -6.51 5.16
N SER A 609 27.10 -5.98 5.28
CA SER A 609 26.22 -5.66 4.13
C SER A 609 26.85 -4.55 3.30
N VAL A 610 27.36 -3.50 3.95
CA VAL A 610 28.04 -2.35 3.28
C VAL A 610 29.27 -2.89 2.54
N THR A 611 30.08 -3.72 3.18
CA THR A 611 31.28 -4.38 2.57
C THR A 611 30.84 -5.16 1.33
N HIS A 612 29.77 -5.96 1.43
CA HIS A 612 29.22 -6.79 0.33
C HIS A 612 28.88 -5.88 -0.86
N TRP A 613 28.15 -4.78 -0.61
CA TRP A 613 27.77 -3.76 -1.63
C TRP A 613 29.03 -3.12 -2.23
N GLN A 614 30.04 -2.82 -1.41
CA GLN A 614 31.32 -2.22 -1.87
C GLN A 614 32.00 -3.15 -2.89
N LYS A 615 32.09 -4.45 -2.58
CA LYS A 615 32.81 -5.44 -3.42
C LYS A 615 32.11 -5.58 -4.78
N ILE A 616 30.78 -5.73 -4.80
CA ILE A 616 30.02 -5.91 -6.06
C ILE A 616 30.01 -4.58 -6.84
N GLY A 617 29.85 -3.45 -6.15
CA GLY A 617 29.92 -2.11 -6.75
C GLY A 617 31.27 -1.84 -7.39
N GLN A 618 32.37 -2.21 -6.70
CA GLN A 618 33.76 -2.02 -7.19
C GLN A 618 33.99 -2.94 -8.41
N PHE A 619 33.42 -4.15 -8.41
CA PHE A 619 33.53 -5.11 -9.54
C PHE A 619 32.86 -4.51 -10.78
N ARG A 620 31.64 -3.98 -10.63
CA ARG A 620 30.89 -3.29 -11.70
C ARG A 620 31.77 -2.17 -12.30
N ALA A 621 32.35 -1.33 -11.44
CA ALA A 621 33.15 -0.14 -11.83
C ALA A 621 34.40 -0.56 -12.62
N ARG A 622 34.90 -1.78 -12.40
CA ARG A 622 36.10 -2.31 -13.09
C ARG A 622 35.74 -2.86 -14.47
N HIS A 623 34.46 -3.13 -14.75
CA HIS A 623 34.01 -3.94 -15.92
C HIS A 623 32.78 -3.32 -16.59
N PRO A 624 32.95 -2.53 -17.68
CA PRO A 624 31.81 -2.04 -18.46
C PRO A 624 31.01 -3.18 -19.12
N ALA A 625 31.61 -4.37 -19.25
CA ALA A 625 30.93 -5.60 -19.71
C ALA A 625 29.64 -5.83 -18.91
N ILE A 626 29.63 -5.49 -17.61
CA ILE A 626 28.45 -5.64 -16.72
C ILE A 626 27.29 -4.79 -17.27
N GLY A 627 27.48 -3.48 -17.36
CA GLY A 627 26.44 -2.52 -17.77
C GLY A 627 26.13 -2.55 -19.26
N MET A 628 27.11 -2.93 -20.09
CA MET A 628 27.09 -2.69 -21.57
C MET A 628 27.27 -3.98 -22.38
N GLY A 629 27.75 -5.07 -21.77
CA GLY A 629 28.22 -6.26 -22.50
C GLY A 629 27.08 -7.14 -22.98
N LYS A 630 27.28 -7.81 -24.13
CA LYS A 630 26.41 -8.93 -24.58
C LYS A 630 26.54 -10.06 -23.58
N GLN A 631 25.42 -10.68 -23.18
CA GLN A 631 25.41 -11.79 -22.20
C GLN A 631 25.34 -13.13 -22.94
N THR A 632 26.15 -14.09 -22.52
CA THR A 632 26.01 -15.54 -22.82
C THR A 632 25.81 -16.27 -21.48
N THR A 633 24.61 -16.80 -21.25
CA THR A 633 24.29 -17.62 -20.06
C THR A 633 24.94 -18.99 -20.25
N LEU A 634 25.73 -19.43 -19.27
CA LEU A 634 26.48 -20.71 -19.31
C LEU A 634 25.52 -21.86 -19.01
N SER A 635 25.81 -23.06 -19.54
CA SER A 635 25.13 -24.33 -19.19
C SER A 635 26.10 -25.18 -18.35
N MET A 636 25.77 -25.36 -17.06
CA MET A 636 26.62 -26.09 -16.07
C MET A 636 25.73 -27.04 -15.27
N SER A 637 26.29 -28.19 -14.86
CA SER A 637 25.59 -29.23 -14.06
C SER A 637 25.32 -28.71 -12.65
N ARG A 638 26.20 -27.84 -12.14
CA ARG A 638 26.10 -27.23 -10.78
C ARG A 638 26.05 -25.71 -10.90
N GLY A 639 25.05 -25.09 -10.26
CA GLY A 639 24.96 -23.63 -10.07
C GLY A 639 24.48 -22.91 -11.32
N TYR A 640 24.68 -21.59 -11.35
CA TYR A 640 24.25 -20.66 -12.42
C TYR A 640 25.43 -19.75 -12.79
N GLY A 641 25.53 -19.36 -14.06
CA GLY A 641 26.65 -18.52 -14.53
C GLY A 641 26.35 -17.85 -15.87
N PHE A 642 27.00 -16.71 -16.11
CA PHE A 642 26.96 -15.98 -17.40
C PHE A 642 28.32 -15.33 -17.66
N VAL A 643 28.59 -15.09 -18.95
CA VAL A 643 29.71 -14.24 -19.44
C VAL A 643 29.08 -12.97 -20.02
N ARG A 644 29.70 -11.81 -19.79
CA ARG A 644 29.39 -10.56 -20.52
C ARG A 644 30.69 -10.04 -21.14
N GLU A 645 30.57 -9.43 -22.32
CA GLU A 645 31.69 -8.96 -23.15
C GLU A 645 31.33 -7.59 -23.75
N SER A 646 32.15 -6.57 -23.46
CA SER A 646 32.08 -5.21 -24.06
C SER A 646 33.50 -4.81 -24.49
N GLY A 647 33.73 -4.63 -25.79
CA GLY A 647 35.07 -4.40 -26.35
C GLY A 647 36.05 -5.43 -25.84
N GLU A 648 37.14 -5.00 -25.19
CA GLU A 648 38.23 -5.88 -24.69
C GLU A 648 37.86 -6.46 -23.33
N ASP A 649 36.86 -5.87 -22.64
CA ASP A 649 36.43 -6.29 -21.28
C ASP A 649 35.56 -7.54 -21.37
N LYS A 650 35.88 -8.54 -20.56
CA LYS A 650 35.17 -9.84 -20.48
C LYS A 650 35.17 -10.35 -19.03
N VAL A 651 34.00 -10.65 -18.49
CA VAL A 651 33.83 -11.15 -17.09
C VAL A 651 32.99 -12.43 -17.13
N MET A 652 33.14 -13.27 -16.11
CA MET A 652 32.25 -14.42 -15.84
C MET A 652 31.74 -14.31 -14.40
N VAL A 653 30.41 -14.24 -14.23
CA VAL A 653 29.75 -14.30 -12.90
C VAL A 653 29.21 -15.72 -12.72
N ILE A 654 29.65 -16.40 -11.66
CA ILE A 654 29.13 -17.75 -11.25
C ILE A 654 28.38 -17.56 -9.93
N TRP A 655 27.16 -18.09 -9.84
CA TRP A 655 26.41 -18.25 -8.57
C TRP A 655 26.32 -19.74 -8.26
N ALA A 656 26.99 -20.17 -7.17
CA ALA A 656 27.05 -21.58 -6.72
C ALA A 656 25.64 -22.13 -6.51
N GLY A 657 24.72 -21.29 -6.00
CA GLY A 657 23.32 -21.66 -5.70
C GLY A 657 23.02 -21.56 -4.22
N GLN A 658 21.85 -22.05 -3.80
CA GLN A 658 21.34 -21.98 -2.40
C GLN A 658 22.11 -22.97 -1.52
N GLN A 659 22.57 -22.50 -0.36
CA GLN A 659 23.38 -23.29 0.61
C GLN A 659 22.46 -24.12 1.52
N GLN A 660 21.18 -23.73 1.64
CA GLN A 660 20.16 -24.43 2.46
C GLN A 660 19.13 -25.09 1.53
N ALA B 1 -19.30 -38.78 19.38
CA ALA B 1 -19.13 -40.20 18.96
C ALA B 1 -17.86 -40.35 18.12
N TRP B 2 -17.64 -39.44 17.15
CA TRP B 2 -16.42 -39.37 16.31
C TRP B 2 -15.19 -39.24 17.21
N THR B 3 -14.15 -40.05 16.97
CA THR B 3 -12.91 -40.10 17.80
C THR B 3 -11.72 -40.65 16.98
N THR B 4 -10.51 -40.38 17.46
CA THR B 4 -9.23 -41.02 17.03
C THR B 4 -8.32 -41.13 18.25
N THR B 5 -7.07 -41.58 18.07
CA THR B 5 -6.07 -41.82 19.15
C THR B 5 -5.45 -40.49 19.59
N ASP B 6 -5.24 -40.31 20.90
CA ASP B 6 -4.53 -39.17 21.55
C ASP B 6 -5.43 -37.93 21.58
N PHE B 7 -6.12 -37.62 20.48
CA PHE B 7 -7.10 -36.50 20.36
C PHE B 7 -8.32 -36.83 21.23
N PRO B 8 -8.89 -35.85 21.97
CA PRO B 8 -10.10 -36.09 22.75
C PRO B 8 -11.34 -36.34 21.88
N ALA B 9 -12.50 -36.49 22.51
CA ALA B 9 -13.82 -36.71 21.86
C ALA B 9 -14.17 -35.51 20.98
N PHE B 10 -14.74 -35.76 19.80
CA PHE B 10 -15.21 -34.73 18.83
C PHE B 10 -16.56 -34.20 19.30
N THR B 11 -16.80 -32.89 19.11
CA THR B 11 -18.04 -32.18 19.53
C THR B 11 -18.66 -31.44 18.34
N GLU B 12 -19.95 -31.09 18.45
CA GLU B 12 -20.77 -30.43 17.39
C GLU B 12 -20.27 -29.00 17.16
N GLU B 13 -19.54 -28.78 16.07
CA GLU B 13 -19.16 -27.43 15.56
C GLU B 13 -19.96 -27.17 14.27
N GLY B 14 -21.20 -26.70 14.42
CA GLY B 14 -22.16 -26.51 13.31
C GLY B 14 -22.89 -27.81 12.99
N THR B 15 -24.21 -27.75 12.80
CA THR B 15 -25.10 -28.93 12.56
C THR B 15 -24.68 -29.61 11.26
N GLY B 16 -23.88 -30.67 11.36
CA GLY B 16 -23.37 -31.44 10.20
C GLY B 16 -21.90 -31.82 10.36
N ARG B 17 -21.10 -30.93 10.96
CA ARG B 17 -19.64 -31.11 11.15
C ARG B 17 -19.32 -31.25 12.65
N PHE B 18 -18.41 -32.16 13.00
CA PHE B 18 -17.86 -32.39 14.36
C PHE B 18 -16.34 -32.18 14.33
N ILE B 19 -15.78 -31.57 15.37
CA ILE B 19 -14.31 -31.23 15.42
C ILE B 19 -13.73 -31.62 16.79
N SER B 20 -12.40 -31.85 16.82
CA SER B 20 -11.58 -32.12 18.03
C SER B 20 -10.20 -31.48 17.87
N GLN B 21 -9.81 -30.64 18.83
CA GLN B 21 -8.49 -29.95 18.87
C GLN B 21 -7.55 -30.67 19.84
N LYS B 22 -6.24 -30.49 19.67
CA LYS B 22 -5.18 -31.10 20.51
C LYS B 22 -3.84 -30.41 20.25
N VAL B 23 -2.98 -30.36 21.27
CA VAL B 23 -1.57 -29.86 21.18
C VAL B 23 -0.66 -31.06 20.91
N VAL B 24 -0.39 -31.35 19.62
CA VAL B 24 0.43 -32.50 19.16
C VAL B 24 1.78 -31.98 18.66
N GLU B 25 2.83 -32.81 18.74
CA GLU B 25 4.25 -32.46 18.45
C GLU B 25 4.62 -32.89 17.03
N LYS B 26 5.81 -32.48 16.57
CA LYS B 26 6.39 -32.88 15.26
C LYS B 26 6.58 -34.40 15.22
N GLY B 27 6.52 -34.99 14.02
CA GLY B 27 6.81 -36.42 13.78
C GLY B 27 5.84 -37.04 12.79
N THR B 28 5.23 -38.17 13.17
CA THR B 28 4.38 -39.03 12.30
C THR B 28 3.44 -39.86 13.17
N ARG B 29 2.23 -40.16 12.68
CA ARG B 29 1.24 -41.04 13.35
C ARG B 29 0.25 -41.60 12.33
N PRO B 30 -0.21 -42.87 12.49
CA PRO B 30 -1.29 -43.41 11.67
C PRO B 30 -2.65 -42.80 12.09
N LEU B 31 -3.44 -42.37 11.10
CA LEU B 31 -4.71 -41.63 11.30
C LEU B 31 -5.90 -42.50 10.86
N GLN B 32 -6.80 -42.82 11.80
CA GLN B 32 -8.03 -43.63 11.56
C GLN B 32 -9.16 -43.09 12.45
N LEU B 33 -10.09 -42.32 11.86
CA LEU B 33 -11.30 -41.78 12.54
C LEU B 33 -12.32 -42.91 12.74
N ASN B 34 -12.89 -43.00 13.94
CA ASN B 34 -13.84 -44.08 14.35
C ASN B 34 -15.19 -43.44 14.72
N PHE B 35 -16.28 -43.90 14.11
CA PHE B 35 -17.68 -43.48 14.41
C PHE B 35 -18.47 -44.66 14.96
N ASP B 36 -18.99 -44.52 16.19
CA ASP B 36 -19.76 -45.58 16.91
C ASP B 36 -18.85 -46.82 17.03
N GLN B 37 -19.27 -47.96 16.46
CA GLN B 37 -18.46 -49.21 16.41
C GLN B 37 -18.06 -49.46 14.95
N GLN B 38 -17.42 -48.47 14.32
CA GLN B 38 -17.05 -48.48 12.88
C GLN B 38 -15.78 -47.64 12.68
N CYS B 39 -14.86 -48.12 11.83
CA CYS B 39 -13.53 -47.51 11.55
C CYS B 39 -13.52 -46.92 10.13
N TRP B 40 -13.22 -45.62 10.01
CA TRP B 40 -13.08 -44.90 8.71
C TRP B 40 -11.61 -44.52 8.50
N GLN B 41 -11.22 -44.22 7.25
CA GLN B 41 -9.80 -44.03 6.84
C GLN B 41 -9.73 -43.16 5.59
N PRO B 42 -8.81 -42.16 5.53
CA PRO B 42 -8.58 -41.41 4.29
C PRO B 42 -7.84 -42.27 3.25
N SER B 43 -8.54 -42.63 2.16
CA SER B 43 -8.05 -43.51 1.06
C SER B 43 -6.87 -42.84 0.34
N GLY B 44 -7.00 -41.55 0.02
CA GLY B 44 -5.94 -40.74 -0.62
C GLY B 44 -4.94 -40.22 0.39
N GLY B 45 -3.91 -39.51 -0.09
CA GLY B 45 -2.85 -38.90 0.74
C GLY B 45 -3.43 -37.87 1.71
N ILE B 46 -3.00 -37.91 2.97
CA ILE B 46 -3.46 -37.00 4.06
C ILE B 46 -2.93 -35.59 3.79
N LYS B 47 -3.82 -34.59 3.80
CA LYS B 47 -3.53 -33.19 3.38
C LYS B 47 -3.64 -32.25 4.59
N LEU B 48 -3.33 -30.96 4.37
CA LEU B 48 -3.62 -29.84 5.30
C LEU B 48 -4.59 -28.88 4.62
N ASN B 49 -5.74 -28.63 5.24
CA ASN B 49 -6.81 -27.71 4.73
C ASN B 49 -7.30 -28.21 3.37
N GLN B 50 -7.96 -29.38 3.36
CA GLN B 50 -8.57 -29.99 2.13
C GLN B 50 -9.59 -31.07 2.53
N MET B 51 -10.39 -31.51 1.55
CA MET B 51 -11.40 -32.59 1.70
C MET B 51 -10.69 -33.95 1.63
N LEU B 52 -10.86 -34.78 2.67
CA LEU B 52 -10.26 -36.14 2.75
C LEU B 52 -11.39 -37.18 2.73
N SER B 53 -11.72 -37.69 1.55
CA SER B 53 -12.75 -38.75 1.31
C SER B 53 -12.37 -40.01 2.09
N MET B 54 -13.29 -40.52 2.91
CA MET B 54 -13.04 -41.61 3.88
C MET B 54 -13.59 -42.95 3.37
N GLU B 55 -12.85 -44.03 3.61
CA GLU B 55 -13.23 -45.44 3.30
C GLU B 55 -13.30 -46.22 4.61
N PRO B 56 -14.09 -47.32 4.68
CA PRO B 56 -14.04 -48.21 5.84
C PRO B 56 -12.65 -48.82 6.01
N CYS B 57 -12.05 -48.69 7.19
CA CYS B 57 -10.64 -49.06 7.51
C CYS B 57 -10.27 -50.38 6.82
N ARG B 58 -9.23 -50.36 5.98
CA ARG B 58 -8.78 -51.48 5.12
C ARG B 58 -7.29 -51.32 4.81
N GLY B 59 -6.51 -52.38 4.97
CA GLY B 59 -5.05 -52.39 4.77
C GLY B 59 -4.31 -51.75 5.93
N THR B 60 -3.10 -51.23 5.68
CA THR B 60 -2.26 -50.54 6.69
C THR B 60 -2.78 -49.11 6.87
N PRO B 61 -2.95 -48.63 8.14
CA PRO B 61 -3.36 -47.25 8.39
C PRO B 61 -2.52 -46.20 7.65
N PRO B 62 -3.14 -45.11 7.14
CA PRO B 62 -2.41 -44.06 6.42
C PRO B 62 -1.64 -43.15 7.38
N GLN B 63 -0.37 -42.88 7.07
CA GLN B 63 0.58 -42.11 7.92
C GLN B 63 0.29 -40.61 7.80
N TRP B 64 -0.22 -39.99 8.85
CA TRP B 64 -0.39 -38.51 8.97
C TRP B 64 0.94 -37.90 9.40
N ARG B 65 1.73 -37.43 8.44
CA ARG B 65 3.04 -36.76 8.66
C ARG B 65 2.79 -35.38 9.27
N ILE B 66 3.11 -35.21 10.56
CA ILE B 66 2.97 -33.93 11.32
C ILE B 66 4.29 -33.14 11.14
N PHE B 67 4.31 -32.19 10.20
CA PHE B 67 5.51 -31.42 9.79
C PHE B 67 5.85 -30.35 10.81
N ARG B 68 4.85 -29.85 11.55
CA ARG B 68 4.96 -28.66 12.46
C ARG B 68 4.37 -28.98 13.83
N GLN B 69 4.80 -28.24 14.87
CA GLN B 69 4.20 -28.25 16.22
C GLN B 69 3.13 -27.16 16.30
N GLY B 70 2.07 -27.38 17.08
CA GLY B 70 1.01 -26.39 17.33
C GLY B 70 -0.31 -27.04 17.71
N LEU B 71 -1.39 -26.24 17.72
CA LEU B 71 -2.77 -26.67 18.07
C LEU B 71 -3.50 -27.12 16.79
N TYR B 72 -3.60 -28.43 16.57
CA TYR B 72 -4.24 -29.05 15.38
C TYR B 72 -5.73 -29.31 15.66
N THR B 73 -6.59 -28.99 14.69
CA THR B 73 -8.06 -29.22 14.73
C THR B 73 -8.43 -30.27 13.67
N LEU B 74 -8.98 -31.41 14.12
CA LEU B 74 -9.51 -32.50 13.24
C LEU B 74 -11.03 -32.35 13.16
N GLU B 75 -11.58 -32.35 11.94
CA GLU B 75 -13.03 -32.14 11.64
C GLU B 75 -13.56 -33.35 10.88
N VAL B 76 -14.90 -33.49 10.80
CA VAL B 76 -15.60 -34.58 10.03
C VAL B 76 -16.98 -34.05 9.59
N ASP B 77 -17.29 -34.18 8.29
CA ASP B 77 -18.54 -33.70 7.65
C ASP B 77 -19.31 -34.90 7.10
N THR B 78 -20.59 -35.06 7.49
CA THR B 78 -21.42 -36.26 7.26
C THR B 78 -22.41 -36.06 6.10
N ARG B 79 -23.24 -35.02 6.16
CA ARG B 79 -24.41 -34.78 5.26
C ARG B 79 -24.05 -35.01 3.79
N SER B 80 -22.78 -34.84 3.40
CA SER B 80 -22.21 -35.16 2.07
C SER B 80 -22.67 -36.55 1.61
N GLY B 81 -22.86 -37.49 2.55
CA GLY B 81 -23.24 -38.89 2.31
C GLY B 81 -22.18 -39.81 2.89
N THR B 82 -20.97 -39.76 2.33
CA THR B 82 -19.72 -40.33 2.93
C THR B 82 -19.18 -39.30 3.92
N PRO B 83 -18.76 -39.72 5.14
CA PRO B 83 -18.08 -38.81 6.06
C PRO B 83 -16.75 -38.35 5.44
N THR B 84 -16.43 -37.06 5.59
CA THR B 84 -15.23 -36.40 4.99
C THR B 84 -14.54 -35.55 6.06
N MET B 85 -13.26 -35.81 6.33
CA MET B 85 -12.47 -35.17 7.41
C MET B 85 -11.70 -33.97 6.86
N MET B 86 -11.18 -33.12 7.76
CA MET B 86 -10.41 -31.88 7.45
C MET B 86 -9.32 -31.71 8.52
N ILE B 87 -8.07 -31.49 8.09
CA ILE B 87 -6.88 -31.34 8.98
C ILE B 87 -6.40 -29.89 8.91
N SER B 88 -6.39 -29.19 10.05
CA SER B 88 -5.98 -27.77 10.19
C SER B 88 -5.19 -27.58 11.49
N LEU B 89 -4.25 -26.62 11.51
CA LEU B 89 -3.52 -26.18 12.74
C LEU B 89 -3.45 -24.65 12.75
N GLU B 90 -3.46 -24.05 13.95
CA GLU B 90 -3.22 -22.60 14.19
C GLU B 90 -1.77 -22.41 14.63
N GLU B 91 -1.06 -21.48 13.98
CA GLU B 91 0.38 -21.17 14.24
C GLU B 91 0.46 -19.80 14.92
N GLN B 100 6.50 -8.58 20.72
CA GLN B 100 5.41 -8.69 21.74
C GLN B 100 5.81 -7.87 22.98
N ILE B 101 5.10 -6.77 23.26
CA ILE B 101 5.40 -5.81 24.36
C ILE B 101 4.50 -6.10 25.58
N ARG B 102 3.52 -7.01 25.43
CA ARG B 102 2.50 -7.32 26.46
C ARG B 102 2.43 -8.84 26.66
N GLN B 103 2.37 -9.29 27.92
CA GLN B 103 1.99 -10.69 28.28
C GLN B 103 0.55 -10.93 27.82
N CYS B 104 0.29 -12.05 27.16
CA CYS B 104 -1.07 -12.50 26.78
C CYS B 104 -1.50 -13.63 27.71
N PRO B 105 -2.72 -13.58 28.30
CA PRO B 105 -3.20 -14.64 29.18
C PRO B 105 -3.04 -16.03 28.54
N LYS B 106 -2.50 -16.99 29.30
CA LYS B 106 -2.28 -18.39 28.87
C LYS B 106 -3.45 -19.26 29.34
N TRP B 107 -3.80 -20.28 28.55
CA TRP B 107 -4.91 -21.25 28.82
C TRP B 107 -4.38 -22.68 28.61
N ASP B 108 -4.76 -23.60 29.50
CA ASP B 108 -4.27 -25.01 29.55
C ASP B 108 -5.26 -25.95 28.87
N GLY B 109 -6.38 -25.44 28.36
CA GLY B 109 -7.41 -26.21 27.64
C GLY B 109 -8.40 -26.90 28.59
N LYS B 110 -8.29 -26.62 29.90
CA LYS B 110 -9.10 -27.26 30.97
C LYS B 110 -10.24 -26.32 31.37
N PRO B 111 -11.22 -26.77 32.19
CA PRO B 111 -12.33 -25.91 32.61
C PRO B 111 -11.89 -24.65 33.39
N LEU B 112 -12.77 -23.65 33.43
CA LEU B 112 -12.60 -22.39 34.20
C LEU B 112 -13.75 -22.28 35.21
N THR B 113 -13.44 -21.89 36.45
CA THR B 113 -14.44 -21.54 37.51
C THR B 113 -14.58 -20.02 37.53
N ILE B 114 -15.71 -19.50 37.01
CA ILE B 114 -15.97 -18.05 36.83
C ILE B 114 -16.81 -17.55 38.02
N ASP B 115 -16.35 -16.48 38.68
CA ASP B 115 -17.11 -15.74 39.73
C ASP B 115 -18.17 -14.88 39.04
N VAL B 116 -19.45 -15.25 39.20
CA VAL B 116 -20.61 -14.59 38.53
C VAL B 116 -21.54 -14.00 39.60
N SER B 117 -21.04 -13.83 40.83
CA SER B 117 -21.82 -13.43 42.03
C SER B 117 -22.45 -12.04 41.84
N LYS B 118 -21.82 -11.17 41.03
CA LYS B 118 -22.23 -9.75 40.84
C LYS B 118 -23.02 -9.58 39.53
N THR B 119 -23.18 -10.65 38.74
CA THR B 119 -23.83 -10.63 37.40
C THR B 119 -25.08 -11.51 37.42
N PHE B 120 -24.90 -12.84 37.52
CA PHE B 120 -26.00 -13.85 37.50
C PHE B 120 -26.39 -14.22 38.93
N ALA B 121 -27.69 -14.32 39.19
CA ALA B 121 -28.29 -14.56 40.53
C ALA B 121 -27.95 -15.98 41.01
N GLU B 122 -27.89 -16.16 42.34
CA GLU B 122 -27.64 -17.47 43.01
C GLU B 122 -28.81 -18.41 42.71
N GLY B 123 -28.53 -19.59 42.16
CA GLY B 123 -29.53 -20.63 41.84
C GLY B 123 -29.88 -20.66 40.36
N SER B 124 -29.89 -19.50 39.69
CA SER B 124 -30.26 -19.32 38.26
C SER B 124 -29.31 -20.11 37.35
N LYS B 125 -29.81 -20.53 36.17
CA LYS B 125 -29.03 -21.26 35.14
C LYS B 125 -28.33 -20.25 34.22
N VAL B 126 -27.11 -20.58 33.77
CA VAL B 126 -26.29 -19.75 32.83
C VAL B 126 -25.77 -20.67 31.72
N ARG B 127 -25.99 -20.29 30.45
CA ARG B 127 -25.56 -21.07 29.25
C ARG B 127 -24.34 -20.41 28.62
N ASP B 128 -23.34 -21.22 28.26
CA ASP B 128 -22.28 -20.85 27.28
C ASP B 128 -22.83 -21.10 25.88
N PHE B 129 -23.34 -20.06 25.23
CA PHE B 129 -24.08 -20.13 23.93
C PHE B 129 -23.23 -20.84 22.87
N TYR B 130 -21.90 -20.68 22.92
CA TYR B 130 -20.97 -21.25 21.91
C TYR B 130 -20.97 -22.78 21.99
N SER B 131 -20.89 -23.33 23.21
CA SER B 131 -20.84 -24.78 23.50
C SER B 131 -22.26 -25.35 23.56
N GLY B 132 -23.20 -24.60 24.13
CA GLY B 132 -24.56 -25.06 24.47
C GLY B 132 -24.66 -25.49 25.92
N ASN B 133 -23.52 -25.79 26.56
CA ASN B 133 -23.41 -26.25 27.97
C ASN B 133 -24.08 -25.23 28.89
N VAL B 134 -24.86 -25.72 29.86
CA VAL B 134 -25.56 -24.91 30.90
C VAL B 134 -24.98 -25.29 32.26
N ALA B 135 -24.93 -24.34 33.20
CA ALA B 135 -24.41 -24.51 34.58
C ALA B 135 -25.30 -23.74 35.56
N THR B 136 -25.37 -24.20 36.81
CA THR B 136 -26.16 -23.60 37.91
C THR B 136 -25.21 -22.81 38.82
N VAL B 137 -25.55 -21.54 39.09
CA VAL B 137 -24.73 -20.61 39.93
C VAL B 137 -24.78 -21.11 41.38
N SER B 138 -23.68 -21.73 41.84
CA SER B 138 -23.52 -22.32 43.19
C SER B 138 -22.37 -21.60 43.93
N GLY B 139 -22.70 -20.91 45.03
CA GLY B 139 -21.74 -20.10 45.81
C GLY B 139 -21.21 -18.92 45.01
N GLY B 140 -22.04 -18.37 44.12
CA GLY B 140 -21.69 -17.26 43.21
C GLY B 140 -20.62 -17.67 42.20
N LYS B 141 -20.58 -18.96 41.83
CA LYS B 141 -19.56 -19.54 40.92
C LYS B 141 -20.21 -20.54 39.96
N ILE B 142 -19.64 -20.68 38.76
CA ILE B 142 -19.96 -21.74 37.77
C ILE B 142 -18.65 -22.30 37.23
N THR B 143 -18.65 -23.55 36.78
CA THR B 143 -17.48 -24.24 36.14
C THR B 143 -17.89 -24.71 34.74
N LEU B 144 -17.21 -24.20 33.70
CA LEU B 144 -17.52 -24.48 32.28
C LEU B 144 -16.21 -24.67 31.49
N GLN B 145 -16.22 -25.61 30.55
CA GLN B 145 -15.14 -25.90 29.58
C GLN B 145 -15.44 -25.14 28.28
N PRO B 146 -14.58 -24.18 27.86
CA PRO B 146 -14.68 -23.60 26.51
C PRO B 146 -14.60 -24.70 25.44
N ALA B 147 -15.59 -24.75 24.54
CA ALA B 147 -15.73 -25.76 23.48
C ALA B 147 -14.60 -25.62 22.45
N PHE B 148 -14.29 -26.70 21.73
CA PHE B 148 -13.28 -26.73 20.63
C PHE B 148 -13.72 -25.73 19.55
N GLY B 149 -12.80 -24.87 19.11
CA GLY B 149 -13.03 -23.86 18.06
C GLY B 149 -13.49 -22.52 18.64
N SER B 150 -13.79 -22.47 19.94
CA SER B 150 -14.24 -21.24 20.66
C SER B 150 -13.06 -20.26 20.81
N ASN B 151 -11.83 -20.73 20.60
CA ASN B 151 -10.57 -19.98 20.88
C ASN B 151 -10.53 -19.66 22.37
N GLY B 152 -11.06 -20.54 23.22
CA GLY B 152 -11.11 -20.39 24.68
C GLY B 152 -12.14 -19.37 25.15
N LEU B 153 -13.14 -19.06 24.33
CA LEU B 153 -14.23 -18.11 24.66
C LEU B 153 -15.33 -18.82 25.44
N LEU B 154 -15.96 -18.12 26.39
CA LEU B 154 -17.27 -18.47 26.99
C LEU B 154 -18.21 -17.28 26.79
N LEU B 155 -19.29 -17.47 26.02
CA LEU B 155 -20.33 -16.44 25.77
C LEU B 155 -21.50 -16.70 26.73
N LEU B 156 -21.35 -16.27 27.98
CA LEU B 156 -22.28 -16.60 29.10
C LEU B 156 -23.53 -15.72 29.03
N GLU B 157 -24.70 -16.36 28.97
CA GLU B 157 -26.03 -15.71 28.94
C GLU B 157 -26.96 -16.42 29.92
N ARG B 158 -28.02 -15.75 30.37
CA ARG B 158 -29.14 -16.35 31.15
C ARG B 158 -29.77 -17.45 30.30
N ALA B 159 -30.04 -18.61 30.90
CA ALA B 159 -30.55 -19.82 30.22
C ALA B 159 -31.91 -19.54 29.55
N GLU B 160 -32.70 -18.61 30.09
CA GLU B 160 -34.05 -18.27 29.58
C GLU B 160 -33.96 -17.40 28.31
N THR B 161 -32.75 -17.14 27.79
CA THR B 161 -32.54 -16.54 26.44
C THR B 161 -33.00 -17.55 25.39
N ALA B 162 -34.01 -17.19 24.59
CA ALA B 162 -34.76 -18.10 23.69
C ALA B 162 -34.31 -17.91 22.23
N ALA B 163 -34.38 -16.67 21.73
CA ALA B 163 -34.24 -16.32 20.30
C ALA B 163 -33.61 -14.94 20.16
N PRO B 164 -33.32 -14.48 18.91
CA PRO B 164 -32.79 -13.13 18.70
C PRO B 164 -33.63 -12.03 19.37
N ALA B 165 -32.97 -11.03 19.95
CA ALA B 165 -33.60 -9.84 20.58
C ALA B 165 -34.19 -8.96 19.49
N PRO B 166 -35.14 -8.05 19.83
CA PRO B 166 -35.66 -7.08 18.87
C PRO B 166 -34.53 -6.28 18.21
N PHE B 167 -34.61 -6.07 16.90
CA PHE B 167 -33.58 -5.38 16.07
C PHE B 167 -33.37 -3.96 16.61
N ASP B 168 -32.11 -3.57 16.77
CA ASP B 168 -31.68 -2.18 17.08
C ASP B 168 -30.46 -1.86 16.22
N TRP B 169 -30.44 -0.66 15.61
CA TRP B 169 -29.32 -0.17 14.75
C TRP B 169 -28.03 -0.05 15.56
N HIS B 170 -28.14 0.13 16.88
CA HIS B 170 -27.00 0.26 17.83
C HIS B 170 -26.47 -1.13 18.23
N ASN B 171 -27.11 -2.21 17.76
CA ASN B 171 -26.61 -3.60 17.89
C ASN B 171 -26.64 -4.30 16.52
N ALA B 172 -26.76 -3.55 15.44
CA ALA B 172 -26.90 -4.08 14.06
C ALA B 172 -25.61 -4.82 13.66
N THR B 173 -25.78 -5.95 12.96
CA THR B 173 -24.70 -6.71 12.29
C THR B 173 -24.87 -6.51 10.78
N VAL B 174 -24.15 -5.54 10.22
CA VAL B 174 -24.23 -5.14 8.79
C VAL B 174 -23.30 -6.05 7.99
N TYR B 175 -23.80 -6.60 6.87
CA TYR B 175 -23.00 -7.34 5.86
C TYR B 175 -22.87 -6.45 4.63
N PHE B 176 -21.64 -5.99 4.34
CA PHE B 176 -21.31 -5.12 3.19
C PHE B 176 -20.82 -6.01 2.04
N VAL B 177 -21.59 -6.05 0.95
CA VAL B 177 -21.32 -6.93 -0.23
C VAL B 177 -21.20 -6.04 -1.47
N LEU B 178 -20.11 -6.22 -2.22
CA LEU B 178 -20.00 -5.77 -3.63
C LEU B 178 -20.70 -6.83 -4.49
N THR B 179 -21.95 -6.58 -4.86
CA THR B 179 -22.89 -7.53 -5.50
C THR B 179 -22.19 -8.25 -6.66
N ASP B 180 -21.44 -7.51 -7.49
CA ASP B 180 -20.75 -8.03 -8.70
C ASP B 180 -19.74 -9.13 -8.34
N ARG B 181 -19.22 -9.14 -7.11
CA ARG B 181 -18.09 -10.01 -6.70
C ARG B 181 -18.56 -11.09 -5.72
N PHE B 182 -19.88 -11.32 -5.63
CA PHE B 182 -20.49 -12.22 -4.62
C PHE B 182 -21.01 -13.48 -5.31
N VAL B 183 -22.23 -13.46 -5.85
CA VAL B 183 -22.86 -14.64 -6.53
C VAL B 183 -23.42 -14.20 -7.88
N ASN B 184 -22.98 -14.87 -8.95
CA ASN B 184 -23.51 -14.74 -10.32
C ASN B 184 -24.73 -15.66 -10.44
N GLY B 185 -25.93 -15.12 -10.23
CA GLY B 185 -27.21 -15.86 -10.34
C GLY B 185 -27.57 -16.18 -11.78
N ASN B 186 -27.22 -15.30 -12.72
CA ASN B 186 -27.58 -15.39 -14.16
C ASN B 186 -26.43 -14.87 -15.00
N PRO B 187 -25.70 -15.75 -15.74
CA PRO B 187 -24.58 -15.30 -16.58
C PRO B 187 -24.99 -14.41 -17.77
N ALA B 188 -26.27 -14.40 -18.13
CA ALA B 188 -26.80 -13.74 -19.36
C ALA B 188 -26.66 -12.23 -19.28
N ASN B 189 -26.66 -11.64 -18.07
CA ASN B 189 -26.65 -10.17 -17.85
C ASN B 189 -25.24 -9.67 -17.51
N ASP B 190 -24.21 -10.54 -17.62
CA ASP B 190 -22.81 -10.25 -17.20
C ASP B 190 -22.17 -9.18 -18.09
N ASN B 191 -22.58 -9.08 -19.36
CA ASN B 191 -21.94 -8.23 -20.39
C ASN B 191 -22.95 -7.20 -20.92
N SER B 192 -23.76 -6.61 -20.03
CA SER B 192 -24.77 -5.57 -20.36
C SER B 192 -24.07 -4.37 -20.99
N TYR B 193 -24.73 -3.72 -21.96
CA TYR B 193 -24.26 -2.49 -22.65
C TYR B 193 -22.91 -2.74 -23.35
N GLY B 194 -22.62 -3.97 -23.76
CA GLY B 194 -21.40 -4.34 -24.52
C GLY B 194 -20.16 -4.38 -23.66
N ARG B 195 -20.30 -4.51 -22.33
CA ARG B 195 -19.17 -4.63 -21.36
C ARG B 195 -18.43 -5.94 -21.63
N HIS B 196 -17.09 -5.90 -21.57
CA HIS B 196 -16.20 -7.05 -21.86
C HIS B 196 -15.42 -7.47 -20.61
N LYS B 197 -15.11 -8.77 -20.51
CA LYS B 197 -14.00 -9.29 -19.67
C LYS B 197 -12.68 -8.86 -20.33
N ASP B 198 -11.59 -8.76 -19.57
CA ASP B 198 -10.28 -8.27 -20.07
C ASP B 198 -9.40 -9.47 -20.47
N GLY B 199 -9.79 -10.69 -20.10
CA GLY B 199 -9.06 -11.93 -20.44
C GLY B 199 -7.70 -11.98 -19.78
N MET B 200 -7.48 -11.16 -18.75
CA MET B 200 -6.23 -11.10 -17.94
C MET B 200 -6.56 -11.57 -16.52
N GLN B 201 -6.61 -10.67 -15.53
CA GLN B 201 -6.90 -11.01 -14.11
C GLN B 201 -8.25 -10.43 -13.69
N GLU B 202 -8.99 -9.80 -14.61
CA GLU B 202 -10.36 -9.27 -14.38
C GLU B 202 -10.36 -8.37 -13.15
N ILE B 203 -9.36 -7.50 -13.03
CA ILE B 203 -9.16 -6.61 -11.84
C ILE B 203 -10.35 -5.65 -11.72
N GLY B 204 -10.71 -4.98 -12.81
CA GLY B 204 -11.70 -3.87 -12.81
C GLY B 204 -12.93 -4.15 -13.66
N THR B 205 -13.16 -5.40 -14.06
CA THR B 205 -14.29 -5.81 -14.94
C THR B 205 -15.48 -6.25 -14.07
N PHE B 206 -16.67 -6.31 -14.67
CA PHE B 206 -17.86 -6.97 -14.08
C PHE B 206 -17.62 -8.49 -14.14
N HIS B 207 -17.46 -9.12 -12.97
CA HIS B 207 -17.32 -10.59 -12.80
C HIS B 207 -18.66 -11.27 -13.10
N GLY B 208 -19.79 -10.59 -12.81
CA GLY B 208 -21.14 -11.06 -13.16
C GLY B 208 -22.04 -11.28 -11.95
N GLY B 209 -21.59 -10.95 -10.74
CA GLY B 209 -22.44 -11.00 -9.54
C GLY B 209 -23.67 -10.12 -9.70
N ASP B 210 -24.84 -10.57 -9.22
CA ASP B 210 -26.13 -9.86 -9.44
C ASP B 210 -27.06 -10.04 -8.24
N LEU B 211 -28.19 -9.34 -8.26
CA LEU B 211 -29.17 -9.29 -7.14
C LEU B 211 -29.78 -10.69 -6.93
N GLN B 212 -30.04 -11.42 -8.01
CA GLN B 212 -30.55 -12.82 -7.96
C GLN B 212 -29.59 -13.68 -7.14
N GLY B 213 -28.30 -13.66 -7.49
CA GLY B 213 -27.25 -14.43 -6.81
C GLY B 213 -27.19 -14.12 -5.32
N LEU B 214 -27.22 -12.82 -4.98
CA LEU B 214 -27.21 -12.31 -3.58
C LEU B 214 -28.44 -12.83 -2.82
N THR B 215 -29.61 -12.81 -3.46
CA THR B 215 -30.90 -13.27 -2.88
C THR B 215 -30.76 -14.75 -2.45
N SER B 216 -30.03 -15.55 -3.23
CA SER B 216 -29.85 -17.01 -3.00
C SER B 216 -29.05 -17.28 -1.73
N LYS B 217 -28.36 -16.28 -1.18
CA LYS B 217 -27.45 -16.43 0.00
C LYS B 217 -28.03 -15.73 1.24
N LEU B 218 -29.33 -15.38 1.24
CA LEU B 218 -29.97 -14.67 2.38
C LEU B 218 -30.05 -15.60 3.61
N ASP B 219 -30.27 -16.90 3.40
CA ASP B 219 -30.30 -17.93 4.49
C ASP B 219 -28.90 -18.05 5.12
N TYR B 220 -27.86 -18.07 4.27
CA TYR B 220 -26.43 -18.10 4.68
C TYR B 220 -26.10 -16.90 5.56
N LEU B 221 -26.58 -15.71 5.19
CA LEU B 221 -26.35 -14.44 5.94
C LEU B 221 -27.12 -14.48 7.26
N GLN B 222 -28.39 -14.90 7.22
CA GLN B 222 -29.28 -15.01 8.41
C GLN B 222 -28.61 -15.86 9.49
N GLN B 223 -27.92 -16.94 9.10
CA GLN B 223 -27.24 -17.90 10.02
C GLN B 223 -26.06 -17.22 10.73
N MET B 224 -25.45 -16.19 10.12
CA MET B 224 -24.32 -15.41 10.68
C MET B 224 -24.83 -14.32 11.63
N GLY B 225 -26.15 -14.22 11.81
CA GLY B 225 -26.77 -13.19 12.66
C GLY B 225 -26.78 -11.82 11.99
N VAL B 226 -26.62 -11.78 10.66
CA VAL B 226 -26.73 -10.54 9.84
C VAL B 226 -28.20 -10.08 9.89
N ASN B 227 -28.43 -8.83 10.25
CA ASN B 227 -29.79 -8.21 10.30
C ASN B 227 -29.82 -6.91 9.49
N ALA B 228 -28.75 -6.62 8.75
CA ALA B 228 -28.66 -5.46 7.82
C ALA B 228 -27.76 -5.84 6.64
N LEU B 229 -28.26 -5.70 5.42
CA LEU B 229 -27.51 -6.03 4.17
C LEU B 229 -27.24 -4.71 3.43
N TRP B 230 -25.97 -4.32 3.36
CA TRP B 230 -25.49 -3.12 2.64
C TRP B 230 -24.91 -3.56 1.30
N ILE B 231 -25.61 -3.22 0.21
CA ILE B 231 -25.24 -3.61 -1.18
C ILE B 231 -24.61 -2.39 -1.87
N SER B 232 -23.62 -2.62 -2.73
CA SER B 232 -23.13 -1.63 -3.72
C SER B 232 -24.34 -1.10 -4.49
N SER B 233 -24.30 0.15 -4.94
CA SER B 233 -25.41 0.80 -5.69
C SER B 233 -25.83 -0.11 -6.83
N PRO B 234 -27.12 -0.53 -6.89
CA PRO B 234 -27.63 -1.29 -8.04
C PRO B 234 -28.09 -0.38 -9.20
N LEU B 235 -27.91 0.94 -9.05
CA LEU B 235 -28.39 1.96 -10.02
C LEU B 235 -27.50 1.94 -11.26
N GLU B 236 -28.02 2.41 -12.40
CA GLU B 236 -27.37 2.30 -13.72
C GLU B 236 -26.07 3.10 -13.72
N GLN B 237 -24.96 2.41 -13.98
CA GLN B 237 -23.60 2.99 -14.00
C GLN B 237 -23.27 3.47 -15.43
N ILE B 238 -22.16 4.18 -15.58
CA ILE B 238 -21.46 4.35 -16.89
C ILE B 238 -21.32 2.95 -17.51
N HIS B 239 -21.61 2.84 -18.81
CA HIS B 239 -21.62 1.54 -19.56
C HIS B 239 -20.19 1.09 -19.85
N GLY B 240 -19.27 2.05 -19.99
CA GLY B 240 -17.89 1.81 -20.46
C GLY B 240 -16.87 1.75 -19.33
N TRP B 241 -15.60 1.95 -19.70
CA TRP B 241 -14.42 1.77 -18.82
C TRP B 241 -13.52 3.00 -18.89
N VAL B 242 -12.58 3.10 -17.97
CA VAL B 242 -11.47 4.10 -17.97
C VAL B 242 -10.18 3.34 -17.65
N GLY B 243 -9.02 4.00 -17.77
CA GLY B 243 -7.72 3.43 -17.41
C GLY B 243 -7.69 3.06 -15.94
N GLY B 244 -7.16 1.87 -15.62
CA GLY B 244 -7.09 1.33 -14.25
C GLY B 244 -5.78 1.69 -13.56
N GLY B 245 -5.86 2.15 -12.32
CA GLY B 245 -4.69 2.47 -11.47
C GLY B 245 -3.85 3.58 -12.07
N THR B 246 -2.56 3.61 -11.73
CA THR B 246 -1.59 4.67 -12.13
C THR B 246 -0.91 4.30 -13.45
N LYS B 247 -0.90 3.02 -13.82
CA LYS B 247 -0.12 2.50 -14.99
C LYS B 247 -1.04 2.09 -16.15
N GLY B 248 -2.36 2.12 -15.96
CA GLY B 248 -3.36 1.73 -16.98
C GLY B 248 -3.18 0.28 -17.40
N ASP B 249 -2.95 -0.60 -16.43
CA ASP B 249 -2.60 -2.03 -16.67
C ASP B 249 -3.88 -2.88 -16.73
N PHE B 250 -5.06 -2.28 -16.51
CA PHE B 250 -6.38 -2.97 -16.64
C PHE B 250 -7.46 -1.96 -17.00
N PRO B 251 -8.52 -2.41 -17.73
CA PRO B 251 -9.70 -1.58 -17.95
C PRO B 251 -10.56 -1.56 -16.68
N HIS B 252 -10.96 -0.36 -16.25
CA HIS B 252 -11.72 -0.13 -14.98
C HIS B 252 -13.17 0.19 -15.33
N TYR B 253 -14.06 -0.78 -15.12
CA TYR B 253 -15.54 -0.64 -15.26
C TYR B 253 -16.14 -0.28 -13.90
N ALA B 254 -17.42 0.10 -13.89
CA ALA B 254 -18.16 0.57 -12.69
C ALA B 254 -18.80 -0.62 -11.97
N TYR B 255 -18.03 -1.67 -11.72
CA TYR B 255 -18.49 -2.96 -11.13
C TYR B 255 -18.91 -2.74 -9.67
N HIS B 256 -18.41 -1.67 -9.05
CA HIS B 256 -18.54 -1.35 -7.59
C HIS B 256 -19.71 -0.41 -7.32
N GLY B 257 -20.30 0.20 -8.37
CA GLY B 257 -21.55 0.97 -8.27
C GLY B 257 -21.34 2.45 -7.91
N TYR B 258 -20.10 2.92 -7.87
CA TYR B 258 -19.75 4.29 -7.40
C TYR B 258 -19.70 5.30 -8.57
N TYR B 259 -19.87 4.84 -9.81
CA TYR B 259 -19.79 5.68 -11.04
C TYR B 259 -21.16 5.71 -11.73
N THR B 260 -22.14 6.33 -11.07
CA THR B 260 -23.57 6.33 -11.49
C THR B 260 -23.76 7.24 -12.71
N GLN B 261 -24.65 6.82 -13.63
CA GLN B 261 -24.99 7.54 -14.88
C GLN B 261 -26.48 7.93 -14.86
N ASP B 262 -27.34 7.02 -14.40
CA ASP B 262 -28.81 7.22 -14.31
C ASP B 262 -29.32 6.67 -12.97
N TRP B 263 -29.67 7.57 -12.05
CA TRP B 263 -30.17 7.26 -10.69
C TRP B 263 -31.60 6.70 -10.75
N SER B 264 -32.30 6.84 -11.88
CA SER B 264 -33.74 6.49 -12.04
C SER B 264 -33.91 5.04 -12.51
N LYS B 265 -32.82 4.36 -12.88
CA LYS B 265 -32.85 3.00 -13.49
C LYS B 265 -31.86 2.07 -12.77
N LEU B 266 -32.18 0.77 -12.72
CA LEU B 266 -31.26 -0.29 -12.24
C LEU B 266 -30.24 -0.59 -13.35
N ASP B 267 -28.99 -0.87 -12.97
CA ASP B 267 -27.96 -1.37 -13.90
C ASP B 267 -28.39 -2.77 -14.36
N ALA B 268 -28.38 -3.02 -15.67
CA ALA B 268 -28.85 -4.29 -16.29
C ALA B 268 -27.97 -5.45 -15.81
N ASN B 269 -26.71 -5.21 -15.43
CA ASN B 269 -25.79 -6.22 -14.85
C ASN B 269 -26.36 -6.72 -13.51
N MET B 270 -27.02 -5.85 -12.75
CA MET B 270 -27.53 -6.18 -11.38
C MET B 270 -28.83 -6.98 -11.48
N GLY B 271 -29.66 -6.66 -12.47
CA GLY B 271 -30.88 -7.42 -12.80
C GLY B 271 -32.08 -6.52 -13.02
N THR B 272 -33.28 -7.08 -12.87
CA THR B 272 -34.59 -6.44 -13.14
C THR B 272 -35.15 -5.80 -11.86
N GLU B 273 -36.18 -4.97 -12.01
CA GLU B 273 -36.97 -4.38 -10.88
C GLU B 273 -37.58 -5.52 -10.06
N ALA B 274 -38.01 -6.61 -10.72
CA ALA B 274 -38.57 -7.83 -10.08
C ALA B 274 -37.50 -8.49 -9.19
N ASP B 275 -36.24 -8.51 -9.63
CA ASP B 275 -35.10 -9.09 -8.87
C ASP B 275 -34.89 -8.30 -7.58
N LEU B 276 -34.89 -6.97 -7.65
CA LEU B 276 -34.68 -6.08 -6.47
C LEU B 276 -35.82 -6.29 -5.47
N ARG B 277 -37.07 -6.33 -5.93
CA ARG B 277 -38.27 -6.50 -5.07
C ARG B 277 -38.15 -7.83 -4.32
N ARG B 278 -37.74 -8.91 -4.99
CA ARG B 278 -37.57 -10.25 -4.35
C ARG B 278 -36.46 -10.17 -3.30
N LEU B 279 -35.31 -9.57 -3.63
CA LEU B 279 -34.16 -9.43 -2.70
C LEU B 279 -34.64 -8.76 -1.40
N VAL B 280 -35.31 -7.61 -1.52
CA VAL B 280 -35.76 -6.77 -0.38
C VAL B 280 -36.80 -7.58 0.42
N ASP B 281 -37.83 -8.10 -0.25
CA ASP B 281 -38.96 -8.83 0.37
C ASP B 281 -38.44 -10.07 1.09
N GLU B 282 -37.55 -10.84 0.47
CA GLU B 282 -36.96 -12.08 1.04
C GLU B 282 -36.02 -11.72 2.20
N ALA B 283 -35.34 -10.58 2.14
CA ALA B 283 -34.45 -10.08 3.22
C ALA B 283 -35.31 -9.75 4.45
N HIS B 284 -36.39 -9.00 4.26
CA HIS B 284 -37.33 -8.56 5.33
C HIS B 284 -37.94 -9.78 6.03
N LYS B 285 -38.30 -10.83 5.29
CA LYS B 285 -38.89 -12.09 5.82
C LYS B 285 -37.92 -12.72 6.84
N ARG B 286 -36.61 -12.56 6.64
CA ARG B 286 -35.54 -13.17 7.47
C ARG B 286 -35.01 -12.15 8.50
N GLY B 287 -35.71 -11.03 8.69
CA GLY B 287 -35.35 -9.98 9.66
C GLY B 287 -34.12 -9.19 9.25
N ILE B 288 -33.81 -9.15 7.95
CA ILE B 288 -32.62 -8.43 7.39
C ILE B 288 -33.11 -7.13 6.75
N ARG B 289 -32.61 -5.99 7.24
CA ARG B 289 -32.86 -4.65 6.65
C ARG B 289 -31.96 -4.50 5.42
N ILE B 290 -32.39 -3.70 4.45
CA ILE B 290 -31.62 -3.41 3.19
C ILE B 290 -31.10 -1.97 3.26
N LEU B 291 -29.79 -1.81 3.07
CA LEU B 291 -29.13 -0.49 2.86
C LEU B 291 -28.59 -0.42 1.43
N PHE B 292 -28.97 0.62 0.69
CA PHE B 292 -28.35 1.00 -0.60
C PHE B 292 -27.10 1.85 -0.32
N ASP B 293 -25.96 1.47 -0.90
CA ASP B 293 -24.83 2.42 -1.09
C ASP B 293 -25.31 3.48 -2.09
N VAL B 294 -25.20 4.75 -1.73
CA VAL B 294 -25.69 5.89 -2.58
C VAL B 294 -24.57 6.91 -2.73
N VAL B 295 -24.52 7.56 -3.90
CA VAL B 295 -23.62 8.72 -4.21
C VAL B 295 -24.52 9.90 -4.61
N MET B 296 -24.22 11.10 -4.10
CA MET B 296 -24.77 12.37 -4.63
C MET B 296 -23.63 13.31 -5.05
N ASN B 297 -22.38 13.00 -4.65
CA ASN B 297 -21.20 13.86 -4.87
C ASN B 297 -20.86 13.93 -6.37
N HIS B 298 -20.93 12.79 -7.07
CA HIS B 298 -20.35 12.64 -8.43
C HIS B 298 -21.15 11.66 -9.28
N ALA B 299 -21.16 11.90 -10.59
CA ALA B 299 -21.52 10.92 -11.64
C ALA B 299 -20.24 10.20 -12.06
N GLY B 300 -20.36 9.15 -12.87
CA GLY B 300 -19.23 8.36 -13.39
C GLY B 300 -18.43 9.15 -14.43
N TYR B 301 -17.18 8.76 -14.64
CA TYR B 301 -16.28 9.30 -15.70
C TYR B 301 -16.96 9.18 -17.07
N ALA B 302 -16.58 10.07 -17.99
CA ALA B 302 -16.81 9.93 -19.44
C ALA B 302 -16.08 8.67 -19.93
N THR B 303 -16.80 7.77 -20.60
CA THR B 303 -16.24 6.54 -21.25
C THR B 303 -16.61 6.58 -22.73
N LEU B 304 -15.79 5.95 -23.58
CA LEU B 304 -16.01 5.84 -25.05
C LEU B 304 -17.40 5.24 -25.30
N ALA B 305 -17.80 4.23 -24.52
CA ALA B 305 -19.10 3.52 -24.64
C ALA B 305 -20.24 4.54 -24.56
N ASP B 306 -20.23 5.39 -23.53
CA ASP B 306 -21.32 6.36 -23.24
C ASP B 306 -21.28 7.51 -24.25
N MET B 307 -20.07 7.97 -24.63
CA MET B 307 -19.85 9.05 -25.62
C MET B 307 -20.50 8.67 -26.95
N GLN B 308 -20.24 7.45 -27.44
CA GLN B 308 -20.79 6.95 -28.73
C GLN B 308 -22.30 6.72 -28.60
N GLU B 309 -22.73 6.12 -27.49
CA GLU B 309 -24.13 5.68 -27.25
C GLU B 309 -25.05 6.89 -27.08
N PHE B 310 -24.64 7.90 -26.29
CA PHE B 310 -25.49 9.05 -25.89
C PHE B 310 -25.01 10.34 -26.58
N GLN B 311 -24.11 10.21 -27.56
CA GLN B 311 -23.68 11.29 -28.50
C GLN B 311 -23.30 12.55 -27.72
N PHE B 312 -22.28 12.45 -26.86
CA PHE B 312 -21.68 13.60 -26.13
C PHE B 312 -20.15 13.53 -26.23
N GLY B 313 -19.48 14.66 -26.02
CA GLY B 313 -18.02 14.78 -26.06
C GLY B 313 -17.51 15.02 -27.47
N SER B 314 -16.19 14.97 -27.65
CA SER B 314 -15.49 15.26 -28.93
C SER B 314 -14.19 14.45 -29.01
N LEU B 315 -13.91 13.88 -30.19
CA LEU B 315 -12.66 13.13 -30.50
C LEU B 315 -11.80 13.98 -31.46
N TYR B 316 -10.47 13.80 -31.40
CA TYR B 316 -9.51 14.37 -32.37
C TYR B 316 -9.61 13.62 -33.70
N LEU B 317 -9.99 12.34 -33.64
CA LEU B 317 -10.10 11.42 -34.81
C LEU B 317 -11.45 11.63 -35.51
N GLN B 318 -11.56 11.17 -36.76
CA GLN B 318 -12.78 11.31 -37.61
C GLN B 318 -12.81 10.19 -38.66
N GLY B 319 -14.01 9.72 -38.99
CA GLY B 319 -14.31 8.82 -40.12
C GLY B 319 -13.44 7.58 -40.13
N ASP B 320 -12.55 7.46 -41.13
CA ASP B 320 -11.73 6.25 -41.41
C ASP B 320 -10.57 6.15 -40.40
N GLU B 321 -9.94 7.28 -40.07
CA GLU B 321 -8.84 7.34 -39.08
C GLU B 321 -9.37 6.90 -37.71
N LEU B 322 -10.62 7.29 -37.40
CA LEU B 322 -11.35 6.87 -36.18
C LEU B 322 -11.65 5.35 -36.24
N LYS B 323 -12.09 4.86 -37.41
CA LYS B 323 -12.40 3.43 -37.66
C LYS B 323 -11.11 2.60 -37.53
N LYS B 324 -10.00 3.07 -38.09
CA LYS B 324 -8.67 2.38 -38.05
C LYS B 324 -8.17 2.29 -36.60
N THR B 325 -8.55 3.25 -35.75
CA THR B 325 -8.07 3.37 -34.35
C THR B 325 -9.07 2.69 -33.39
N LEU B 326 -10.30 3.21 -33.29
CA LEU B 326 -11.29 2.82 -32.25
C LEU B 326 -12.28 1.78 -32.78
N GLY B 327 -12.20 1.40 -34.07
CA GLY B 327 -13.16 0.48 -34.70
C GLY B 327 -14.52 1.12 -34.86
N GLU B 328 -15.56 0.31 -35.07
CA GLU B 328 -16.97 0.77 -35.26
C GLU B 328 -17.62 0.98 -33.89
N ARG B 329 -17.21 0.19 -32.89
CA ARG B 329 -17.61 0.35 -31.46
C ARG B 329 -16.39 0.75 -30.64
N TRP B 330 -16.33 2.03 -30.24
CA TRP B 330 -15.14 2.68 -29.62
C TRP B 330 -14.71 1.92 -28.36
N THR B 331 -15.66 1.40 -27.59
CA THR B 331 -15.42 0.73 -26.27
C THR B 331 -14.75 -0.63 -26.47
N ASP B 332 -14.67 -1.13 -27.72
CA ASP B 332 -13.99 -2.41 -28.05
C ASP B 332 -12.49 -2.17 -28.25
N TRP B 333 -12.05 -0.91 -28.27
CA TRP B 333 -10.62 -0.51 -28.36
C TRP B 333 -9.82 -1.22 -27.26
N LYS B 334 -8.60 -1.66 -27.59
CA LYS B 334 -7.61 -2.24 -26.64
C LYS B 334 -6.28 -1.51 -26.83
N PRO B 335 -5.45 -1.36 -25.78
CA PRO B 335 -4.13 -0.72 -25.92
C PRO B 335 -3.28 -1.36 -27.01
N GLY B 336 -2.74 -0.53 -27.92
CA GLY B 336 -1.85 -0.96 -29.02
C GLY B 336 -0.40 -1.04 -28.56
N ALA B 337 0.53 -0.66 -29.44
CA ALA B 337 2.00 -0.73 -29.21
C ALA B 337 2.44 0.48 -28.38
N GLY B 338 3.11 0.22 -27.24
CA GLY B 338 3.59 1.26 -26.32
C GLY B 338 2.46 2.11 -25.76
N GLN B 339 1.28 1.50 -25.59
CA GLN B 339 0.06 2.17 -25.04
C GLN B 339 -0.34 1.47 -23.74
N THR B 340 -1.22 2.12 -22.97
CA THR B 340 -1.88 1.58 -21.76
C THR B 340 -3.39 1.82 -21.90
N TRP B 341 -4.17 1.39 -20.90
CA TRP B 341 -5.64 1.58 -20.89
C TRP B 341 -6.01 3.06 -20.64
N HIS B 342 -5.02 3.90 -20.29
CA HIS B 342 -5.16 5.38 -20.18
C HIS B 342 -4.98 6.05 -21.54
N SER B 343 -4.40 5.36 -22.54
CA SER B 343 -3.96 5.94 -23.83
C SER B 343 -5.15 6.44 -24.67
N PHE B 344 -6.37 5.92 -24.44
CA PHE B 344 -7.60 6.30 -25.19
C PHE B 344 -7.90 7.78 -25.01
N ASN B 345 -7.45 8.37 -23.89
CA ASN B 345 -7.62 9.80 -23.54
C ASN B 345 -6.89 10.68 -24.59
N ASP B 346 -5.82 10.17 -25.19
CA ASP B 346 -5.04 10.86 -26.25
C ASP B 346 -5.94 11.20 -27.44
N TYR B 347 -6.98 10.39 -27.70
CA TYR B 347 -7.91 10.52 -28.85
C TYR B 347 -9.07 11.47 -28.52
N ILE B 348 -9.27 11.81 -27.24
CA ILE B 348 -10.42 12.63 -26.75
C ILE B 348 -9.99 14.10 -26.67
N ASN B 349 -10.79 15.00 -27.25
CA ASN B 349 -10.59 16.46 -27.21
C ASN B 349 -11.43 17.04 -26.07
N PHE B 350 -10.84 17.11 -24.87
CA PHE B 350 -11.52 17.54 -23.61
C PHE B 350 -11.68 19.06 -23.56
N SER B 351 -11.12 19.80 -24.53
CA SER B 351 -11.18 21.29 -24.59
C SER B 351 -12.42 21.76 -25.38
N ASP B 352 -13.05 20.86 -26.15
CA ASP B 352 -14.21 21.15 -27.03
C ASP B 352 -15.43 21.53 -26.18
N LYS B 353 -15.80 22.81 -26.17
CA LYS B 353 -16.88 23.39 -25.32
C LYS B 353 -18.24 22.80 -25.72
N ALA B 354 -18.62 22.96 -26.99
CA ALA B 354 -19.93 22.58 -27.56
C ALA B 354 -20.16 21.08 -27.42
N GLY B 355 -19.18 20.27 -27.81
CA GLY B 355 -19.21 18.79 -27.75
C GLY B 355 -19.50 18.29 -26.34
N TRP B 356 -18.80 18.84 -25.34
CA TRP B 356 -18.86 18.35 -23.94
C TRP B 356 -20.05 18.94 -23.18
N GLU B 357 -20.64 20.03 -23.69
CA GLU B 357 -21.91 20.60 -23.17
C GLU B 357 -23.06 19.62 -23.43
N LYS B 358 -22.91 18.74 -24.43
CA LYS B 358 -23.93 17.69 -24.78
C LYS B 358 -23.98 16.60 -23.71
N TRP B 359 -22.97 16.53 -22.82
CA TRP B 359 -22.93 15.55 -21.70
C TRP B 359 -23.90 15.99 -20.60
N TRP B 360 -23.47 16.12 -19.33
CA TRP B 360 -24.35 16.52 -18.20
C TRP B 360 -24.83 17.96 -18.39
N GLY B 361 -23.95 18.84 -18.86
CA GLY B 361 -24.25 20.27 -19.11
C GLY B 361 -23.77 21.15 -17.97
N LYS B 362 -23.51 22.42 -18.28
CA LYS B 362 -22.89 23.42 -17.37
C LYS B 362 -23.72 23.60 -16.08
N LYS B 363 -25.02 23.29 -16.13
CA LYS B 363 -25.95 23.50 -14.99
C LYS B 363 -25.83 22.38 -13.94
N TRP B 364 -25.12 21.28 -14.26
CA TRP B 364 -25.18 20.01 -13.48
C TRP B 364 -23.87 19.72 -12.75
N ILE B 365 -22.71 19.85 -13.39
CA ILE B 365 -21.42 19.32 -12.86
C ILE B 365 -20.30 20.36 -12.97
N ARG B 366 -19.34 20.29 -12.04
CA ARG B 366 -17.99 20.90 -12.15
C ARG B 366 -17.02 19.83 -12.65
N ILE B 367 -16.16 20.19 -13.60
CA ILE B 367 -15.08 19.31 -14.14
C ILE B 367 -14.15 20.16 -15.01
N ASP B 368 -12.88 19.80 -15.08
CA ASP B 368 -11.85 20.53 -15.88
C ASP B 368 -11.96 20.08 -17.34
N ILE B 369 -13.15 20.23 -17.93
CA ILE B 369 -13.50 19.86 -19.33
C ILE B 369 -14.26 21.03 -19.96
N GLY B 370 -14.01 21.30 -21.24
CA GLY B 370 -14.79 22.24 -22.08
C GLY B 370 -15.13 23.53 -21.35
N ASP B 371 -16.42 23.84 -21.26
CA ASP B 371 -16.96 25.15 -20.77
C ASP B 371 -17.56 25.00 -19.37
N TYR B 372 -17.39 23.84 -18.72
CA TYR B 372 -17.99 23.52 -17.39
C TYR B 372 -17.43 24.48 -16.34
N ASP B 373 -18.24 24.80 -15.32
CA ASP B 373 -17.78 25.49 -14.09
C ASP B 373 -16.50 24.79 -13.62
N ASN B 374 -15.45 25.56 -13.33
CA ASN B 374 -14.16 25.00 -12.84
C ASN B 374 -14.40 24.37 -11.48
N PRO B 375 -13.84 23.16 -11.22
CA PRO B 375 -13.80 22.62 -9.85
C PRO B 375 -13.11 23.61 -8.91
N GLY B 376 -13.46 23.56 -7.63
CA GLY B 376 -12.84 24.39 -6.56
C GLY B 376 -11.62 23.70 -5.97
N TYR B 377 -11.04 24.31 -4.94
CA TYR B 377 -9.80 23.85 -4.27
C TYR B 377 -10.13 23.41 -2.83
N ASP B 378 -11.37 22.99 -2.61
CA ASP B 378 -11.93 22.60 -1.29
C ASP B 378 -12.66 21.27 -1.43
N ASP B 379 -12.91 20.59 -0.30
CA ASP B 379 -13.55 19.24 -0.25
C ASP B 379 -14.90 19.27 -0.98
N LEU B 380 -15.69 20.33 -0.81
CA LEU B 380 -17.12 20.36 -1.25
C LEU B 380 -17.24 20.55 -2.77
N THR B 381 -16.36 21.35 -3.41
CA THR B 381 -16.51 21.74 -4.83
C THR B 381 -15.35 21.21 -5.68
N MET B 382 -14.38 20.48 -5.11
CA MET B 382 -13.28 19.86 -5.87
C MET B 382 -13.84 18.74 -6.76
N SER B 383 -13.17 18.47 -7.89
CA SER B 383 -13.40 17.28 -8.74
C SER B 383 -12.58 16.12 -8.18
N LEU B 384 -13.14 15.39 -7.21
CA LEU B 384 -12.48 14.27 -6.49
C LEU B 384 -12.11 13.18 -7.50
N ALA B 385 -10.82 12.85 -7.60
CA ALA B 385 -10.26 11.85 -8.54
C ALA B 385 -10.77 12.13 -9.97
N PHE B 386 -10.92 13.40 -10.34
CA PHE B 386 -11.33 13.90 -11.68
C PHE B 386 -12.77 13.48 -12.02
N LEU B 387 -13.55 13.06 -11.03
CA LEU B 387 -14.98 12.69 -11.23
C LEU B 387 -15.81 13.97 -11.40
N PRO B 388 -16.82 13.98 -12.30
CA PRO B 388 -17.68 15.15 -12.47
C PRO B 388 -18.41 15.45 -11.15
N ASP B 389 -18.20 16.64 -10.60
CA ASP B 389 -18.71 17.05 -9.26
C ASP B 389 -20.10 17.67 -9.42
N LEU B 390 -21.14 16.96 -8.99
CA LEU B 390 -22.55 17.40 -9.11
C LEU B 390 -22.75 18.67 -8.27
N LYS B 391 -23.39 19.69 -8.85
CA LYS B 391 -23.58 21.03 -8.24
C LYS B 391 -24.74 20.94 -7.24
N THR B 392 -24.52 20.25 -6.12
CA THR B 392 -25.51 19.97 -5.05
C THR B 392 -25.97 21.27 -4.38
N GLU B 393 -25.11 22.29 -4.36
CA GLU B 393 -25.34 23.60 -3.69
C GLU B 393 -26.06 24.58 -4.62
N SER B 394 -26.13 24.28 -5.93
CA SER B 394 -26.73 25.18 -6.95
C SER B 394 -28.22 25.37 -6.67
N LYS B 395 -28.69 26.63 -6.78
CA LYS B 395 -30.13 27.01 -6.69
C LYS B 395 -30.68 27.23 -8.10
N GLU B 396 -29.85 27.06 -9.14
CA GLU B 396 -30.25 27.23 -10.56
C GLU B 396 -31.13 26.04 -10.97
N ILE B 397 -32.28 26.32 -11.59
CA ILE B 397 -33.22 25.31 -12.15
C ILE B 397 -32.58 24.74 -13.42
N SER B 398 -32.27 23.44 -13.42
CA SER B 398 -31.33 22.79 -14.39
C SER B 398 -32.07 22.19 -15.58
N GLY B 399 -33.28 21.67 -15.37
CA GLY B 399 -33.89 20.65 -16.25
C GLY B 399 -33.10 19.36 -16.13
N LEU B 400 -33.34 18.39 -17.03
CA LEU B 400 -32.62 17.09 -17.02
C LEU B 400 -31.23 17.28 -17.60
N PRO B 401 -30.28 16.34 -17.32
CA PRO B 401 -28.98 16.34 -17.99
C PRO B 401 -29.17 16.32 -19.51
N ASN B 402 -28.33 17.05 -20.24
CA ASN B 402 -28.47 17.27 -21.71
C ASN B 402 -28.47 15.92 -22.45
N PHE B 403 -27.61 14.99 -22.06
CA PHE B 403 -27.38 13.70 -22.78
C PHE B 403 -28.55 12.73 -22.55
N TYR B 404 -29.44 13.02 -21.61
CA TYR B 404 -30.68 12.23 -21.35
C TYR B 404 -31.64 12.35 -22.54
N SER B 405 -31.44 13.38 -23.39
CA SER B 405 -32.19 13.58 -24.67
C SER B 405 -31.91 12.44 -25.65
N HIS B 406 -30.77 11.74 -25.49
CA HIS B 406 -30.36 10.57 -26.31
C HIS B 406 -30.43 9.28 -25.49
N LYS B 407 -31.13 9.31 -24.34
CA LYS B 407 -31.32 8.14 -23.43
C LYS B 407 -32.81 7.89 -23.26
N PRO B 408 -33.48 7.29 -24.27
CA PRO B 408 -34.94 7.12 -24.24
C PRO B 408 -35.47 6.21 -23.12
N ASP B 409 -34.62 5.36 -22.52
CA ASP B 409 -35.02 4.35 -21.51
C ASP B 409 -35.05 4.96 -20.10
N THR B 410 -34.62 6.22 -19.91
CA THR B 410 -34.53 6.87 -18.58
C THR B 410 -35.94 7.02 -17.98
N ALA B 411 -36.05 6.85 -16.65
CA ALA B 411 -37.28 7.10 -15.86
C ALA B 411 -37.25 8.52 -15.31
N ALA B 412 -36.17 9.26 -15.57
CA ALA B 412 -36.00 10.69 -15.18
C ALA B 412 -36.95 11.55 -16.02
N LYS B 413 -37.68 12.46 -15.35
CA LYS B 413 -38.60 13.44 -15.99
C LYS B 413 -38.22 14.84 -15.50
N ALA B 414 -38.26 15.84 -16.41
CA ALA B 414 -38.10 17.28 -16.08
C ALA B 414 -39.25 17.70 -15.16
N ILE B 415 -38.93 18.21 -13.96
CA ILE B 415 -39.90 18.72 -12.96
C ILE B 415 -39.68 20.21 -12.79
N PRO B 416 -40.67 21.07 -13.14
CA PRO B 416 -40.53 22.52 -12.98
C PRO B 416 -39.99 22.96 -11.61
N GLY B 417 -38.94 23.80 -11.60
CA GLY B 417 -38.36 24.43 -10.39
C GLY B 417 -37.30 23.56 -9.72
N TYR B 418 -37.01 22.38 -10.25
CA TYR B 418 -36.05 21.40 -9.64
C TYR B 418 -34.61 21.83 -9.95
N THR B 419 -33.78 21.84 -8.90
CA THR B 419 -32.29 21.98 -8.98
C THR B 419 -31.69 20.58 -9.12
N PRO B 420 -30.41 20.45 -9.53
CA PRO B 420 -29.71 19.16 -9.51
C PRO B 420 -29.91 18.37 -8.20
N ARG B 421 -29.82 19.03 -7.05
CA ARG B 421 -30.02 18.41 -5.70
C ARG B 421 -31.42 17.82 -5.61
N ASP B 422 -32.45 18.59 -6.00
CA ASP B 422 -33.87 18.19 -5.93
C ASP B 422 -34.06 16.87 -6.71
N TYR B 423 -33.51 16.79 -7.92
CA TYR B 423 -33.57 15.59 -8.80
C TYR B 423 -32.92 14.40 -8.09
N LEU B 424 -31.71 14.59 -7.55
CA LEU B 424 -30.89 13.52 -6.92
C LEU B 424 -31.63 12.94 -5.70
N THR B 425 -32.12 13.79 -4.79
CA THR B 425 -32.85 13.36 -3.57
C THR B 425 -34.17 12.68 -3.98
N HIS B 426 -34.84 13.21 -5.01
CA HIS B 426 -36.10 12.65 -5.60
C HIS B 426 -35.82 11.24 -6.17
N TRP B 427 -34.77 11.11 -6.98
CA TRP B 427 -34.39 9.85 -7.66
C TRP B 427 -34.05 8.77 -6.63
N LEU B 428 -33.26 9.10 -5.61
CA LEU B 428 -32.84 8.15 -4.53
C LEU B 428 -34.05 7.78 -3.68
N SER B 429 -34.88 8.76 -3.32
CA SER B 429 -36.10 8.59 -2.47
C SER B 429 -37.10 7.66 -3.15
N GLN B 430 -37.16 7.68 -4.48
CA GLN B 430 -38.14 6.89 -5.31
C GLN B 430 -37.96 5.39 -5.03
N TRP B 431 -36.71 4.93 -4.84
CA TRP B 431 -36.38 3.50 -4.57
C TRP B 431 -36.89 3.11 -3.17
N VAL B 432 -36.74 4.01 -2.20
CA VAL B 432 -37.22 3.82 -0.80
C VAL B 432 -38.75 3.74 -0.84
N ARG B 433 -39.38 4.63 -1.61
CA ARG B 433 -40.85 4.75 -1.74
C ARG B 433 -41.43 3.45 -2.34
N ASP B 434 -40.74 2.89 -3.35
CA ASP B 434 -41.30 1.80 -4.21
C ASP B 434 -40.90 0.41 -3.69
N TYR B 435 -39.80 0.27 -2.93
CA TYR B 435 -39.24 -1.05 -2.52
C TYR B 435 -39.10 -1.17 -1.01
N GLY B 436 -39.18 -0.08 -0.24
CA GLY B 436 -39.09 -0.08 1.22
C GLY B 436 -37.66 -0.28 1.71
N ILE B 437 -36.71 0.35 1.02
CA ILE B 437 -35.26 0.36 1.41
C ILE B 437 -35.18 0.99 2.82
N ASP B 438 -34.55 0.29 3.76
CA ASP B 438 -34.57 0.61 5.21
C ASP B 438 -33.63 1.81 5.48
N GLY B 439 -32.58 1.99 4.68
CA GLY B 439 -31.59 3.05 4.89
C GLY B 439 -30.60 3.18 3.75
N PHE B 440 -29.74 4.19 3.82
CA PHE B 440 -28.60 4.41 2.90
C PHE B 440 -27.28 4.38 3.67
N ARG B 441 -26.24 3.82 3.06
CA ARG B 441 -24.82 4.14 3.36
C ARG B 441 -24.38 5.18 2.33
N VAL B 442 -24.04 6.38 2.81
CA VAL B 442 -23.75 7.57 1.96
C VAL B 442 -22.24 7.64 1.69
N ASP B 443 -21.86 7.61 0.41
CA ASP B 443 -20.45 7.77 -0.04
C ASP B 443 -20.05 9.25 0.03
N THR B 444 -18.73 9.52 0.04
CA THR B 444 -18.13 10.87 -0.16
C THR B 444 -18.92 11.92 0.62
N ALA B 445 -19.19 11.65 1.90
CA ALA B 445 -20.03 12.48 2.80
C ALA B 445 -19.42 13.88 2.98
N LYS B 446 -18.10 14.00 3.03
CA LYS B 446 -17.43 15.30 3.29
C LYS B 446 -17.20 16.08 1.99
N HIS B 447 -17.76 15.63 0.86
CA HIS B 447 -17.60 16.27 -0.47
C HIS B 447 -18.92 16.86 -0.96
N VAL B 448 -19.97 16.80 -0.13
CA VAL B 448 -21.32 17.41 -0.38
C VAL B 448 -21.73 18.17 0.88
N GLU B 449 -22.33 19.35 0.71
CA GLU B 449 -22.72 20.26 1.83
C GLU B 449 -23.79 19.56 2.70
N MET B 450 -23.82 19.90 3.99
CA MET B 450 -24.67 19.25 5.02
C MET B 450 -26.16 19.38 4.68
N ASP B 451 -26.56 20.50 4.06
CA ASP B 451 -27.98 20.79 3.68
C ASP B 451 -28.50 19.72 2.71
N ALA B 452 -27.66 19.27 1.76
CA ALA B 452 -28.05 18.27 0.72
C ALA B 452 -28.35 16.92 1.38
N TRP B 453 -27.56 16.53 2.39
CA TRP B 453 -27.73 15.26 3.14
C TRP B 453 -29.00 15.34 4.02
N GLN B 454 -29.29 16.52 4.58
CA GLN B 454 -30.53 16.74 5.39
C GLN B 454 -31.76 16.56 4.49
N GLN B 455 -31.74 17.14 3.28
CA GLN B 455 -32.85 17.03 2.29
C GLN B 455 -33.04 15.55 1.91
N LEU B 456 -31.93 14.85 1.63
CA LEU B 456 -31.95 13.40 1.26
C LEU B 456 -32.60 12.61 2.39
N LYS B 457 -32.19 12.86 3.64
CA LYS B 457 -32.70 12.14 4.84
C LYS B 457 -34.20 12.43 5.03
N THR B 458 -34.61 13.69 4.91
CA THR B 458 -36.01 14.15 5.08
C THR B 458 -36.91 13.40 4.08
N GLN B 459 -36.55 13.44 2.79
CA GLN B 459 -37.36 12.87 1.68
C GLN B 459 -37.37 11.33 1.79
N ALA B 460 -36.24 10.71 2.13
CA ALA B 460 -36.09 9.25 2.30
C ALA B 460 -36.93 8.78 3.50
N THR B 461 -36.95 9.56 4.58
CA THR B 461 -37.72 9.29 5.82
C THR B 461 -39.22 9.25 5.49
N ALA B 462 -39.69 10.20 4.68
CA ALA B 462 -41.08 10.29 4.19
C ALA B 462 -41.38 9.10 3.27
N ALA B 463 -40.46 8.79 2.35
CA ALA B 463 -40.56 7.69 1.37
C ALA B 463 -40.81 6.36 2.09
N LEU B 464 -40.02 6.03 3.12
CA LEU B 464 -40.10 4.73 3.83
C LEU B 464 -41.40 4.67 4.64
N ALA B 465 -41.67 5.69 5.47
CA ALA B 465 -42.89 5.82 6.29
C ALA B 465 -44.13 5.54 5.44
N GLU B 466 -44.14 6.04 4.20
CA GLU B 466 -45.25 5.87 3.22
C GLU B 466 -45.33 4.39 2.80
N TRP B 467 -44.19 3.79 2.42
CA TRP B 467 -44.10 2.38 1.96
C TRP B 467 -44.57 1.43 3.07
N LYS B 468 -44.12 1.66 4.30
CA LYS B 468 -44.45 0.81 5.48
C LYS B 468 -45.96 0.89 5.76
N LYS B 469 -46.60 2.01 5.42
CA LYS B 469 -48.07 2.21 5.56
C LYS B 469 -48.80 1.46 4.45
N ALA B 470 -48.31 1.57 3.21
CA ALA B 470 -48.88 0.93 1.99
C ALA B 470 -48.65 -0.58 2.01
N ASN B 471 -47.68 -1.06 2.80
CA ASN B 471 -47.31 -2.50 2.89
C ASN B 471 -47.19 -2.90 4.36
N PRO B 472 -48.30 -2.89 5.14
CA PRO B 472 -48.25 -3.23 6.56
C PRO B 472 -47.92 -4.71 6.79
N ASP B 473 -48.28 -5.56 5.82
CA ASP B 473 -47.98 -7.02 5.80
C ASP B 473 -46.46 -7.26 5.65
N LYS B 474 -45.75 -6.33 5.01
CA LYS B 474 -44.30 -6.45 4.67
C LYS B 474 -43.42 -5.70 5.68
N ALA B 475 -43.96 -4.67 6.35
CA ALA B 475 -43.23 -3.84 7.34
C ALA B 475 -42.95 -4.66 8.59
N LEU B 476 -41.68 -4.68 9.04
CA LEU B 476 -41.22 -5.44 10.25
C LEU B 476 -41.48 -4.60 11.51
N ASP B 477 -41.49 -3.27 11.37
CA ASP B 477 -41.75 -2.30 12.47
C ASP B 477 -42.11 -0.95 11.84
N ALA B 478 -42.27 0.09 12.66
CA ALA B 478 -42.54 1.49 12.23
C ALA B 478 -41.26 2.33 12.31
N ALA B 479 -40.11 1.69 12.51
CA ALA B 479 -38.78 2.34 12.71
C ALA B 479 -38.51 3.27 11.53
N PRO B 480 -37.97 4.49 11.77
CA PRO B 480 -37.74 5.46 10.70
C PRO B 480 -36.54 5.06 9.82
N PHE B 481 -36.44 5.68 8.64
CA PHE B 481 -35.32 5.51 7.68
C PHE B 481 -33.99 5.84 8.39
N TRP B 482 -32.98 5.00 8.15
CA TRP B 482 -31.66 5.04 8.82
C TRP B 482 -30.58 5.44 7.80
N MET B 483 -29.65 6.31 8.17
CA MET B 483 -28.61 6.81 7.23
C MET B 483 -27.25 6.85 7.91
N THR B 484 -26.29 6.09 7.39
CA THR B 484 -24.84 6.13 7.74
C THR B 484 -24.09 6.75 6.56
N GLY B 485 -22.87 7.24 6.81
CA GLY B 485 -22.05 7.93 5.79
C GLY B 485 -20.57 7.64 5.97
N GLU B 486 -19.81 7.69 4.88
CA GLU B 486 -18.34 7.62 4.90
C GLU B 486 -17.78 9.03 4.78
N ALA B 487 -17.44 9.65 5.92
CA ALA B 487 -16.58 10.84 6.01
C ALA B 487 -15.17 10.35 6.31
N TRP B 488 -14.25 10.48 5.35
CA TRP B 488 -12.89 9.90 5.40
C TRP B 488 -12.22 10.24 6.74
N GLY B 489 -11.75 9.20 7.45
CA GLY B 489 -10.96 9.34 8.69
C GLY B 489 -11.82 9.52 9.93
N HIS B 490 -13.16 9.56 9.78
CA HIS B 490 -14.12 9.77 10.89
C HIS B 490 -13.90 8.69 11.96
N GLY B 491 -13.88 9.08 13.23
CA GLY B 491 -13.67 8.19 14.39
C GLY B 491 -14.91 8.10 15.26
N VAL B 492 -14.72 7.69 16.52
CA VAL B 492 -15.82 7.54 17.53
C VAL B 492 -16.06 8.92 18.15
N MET B 493 -16.73 9.81 17.40
CA MET B 493 -17.06 11.19 17.83
C MET B 493 -18.46 11.55 17.30
N GLN B 494 -19.26 12.27 18.09
CA GLN B 494 -20.60 12.75 17.69
C GLN B 494 -20.43 14.07 16.91
N SER B 495 -20.07 13.95 15.63
CA SER B 495 -19.71 15.06 14.71
C SER B 495 -20.96 15.82 14.27
N ASP B 496 -20.76 16.87 13.45
CA ASP B 496 -21.83 17.73 12.89
C ASP B 496 -22.78 16.91 12.01
N TYR B 497 -22.29 15.83 11.40
CA TYR B 497 -23.09 14.90 10.53
C TYR B 497 -24.35 14.45 11.28
N TYR B 498 -24.21 14.18 12.58
CA TYR B 498 -25.29 13.63 13.47
C TYR B 498 -26.42 14.65 13.67
N ARG B 499 -26.20 15.91 13.26
CA ARG B 499 -27.18 17.03 13.40
C ARG B 499 -27.78 17.39 12.03
N HIS B 500 -27.41 16.66 10.97
CA HIS B 500 -27.82 16.97 9.57
C HIS B 500 -28.28 15.70 8.83
N GLY B 501 -28.77 14.68 9.54
CA GLY B 501 -29.52 13.56 8.96
C GLY B 501 -28.89 12.19 9.21
N PHE B 502 -27.64 12.13 9.67
CA PHE B 502 -26.90 10.85 9.88
C PHE B 502 -27.21 10.31 11.27
N ASP B 503 -27.58 9.02 11.35
CA ASP B 503 -27.90 8.27 12.59
C ASP B 503 -26.62 7.63 13.13
N ALA B 504 -25.61 7.46 12.27
CA ALA B 504 -24.29 6.89 12.61
C ALA B 504 -23.32 7.24 11.49
N MET B 505 -22.04 7.41 11.81
CA MET B 505 -20.96 7.57 10.80
C MET B 505 -20.06 6.34 10.87
N ILE B 506 -19.49 5.96 9.72
CA ILE B 506 -18.54 4.81 9.62
C ILE B 506 -17.26 5.18 10.39
N ASN B 507 -16.84 4.30 11.31
CA ASN B 507 -15.70 4.51 12.24
C ASN B 507 -14.43 3.89 11.64
N PHE B 508 -13.48 4.74 11.22
CA PHE B 508 -12.22 4.34 10.54
C PHE B 508 -11.21 3.80 11.56
N ASP B 509 -11.37 4.10 12.85
CA ASP B 509 -10.32 3.94 13.88
C ASP B 509 -10.30 2.51 14.45
N TYR B 510 -11.39 1.75 14.32
CA TYR B 510 -11.49 0.40 14.90
C TYR B 510 -10.48 -0.56 14.25
N GLN B 511 -10.30 -0.45 12.94
CA GLN B 511 -9.42 -1.33 12.11
C GLN B 511 -8.03 -1.44 12.77
N ASP B 512 -7.39 -0.30 13.05
CA ASP B 512 -6.02 -0.22 13.62
C ASP B 512 -6.02 -0.78 15.05
N GLN B 513 -7.11 -0.58 15.80
CA GLN B 513 -7.25 -1.06 17.20
C GLN B 513 -7.39 -2.59 17.21
N ALA B 514 -8.19 -3.15 16.30
CA ALA B 514 -8.35 -4.60 16.10
C ALA B 514 -7.00 -5.22 15.69
N ALA B 515 -6.25 -4.54 14.83
CA ALA B 515 -4.92 -4.96 14.32
C ALA B 515 -3.96 -5.15 15.50
N LYS B 516 -4.02 -4.27 16.50
CA LYS B 516 -3.15 -4.29 17.71
C LYS B 516 -3.52 -5.48 18.61
N ALA B 517 -4.76 -5.97 18.54
CA ALA B 517 -5.29 -7.08 19.36
C ALA B 517 -5.35 -8.39 18.56
N ALA B 518 -4.71 -8.43 17.37
CA ALA B 518 -4.76 -9.57 16.43
C ALA B 518 -4.00 -10.78 17.00
N THR B 519 -2.92 -10.52 17.76
CA THR B 519 -2.04 -11.55 18.37
C THR B 519 -2.51 -11.85 19.80
N CYS B 520 -3.29 -10.95 20.42
CA CYS B 520 -3.83 -11.08 21.80
C CYS B 520 -5.15 -10.30 21.91
N MET B 521 -6.28 -11.03 21.97
CA MET B 521 -7.65 -10.46 21.95
C MET B 521 -7.82 -9.46 23.10
N ALA B 522 -7.27 -9.77 24.28
CA ALA B 522 -7.41 -8.98 25.53
C ALA B 522 -7.01 -7.52 25.30
N ASN B 523 -6.10 -7.24 24.35
CA ASN B 523 -5.51 -5.90 24.12
C ASN B 523 -6.56 -4.93 23.57
N ILE B 524 -7.72 -5.43 23.12
CA ILE B 524 -8.85 -4.59 22.60
C ILE B 524 -9.62 -3.97 23.77
N ASP B 525 -9.35 -4.39 25.01
CA ASP B 525 -10.18 -4.07 26.20
C ASP B 525 -10.45 -2.55 26.30
N LEU B 526 -9.39 -1.73 26.33
CA LEU B 526 -9.50 -0.27 26.52
C LEU B 526 -10.37 0.34 25.41
N THR B 527 -10.16 -0.08 24.16
CA THR B 527 -10.97 0.35 22.99
C THR B 527 -12.46 0.06 23.29
N TRP B 528 -12.78 -1.18 23.70
CA TRP B 528 -14.16 -1.62 24.01
C TRP B 528 -14.73 -0.82 25.19
N GLN B 529 -13.95 -0.63 26.26
CA GLN B 529 -14.34 0.18 27.44
C GLN B 529 -14.72 1.59 26.98
N GLN B 530 -13.85 2.23 26.20
CA GLN B 530 -14.02 3.63 25.72
C GLN B 530 -15.25 3.73 24.81
N MET B 531 -15.37 2.83 23.83
CA MET B 531 -16.49 2.82 22.85
C MET B 531 -17.83 2.59 23.58
N ALA B 532 -17.90 1.58 24.44
CA ALA B 532 -19.10 1.23 25.24
C ALA B 532 -19.64 2.48 25.95
N ASP B 533 -18.75 3.24 26.60
CA ASP B 533 -19.10 4.46 27.38
C ASP B 533 -19.51 5.59 26.43
N LYS B 534 -18.67 5.91 25.45
CA LYS B 534 -18.90 7.02 24.47
C LYS B 534 -20.23 6.80 23.74
N LEU B 535 -20.49 5.56 23.31
CA LEU B 535 -21.65 5.21 22.44
C LEU B 535 -22.91 4.98 23.28
N GLN B 536 -22.95 5.49 24.52
CA GLN B 536 -24.21 5.61 25.31
C GLN B 536 -25.04 6.77 24.74
N SER B 537 -24.38 7.75 24.12
CA SER B 537 -24.97 9.02 23.62
C SER B 537 -25.26 8.97 22.12
N PHE B 538 -24.53 8.14 21.36
CA PHE B 538 -24.63 8.07 19.88
C PHE B 538 -24.13 6.71 19.38
N ASN B 539 -24.24 6.48 18.06
CA ASN B 539 -23.90 5.19 17.39
C ASN B 539 -22.87 5.45 16.29
N VAL B 540 -21.99 4.47 16.03
CA VAL B 540 -21.05 4.44 14.88
C VAL B 540 -21.13 3.06 14.24
N LEU B 541 -20.67 2.95 12.99
CA LEU B 541 -20.53 1.67 12.25
C LEU B 541 -19.03 1.36 12.08
N SER B 542 -18.53 0.37 12.81
CA SER B 542 -17.10 -0.06 12.84
C SER B 542 -16.92 -1.28 11.94
N TYR B 543 -15.70 -1.50 11.44
CA TYR B 543 -15.34 -2.58 10.50
C TYR B 543 -13.89 -3.03 10.73
N LEU B 544 -13.59 -4.26 10.31
CA LEU B 544 -12.20 -4.81 10.23
C LEU B 544 -11.66 -4.58 8.82
N SER B 545 -12.52 -4.73 7.80
CA SER B 545 -12.17 -4.71 6.36
C SER B 545 -13.12 -3.77 5.60
N SER B 546 -12.65 -3.21 4.49
CA SER B 546 -13.49 -2.42 3.54
C SER B 546 -12.82 -2.36 2.16
N HIS B 547 -13.56 -1.83 1.19
CA HIS B 547 -13.19 -1.71 -0.26
C HIS B 547 -12.11 -0.63 -0.47
N ASP B 548 -11.91 0.29 0.48
CA ASP B 548 -11.00 1.46 0.30
C ASP B 548 -9.98 1.53 1.45
N THR B 549 -9.74 0.43 2.15
CA THR B 549 -8.66 0.29 3.17
C THR B 549 -7.88 -0.99 2.87
N ARG B 550 -8.26 -2.12 3.48
CA ARG B 550 -7.56 -3.42 3.33
C ARG B 550 -8.45 -4.54 3.86
N LEU B 551 -8.06 -5.79 3.63
CA LEU B 551 -8.71 -6.99 4.21
C LEU B 551 -7.99 -7.38 5.50
N PHE B 552 -8.72 -7.48 6.61
CA PHE B 552 -8.20 -7.88 7.94
C PHE B 552 -8.02 -9.40 7.95
N ARG B 553 -6.78 -9.87 7.72
CA ARG B 553 -6.46 -11.31 7.61
C ARG B 553 -5.34 -11.70 8.59
N GLU B 554 -4.95 -10.82 9.51
CA GLU B 554 -3.87 -11.07 10.50
C GLU B 554 -4.43 -11.69 11.78
N GLY B 555 -5.74 -11.56 12.03
CA GLY B 555 -6.41 -12.04 13.26
C GLY B 555 -6.47 -13.56 13.32
N GLY B 556 -6.33 -14.23 12.17
CA GLY B 556 -6.47 -15.70 12.06
C GLY B 556 -7.91 -16.12 12.30
N ALA B 557 -8.14 -16.90 13.36
CA ALA B 557 -9.47 -17.46 13.73
C ALA B 557 -10.17 -16.57 14.76
N THR B 558 -9.63 -15.38 15.06
CA THR B 558 -10.11 -14.48 16.15
C THR B 558 -10.84 -13.25 15.59
N ALA B 559 -10.90 -13.08 14.28
CA ALA B 559 -11.50 -11.90 13.61
C ALA B 559 -12.96 -11.74 14.02
N ALA B 560 -13.70 -12.85 14.12
CA ALA B 560 -15.14 -12.89 14.44
C ALA B 560 -15.42 -12.12 15.74
N GLU B 561 -14.77 -12.53 16.84
CA GLU B 561 -15.00 -11.95 18.20
C GLU B 561 -14.43 -10.52 18.25
N LEU B 562 -13.35 -10.24 17.52
CA LEU B 562 -12.74 -8.88 17.45
C LEU B 562 -13.76 -7.89 16.88
N LEU B 563 -14.53 -8.29 15.84
CA LEU B 563 -15.55 -7.40 15.20
C LEU B 563 -16.87 -7.46 15.98
N LEU B 564 -17.43 -8.65 16.15
CA LEU B 564 -18.85 -8.85 16.54
C LEU B 564 -19.10 -8.47 18.01
N LEU B 565 -18.07 -8.52 18.86
CA LEU B 565 -18.20 -8.15 20.30
C LEU B 565 -17.87 -6.66 20.51
N ALA B 566 -17.62 -5.90 19.44
CA ALA B 566 -17.39 -4.44 19.48
C ALA B 566 -18.69 -3.72 19.81
N PRO B 567 -18.68 -2.73 20.72
CA PRO B 567 -19.83 -1.83 20.91
C PRO B 567 -20.23 -1.08 19.63
N GLY B 568 -21.49 -0.66 19.55
CA GLY B 568 -22.08 0.03 18.38
C GLY B 568 -22.32 -0.95 17.23
N ALA B 569 -22.90 -0.45 16.14
CA ALA B 569 -23.14 -1.21 14.88
C ALA B 569 -21.79 -1.70 14.35
N VAL B 570 -21.77 -2.90 13.76
CA VAL B 570 -20.54 -3.51 13.17
C VAL B 570 -20.83 -3.89 11.72
N GLN B 571 -19.82 -3.76 10.86
CA GLN B 571 -19.89 -4.05 9.41
C GLN B 571 -18.93 -5.19 9.09
N ILE B 572 -19.50 -6.35 8.73
CA ILE B 572 -18.76 -7.49 8.11
C ILE B 572 -18.62 -7.15 6.62
N PHE B 573 -17.38 -7.06 6.12
CA PHE B 573 -17.10 -7.01 4.67
C PHE B 573 -17.15 -8.44 4.13
N TYR B 574 -17.86 -8.66 3.03
CA TYR B 574 -18.11 -10.02 2.45
C TYR B 574 -16.78 -10.78 2.39
N GLY B 575 -16.74 -11.98 2.97
CA GLY B 575 -15.57 -12.88 2.92
C GLY B 575 -14.69 -12.77 4.15
N ASP B 576 -14.99 -11.87 5.09
CA ASP B 576 -14.32 -11.80 6.42
C ASP B 576 -14.49 -13.14 7.12
N GLU B 577 -15.69 -13.73 7.01
CA GLU B 577 -16.11 -14.98 7.70
C GLU B 577 -15.37 -16.19 7.11
N SER B 578 -14.84 -16.07 5.89
CA SER B 578 -14.17 -17.16 5.13
C SER B 578 -12.72 -16.79 4.80
N SER B 579 -12.21 -15.69 5.36
CA SER B 579 -10.85 -15.14 5.10
C SER B 579 -10.60 -15.04 3.58
N ARG B 580 -11.55 -14.45 2.85
CA ARG B 580 -11.44 -14.19 1.39
C ARG B 580 -10.10 -13.52 1.11
N PRO B 581 -9.20 -14.13 0.30
CA PRO B 581 -7.89 -13.54 0.04
C PRO B 581 -7.94 -12.27 -0.81
N PHE B 582 -7.03 -11.33 -0.52
CA PHE B 582 -6.70 -10.16 -1.37
C PHE B 582 -6.42 -10.67 -2.80
N GLY B 583 -7.12 -10.14 -3.79
CA GLY B 583 -7.06 -10.61 -5.18
C GLY B 583 -6.00 -9.87 -5.99
N PRO B 584 -5.87 -10.16 -7.31
CA PRO B 584 -5.05 -9.34 -8.20
C PRO B 584 -5.44 -7.86 -8.05
N THR B 585 -4.45 -6.96 -8.03
CA THR B 585 -4.66 -5.52 -7.70
C THR B 585 -4.00 -4.61 -8.75
N GLY B 586 -2.99 -5.08 -9.49
CA GLY B 586 -2.28 -4.28 -10.49
C GLY B 586 -1.72 -3.01 -9.86
N SER B 587 -1.87 -1.86 -10.52
CA SER B 587 -1.28 -0.55 -10.12
C SER B 587 -2.25 0.26 -9.24
N ASP B 588 -3.36 -0.35 -8.80
CA ASP B 588 -4.33 0.27 -7.85
C ASP B 588 -4.35 -0.58 -6.59
N PRO B 589 -3.75 -0.12 -5.47
CA PRO B 589 -3.58 -0.96 -4.28
C PRO B 589 -4.88 -1.32 -3.54
N LEU B 590 -6.01 -0.70 -3.89
CA LEU B 590 -7.34 -0.98 -3.29
C LEU B 590 -8.05 -2.13 -3.99
N GLN B 591 -7.74 -2.40 -5.27
CA GLN B 591 -8.53 -3.31 -6.14
C GLN B 591 -8.62 -4.72 -5.55
N GLY B 592 -7.54 -5.21 -4.94
CA GLY B 592 -7.47 -6.56 -4.36
C GLY B 592 -8.51 -6.79 -3.27
N THR B 593 -8.98 -5.72 -2.61
CA THR B 593 -10.00 -5.78 -1.54
C THR B 593 -11.36 -6.20 -2.12
N ARG B 594 -11.56 -6.10 -3.44
CA ARG B 594 -12.85 -6.40 -4.13
C ARG B 594 -12.77 -7.76 -4.82
N SER B 595 -11.88 -8.64 -4.38
CA SER B 595 -11.70 -10.02 -4.92
C SER B 595 -13.02 -10.80 -4.82
N GLU B 596 -13.16 -11.85 -5.64
CA GLU B 596 -14.37 -12.72 -5.71
C GLU B 596 -14.56 -13.43 -4.37
N MET B 597 -15.82 -13.57 -3.94
CA MET B 597 -16.20 -14.38 -2.74
C MET B 597 -15.68 -15.81 -2.94
N ASN B 598 -15.06 -16.37 -1.90
CA ASN B 598 -14.35 -17.68 -1.94
C ASN B 598 -15.30 -18.79 -1.48
N TRP B 599 -16.34 -19.06 -2.26
CA TRP B 599 -17.42 -20.04 -1.96
C TRP B 599 -16.85 -21.46 -1.83
N GLN B 600 -15.80 -21.78 -2.62
CA GLN B 600 -15.13 -23.11 -2.60
C GLN B 600 -14.48 -23.32 -1.23
N ASP B 601 -13.96 -22.26 -0.60
CA ASP B 601 -13.34 -22.31 0.74
C ASP B 601 -14.44 -22.36 1.81
N VAL B 602 -15.54 -21.63 1.62
CA VAL B 602 -16.70 -21.56 2.55
C VAL B 602 -17.19 -22.99 2.85
N ASN B 603 -17.23 -23.85 1.83
CA ASN B 603 -17.71 -25.25 1.93
C ASN B 603 -16.55 -26.18 2.31
N GLY B 604 -15.31 -25.78 2.01
CA GLY B 604 -14.08 -26.56 2.28
C GLY B 604 -13.36 -26.09 3.54
N LYS B 605 -12.19 -25.46 3.38
CA LYS B 605 -11.20 -25.21 4.46
C LYS B 605 -11.73 -24.14 5.44
N ALA B 606 -12.57 -23.21 4.98
CA ALA B 606 -13.08 -22.06 5.78
C ALA B 606 -14.41 -22.39 6.45
N ALA B 607 -14.86 -23.66 6.38
CA ALA B 607 -16.16 -24.12 6.89
C ALA B 607 -16.26 -23.88 8.41
N ARG B 608 -15.23 -24.25 9.18
CA ARG B 608 -15.24 -24.15 10.66
C ARG B 608 -15.09 -22.67 11.05
N SER B 609 -14.47 -21.85 10.21
CA SER B 609 -14.39 -20.38 10.36
C SER B 609 -15.79 -19.77 10.26
N VAL B 610 -16.57 -20.17 9.25
CA VAL B 610 -17.97 -19.68 9.02
C VAL B 610 -18.81 -20.02 10.26
N THR B 611 -18.68 -21.25 10.77
CA THR B 611 -19.36 -21.74 12.01
C THR B 611 -19.01 -20.82 13.18
N HIS B 612 -17.73 -20.52 13.36
CA HIS B 612 -17.20 -19.64 14.43
C HIS B 612 -17.91 -18.29 14.38
N TRP B 613 -17.97 -17.67 13.19
CA TRP B 613 -18.67 -16.38 12.91
C TRP B 613 -20.17 -16.52 13.18
N GLN B 614 -20.79 -17.63 12.78
CA GLN B 614 -22.23 -17.90 12.96
C GLN B 614 -22.59 -17.83 14.45
N LYS B 615 -21.87 -18.58 15.29
CA LYS B 615 -22.16 -18.71 16.74
C LYS B 615 -21.99 -17.35 17.44
N ILE B 616 -20.90 -16.63 17.16
CA ILE B 616 -20.60 -15.31 17.81
C ILE B 616 -21.61 -14.28 17.29
N GLY B 617 -21.95 -14.33 15.99
CA GLY B 617 -22.93 -13.42 15.36
C GLY B 617 -24.33 -13.62 15.91
N GLN B 618 -24.72 -14.88 16.16
CA GLN B 618 -26.03 -15.25 16.74
C GLN B 618 -26.10 -14.75 18.19
N PHE B 619 -25.01 -14.88 18.97
CA PHE B 619 -24.91 -14.43 20.37
C PHE B 619 -25.16 -12.92 20.44
N ARG B 620 -24.53 -12.17 19.53
CA ARG B 620 -24.71 -10.70 19.39
C ARG B 620 -26.18 -10.37 19.14
N ALA B 621 -26.83 -11.14 18.26
CA ALA B 621 -28.24 -10.96 17.84
C ALA B 621 -29.20 -11.22 19.02
N ARG B 622 -28.79 -12.06 19.97
CA ARG B 622 -29.59 -12.43 21.17
C ARG B 622 -29.45 -11.38 22.28
N HIS B 623 -28.44 -10.50 22.21
CA HIS B 623 -28.01 -9.62 23.34
C HIS B 623 -27.67 -8.21 22.86
N PRO B 624 -28.60 -7.24 22.96
CA PRO B 624 -28.30 -5.83 22.70
C PRO B 624 -27.28 -5.19 23.65
N ALA B 625 -26.96 -5.85 24.77
CA ALA B 625 -25.92 -5.43 25.75
C ALA B 625 -24.55 -5.38 25.07
N ILE B 626 -24.31 -6.27 24.10
CA ILE B 626 -23.04 -6.34 23.31
C ILE B 626 -22.85 -4.99 22.60
N GLY B 627 -23.87 -4.51 21.88
CA GLY B 627 -23.78 -3.31 21.03
C GLY B 627 -24.06 -2.02 21.80
N MET B 628 -24.91 -2.06 22.83
CA MET B 628 -25.50 -0.85 23.48
C MET B 628 -25.13 -0.76 24.96
N GLY B 629 -24.67 -1.86 25.58
CA GLY B 629 -24.54 -1.97 27.04
C GLY B 629 -23.26 -1.34 27.58
N LYS B 630 -23.31 -0.81 28.80
CA LYS B 630 -22.12 -0.29 29.54
C LYS B 630 -21.25 -1.49 29.92
N GLN B 631 -19.93 -1.37 29.75
CA GLN B 631 -18.96 -2.48 29.97
C GLN B 631 -18.33 -2.35 31.36
N THR B 632 -18.24 -3.48 32.08
CA THR B 632 -17.42 -3.68 33.30
C THR B 632 -16.36 -4.74 32.99
N THR B 633 -15.09 -4.33 32.88
CA THR B 633 -13.94 -5.26 32.68
C THR B 633 -13.66 -5.96 34.02
N LEU B 634 -13.55 -7.29 33.99
CA LEU B 634 -13.41 -8.14 35.21
C LEU B 634 -11.95 -8.18 35.65
N SER B 635 -11.70 -8.18 36.96
CA SER B 635 -10.38 -8.40 37.60
C SER B 635 -10.27 -9.85 38.05
N MET B 636 -9.58 -10.68 37.28
CA MET B 636 -9.40 -12.14 37.53
C MET B 636 -7.90 -12.46 37.54
N SER B 637 -7.50 -13.53 38.22
CA SER B 637 -6.10 -14.00 38.33
C SER B 637 -5.64 -14.63 37.01
N ARG B 638 -6.59 -15.02 36.16
CA ARG B 638 -6.34 -15.75 34.88
C ARG B 638 -7.32 -15.28 33.81
N GLY B 639 -6.86 -15.21 32.55
CA GLY B 639 -7.68 -14.93 31.36
C GLY B 639 -8.15 -13.48 31.32
N TYR B 640 -9.00 -13.16 30.35
CA TYR B 640 -9.66 -11.84 30.17
C TYR B 640 -11.17 -12.03 30.28
N GLY B 641 -11.89 -11.02 30.77
CA GLY B 641 -13.35 -11.07 30.91
C GLY B 641 -13.97 -9.69 31.06
N PHE B 642 -15.22 -9.54 30.61
CA PHE B 642 -16.03 -8.30 30.77
C PHE B 642 -17.51 -8.66 30.90
N VAL B 643 -18.28 -7.77 31.52
CA VAL B 643 -19.77 -7.82 31.62
C VAL B 643 -20.33 -6.61 30.90
N ARG B 644 -21.43 -6.78 30.16
CA ARG B 644 -22.18 -5.68 29.51
C ARG B 644 -23.66 -5.79 29.85
N GLU B 645 -24.31 -4.64 30.08
CA GLU B 645 -25.72 -4.54 30.58
C GLU B 645 -26.43 -3.41 29.84
N SER B 646 -27.55 -3.73 29.18
CA SER B 646 -28.45 -2.79 28.47
C SER B 646 -29.90 -3.12 28.82
N GLY B 647 -30.59 -2.21 29.53
CA GLY B 647 -31.97 -2.40 30.02
C GLY B 647 -32.08 -3.65 30.87
N GLU B 648 -32.73 -4.70 30.34
CA GLU B 648 -33.01 -5.98 31.04
C GLU B 648 -31.98 -7.05 30.62
N ASP B 649 -31.17 -6.77 29.59
CA ASP B 649 -30.19 -7.72 28.99
C ASP B 649 -28.85 -7.57 29.71
N LYS B 650 -28.19 -8.69 30.01
CA LYS B 650 -26.86 -8.73 30.69
C LYS B 650 -26.11 -10.00 30.27
N VAL B 651 -24.87 -9.84 29.79
CA VAL B 651 -24.01 -10.96 29.31
C VAL B 651 -22.62 -10.84 29.95
N MET B 652 -21.91 -11.96 30.06
CA MET B 652 -20.50 -12.04 30.52
C MET B 652 -19.69 -12.81 29.47
N VAL B 653 -18.69 -12.16 28.87
CA VAL B 653 -17.74 -12.80 27.92
C VAL B 653 -16.43 -13.06 28.67
N ILE B 654 -16.02 -14.32 28.75
CA ILE B 654 -14.73 -14.76 29.35
C ILE B 654 -13.84 -15.29 28.22
N TRP B 655 -12.64 -14.75 28.08
CA TRP B 655 -11.57 -15.30 27.21
C TRP B 655 -10.50 -15.95 28.10
N ALA B 656 -10.38 -17.27 28.02
CA ALA B 656 -9.46 -18.10 28.83
C ALA B 656 -8.01 -17.71 28.54
N GLY B 657 -7.72 -17.37 27.27
CA GLY B 657 -6.37 -17.02 26.78
C GLY B 657 -5.95 -17.91 25.61
N GLN B 658 -4.64 -18.04 25.39
CA GLN B 658 -4.05 -18.76 24.23
C GLN B 658 -3.56 -20.14 24.67
N GLN B 659 -3.68 -21.13 23.78
CA GLN B 659 -3.08 -22.49 23.92
C GLN B 659 -1.82 -22.55 23.04
N GLN B 660 -0.66 -22.19 23.62
CA GLN B 660 0.66 -22.20 22.92
C GLN B 660 1.78 -22.22 23.96
C2 BGC C . 5.34 14.24 -7.62
C3 BGC C . 4.80 13.49 -8.82
C4 BGC C . 3.68 12.52 -8.41
C5 BGC C . 2.65 13.19 -7.50
C6 BGC C . 1.74 12.16 -6.83
C1 BGC C . 4.18 14.93 -6.93
O1 BGC C . 4.67 15.73 -5.85
O2 BGC C . 6.34 15.19 -8.02
O3 BGC C . 5.86 12.78 -9.45
O4 BGC C . 3.03 12.01 -9.60
O5 BGC C . 3.26 13.96 -6.46
O6 BGC C . 0.58 11.95 -7.63
C1 GLC C . 3.57 10.73 -10.01
C2 GLC C . 3.82 10.70 -11.51
C3 GLC C . 2.51 10.66 -12.29
C4 GLC C . 1.65 9.51 -11.82
C5 GLC C . 1.46 9.58 -10.31
C6 GLC C . 0.68 8.37 -9.79
O2 GLC C . 4.58 11.85 -11.90
O3 GLC C . 2.78 10.52 -13.69
O4 GLC C . 0.38 9.61 -12.50
O5 GLC C . 2.72 9.63 -9.64
O6 GLC C . 0.42 8.55 -8.40
C1 AC1 C . -0.11 8.37 -13.05
O2 AC1 C . 1.25 8.74 -15.01
C2 AC1 C . -0.07 8.45 -14.57
C4A AC1 C . -5.85 11.46 -17.69
C3 AC1 C . -1.05 9.49 -15.08
O3 AC1 C . -1.10 9.49 -16.49
C4 AC1 C . -2.45 9.21 -14.51
N4A AC1 C . -3.41 10.20 -15.02
C5 AC1 C . -2.40 9.14 -12.98
O5 AC1 C . -1.46 8.12 -12.62
C6 AC1 C . -3.71 8.80 -12.29
C1B AC1 C . -4.70 9.71 -15.57
C2B AC1 C . -4.62 9.37 -17.06
O2B AC1 C . -3.46 8.56 -17.30
C3B AC1 C . -4.58 10.62 -17.89
O3B AC1 C . -4.45 10.29 -19.27
O4 AC1 C . -5.64 12.76 -18.24
C5B AC1 C . -6.23 11.58 -16.24
C7B AC1 C . -5.76 10.74 -15.30
C6B AC1 C . -7.21 12.67 -15.88
O6B AC1 C . -8.51 12.38 -16.31
C1 GLC D . 10.99 41.04 7.32
C2 GLC D . 10.09 40.17 6.43
C3 GLC D . 10.07 38.72 6.94
C4 GLC D . 11.49 38.17 7.07
C5 GLC D . 12.29 39.12 7.96
C6 GLC D . 13.74 38.69 8.16
O1 GLC D . 10.41 41.19 8.62
O2 GLC D . 8.77 40.71 6.42
O3 GLC D . 9.27 37.94 6.04
O4 GLC D . 11.46 36.86 7.66
O5 GLC D . 12.28 40.44 7.42
O6 GLC D . 14.42 38.63 6.89
C1 GLC D . 11.44 35.79 6.69
C2 GLC D . 11.21 34.47 7.42
C3 GLC D . 12.40 34.15 8.32
C4 GLC D . 13.71 34.15 7.51
C5 GLC D . 13.82 35.42 6.65
C6 GLC D . 15.02 35.39 5.69
O2 GLC D . 10.02 34.57 8.19
O3 GLC D . 12.18 32.90 8.96
O4 GLC D . 14.86 34.15 8.38
O5 GLC D . 12.62 35.68 5.90
O6 GLC D . 14.91 34.31 4.76
C1 AC1 D . 15.26 32.86 8.91
O2 AC1 D . 16.19 34.11 10.74
C2 AC1 D . 16.47 33.10 9.78
C4A AC1 D . 22.41 33.46 5.16
C3 AC1 D . 17.69 33.50 8.94
O3 AC1 D . 18.84 33.50 9.77
C4 AC1 D . 17.90 32.54 7.77
N4A AC1 D . 18.93 33.08 6.86
C5 AC1 D . 16.61 32.26 7.00
O5 AC1 D . 15.59 31.87 7.93
C6 AC1 D . 16.70 31.17 5.96
C1B AC1 D . 20.03 32.20 6.42
C2B AC1 D . 21.33 32.48 7.17
O2B AC1 D . 21.05 32.63 8.56
C3B AC1 D . 21.99 33.72 6.61
O3B AC1 D . 23.12 34.11 7.39
O4 AC1 D . 22.89 34.66 4.55
C5B AC1 D . 21.28 32.87 4.35
C7B AC1 D . 20.21 32.33 4.92
C6B AC1 D . 21.43 32.93 2.84
O6B AC1 D . 22.53 32.13 2.40
C2 BGC E . 31.17 14.15 9.96
C3 BGC E . 29.75 13.58 9.94
C4 BGC E . 29.43 12.81 11.23
C5 BGC E . 29.90 13.58 12.47
C6 BGC E . 29.74 12.76 13.76
C1 BGC E . 31.46 14.89 11.26
O1 BGC E . 32.80 15.37 11.27
O2 BGC E . 31.36 15.05 8.86
O3 BGC E . 29.62 12.72 8.79
O4 BGC E . 28.01 12.62 11.41
O5 BGC E . 31.27 13.98 12.35
O6 BGC E . 30.53 11.56 13.68
C1 GLC E . 27.39 11.63 10.54
C2 GLC E . 25.95 11.43 11.00
C3 GLC E . 25.90 10.71 12.34
C4 GLC E . 26.71 9.42 12.32
C5 GLC E . 28.11 9.65 11.73
C6 GLC E . 28.83 8.33 11.48
O2 GLC E . 25.28 12.69 11.10
O3 GLC E . 24.53 10.41 12.67
O4 GLC E . 26.84 8.94 13.68
O5 GLC E . 28.06 10.38 10.49
O6 GLC E . 28.24 7.66 10.35
C1 AC1 E . 25.94 7.85 14.00
O2 AC1 E . 24.79 9.24 15.59
C2 AC1 E . 25.47 8.00 15.42
C4A AC1 E . 31.50 4.04 18.59
C3 AC1 E . 26.64 7.88 16.40
O3 AC1 E . 26.15 7.84 17.73
C4 AC1 E . 27.49 6.64 16.12
N4A AC1 E . 28.73 6.74 16.91
C5 AC1 E . 27.78 6.43 14.63
O5 AC1 E . 26.55 6.57 13.88
C6 AC1 E . 28.36 5.08 14.26
C1B AC1 E . 29.47 5.53 17.29
C2B AC1 E . 29.18 5.09 18.73
O2B AC1 E . 28.62 6.21 19.42
C3B AC1 E . 30.40 4.58 19.51
O3B AC1 E . 30.00 3.55 20.41
O4 AC1 E . 32.66 3.72 19.37
C5B AC1 E . 31.85 5.04 17.52
C7B AC1 E . 30.92 5.80 16.97
C6B AC1 E . 33.29 5.15 17.10
O6B AC1 E . 33.79 3.94 16.54
C1 GLC F . -1.78 44.24 9.22
C2 GLC F . -0.85 44.55 8.03
C3 GLC F . -1.50 44.09 6.73
C4 GLC F . -1.93 42.64 6.82
C5 GLC F . -2.77 42.36 8.07
C6 GLC F . -3.05 40.87 8.22
O1 GLC F . -2.97 45.04 9.14
O2 GLC F . -0.55 45.95 7.97
O3 GLC F . -0.56 44.26 5.66
O4 GLC F . -2.71 42.32 5.65
O5 GLC F . -2.11 42.85 9.25
O6 GLC F . -1.86 40.18 8.62
C1 AC1 F . -2.05 41.40 4.76
O2 AC1 F . -1.62 43.31 3.36
C2 AC1 F . -2.12 41.98 3.36
C4A AC1 F . -7.97 39.94 -0.46
C3 AC1 F . -3.54 41.95 2.83
O3 AC1 F . -3.58 42.37 1.48
C4 AC1 F . -4.10 40.52 2.95
N4A AC1 F . -5.46 40.45 2.40
C5 AC1 F . -4.02 40.04 4.40
O5 AC1 F . -2.65 40.08 4.79
C6 AC1 F . -4.52 38.63 4.66
C1B AC1 F . -5.78 39.35 1.47
C2B AC1 F . -5.51 39.72 0.01
O2B AC1 F . -4.23 40.34 -0.09
C3B AC1 F . -6.61 40.64 -0.49
O3B AC1 F . -6.31 41.07 -1.83
O4 AC1 F . -9.01 40.92 -0.59
C5B AC1 F . -8.18 39.15 0.81
C7B AC1 F . -7.21 38.92 1.69
C6B AC1 F . -9.58 38.62 1.03
O6B AC1 F . -9.64 37.66 2.08
C1 GLC G . -13.66 7.02 -5.52
C2 GLC G . -14.37 6.87 -4.18
C3 GLC G . -14.03 8.00 -3.21
C4 GLC G . -12.52 8.19 -3.10
C5 GLC G . -11.98 8.47 -4.51
C6 GLC G . -10.47 8.73 -4.58
O1 GLC G . -14.32 8.05 -6.27
O2 GLC G . -15.79 6.87 -4.40
O3 GLC G . -14.63 7.71 -1.94
O4 GLC G . -12.22 9.29 -2.20
O5 GLC G . -12.27 7.36 -5.37
O6 GLC G . -9.84 8.65 -3.30
C1 GLC G . -12.07 8.86 -0.82
C2 GLC G . -12.78 9.81 0.14
C3 GLC G . -12.06 11.15 0.23
C4 GLC G . -10.60 10.94 0.58
C5 GLC G . -9.97 9.97 -0.43
C6 GLC G . -8.51 9.68 -0.09
O2 GLC G . -14.14 10.06 -0.26
O3 GLC G . -12.69 11.97 1.22
O4 GLC G . -9.93 12.21 0.53
O5 GLC G . -10.70 8.74 -0.43
O6 GLC G . -7.98 8.77 -1.07
C1 AC1 G . -9.04 12.46 1.64
O2 AC1 G . -10.96 13.27 2.87
C2 AC1 G . -9.64 13.59 2.47
C4A AC1 G . -8.13 20.22 0.16
C3 AC1 G . -9.63 14.89 1.68
O3 AC1 G . -10.05 15.96 2.52
C4 AC1 G . -8.22 15.18 1.14
N4A AC1 G . -8.22 16.42 0.34
C5 AC1 G . -7.71 13.98 0.34
O5 AC1 G . -7.73 12.84 1.20
C6 AC1 G . -6.29 14.11 -0.20
C1B AC1 G . -7.19 17.43 0.63
C2B AC1 G . -7.58 18.37 1.77
O2B AC1 G . -8.04 17.61 2.89
C3B AC1 G . -8.63 19.35 1.31
O3B AC1 G . -9.03 20.18 2.40
O4 AC1 G . -9.23 20.90 -0.44
C5B AC1 G . -7.38 19.41 -0.88
C7B AC1 G . -6.88 18.20 -0.63
C6B AC1 G . -7.20 20.05 -2.23
O6B AC1 G . -6.39 21.21 -2.16
C1 GLC H . -28.53 2.93 -30.76
C2 GLC H . -27.41 3.22 -29.76
C3 GLC H . -26.89 1.91 -29.19
C4 GLC H . -28.05 1.18 -28.51
C5 GLC H . -29.11 0.89 -29.56
C6 GLC H . -30.31 0.16 -28.96
O1 GLC H . -28.00 2.25 -31.91
O2 GLC H . -26.36 3.95 -30.40
O3 GLC H . -25.81 2.17 -28.29
O4 GLC H . -27.59 -0.04 -27.89
O5 GLC H . -29.55 2.12 -30.16
O6 GLC H . -31.53 0.86 -29.27
C1 GLC H . -27.22 0.19 -26.50
C2 GLC H . -26.06 -0.72 -26.11
C3 GLC H . -26.49 -2.18 -26.08
C4 GLC H . -27.69 -2.35 -25.15
C5 GLC H . -28.79 -1.35 -25.52
C6 GLC H . -29.95 -1.38 -24.52
O2 GLC H . -24.97 -0.57 -27.03
O3 GLC H . -25.39 -2.99 -25.67
O4 GLC H . -28.24 -3.67 -25.28
O5 GLC H . -28.30 -0.01 -25.58
O6 GLC H . -29.52 -0.93 -23.22
C1 AC1 H . -27.59 -4.71 -24.53
O2 AC1 H . -28.40 -6.20 -26.23
C2 AC1 H . -28.34 -5.99 -24.83
C4A AC1 H . -34.37 -5.87 -20.28
C3 AC1 H . -29.74 -5.93 -24.24
O3 AC1 H . -30.37 -7.20 -24.38
C4 AC1 H . -29.70 -5.54 -22.76
N4A AC1 H . -31.07 -5.31 -22.26
C5 AC1 H . -28.80 -4.32 -22.49
O5 AC1 H . -27.53 -4.53 -23.11
C6 AC1 H . -28.54 -4.03 -21.02
C1B AC1 H . -31.48 -5.91 -20.97
C2B AC1 H . -32.42 -7.09 -21.21
O2B AC1 H . -31.90 -7.90 -22.27
C3B AC1 H . -33.81 -6.57 -21.51
O3B AC1 H . -34.69 -7.63 -21.91
O4 AC1 H . -35.60 -5.21 -20.60
C5B AC1 H . -33.38 -4.87 -19.72
C7B AC1 H . -32.09 -4.88 -20.06
C6B AC1 H . -33.94 -3.87 -18.74
O6B AC1 H . -34.69 -4.49 -17.72
C2 BGC I . -27.89 -21.10 -6.28
C3 BGC I . -26.50 -20.47 -6.22
C4 BGC I . -25.36 -21.47 -6.48
C5 BGC I . -25.71 -22.49 -7.58
C6 BGC I . -24.70 -23.63 -7.64
C1 BGC I . -28.03 -22.04 -7.48
O1 BGC I . -29.32 -22.66 -7.48
O2 BGC I . -28.87 -20.06 -6.39
O3 BGC I . -26.34 -19.87 -4.92
O4 BGC I . -24.18 -20.79 -6.93
O5 BGC I . -27.02 -23.04 -7.37
O6 BGC I . -24.74 -24.42 -6.45
C1 GLC I . -23.45 -20.07 -5.91
C2 GLC I . -22.14 -19.60 -6.54
C3 GLC I . -21.22 -20.78 -6.81
C4 GLC I . -21.02 -21.60 -5.55
C5 GLC I . -22.35 -21.97 -4.91
C6 GLC I . -22.14 -22.67 -3.56
O2 GLC I . -22.40 -18.91 -7.77
O3 GLC I . -19.96 -20.32 -7.30
O4 GLC I . -20.30 -22.80 -5.91
O5 GLC I . -23.17 -20.81 -4.72
O6 GLC I . -21.97 -21.71 -2.51
C1 AC1 I . -18.93 -22.80 -5.47
O2 AC1 I . -18.29 -22.61 -7.79
C2 AC1 I . -18.08 -23.36 -6.60
C4A AC1 I . -16.03 -30.27 -6.01
C3 AC1 I . -18.39 -24.84 -6.83
O3 AC1 I . -17.46 -25.35 -7.78
C4 AC1 I . -18.31 -25.61 -5.52
N4A AC1 I . -18.72 -27.02 -5.70
C5 AC1 I . -19.15 -24.95 -4.42
O5 AC1 I . -18.73 -23.59 -4.29
C6 AC1 I . -19.04 -25.59 -3.05
C1B AC1 I . -17.72 -28.01 -6.09
C2B AC1 I . -18.37 -29.35 -6.46
O2B AC1 I . -19.62 -29.42 -5.77
C3B AC1 I . -17.53 -30.58 -6.13
O3B AC1 I . -17.72 -31.58 -7.13
O4 AC1 I . -15.34 -31.43 -5.55
C5B AC1 I . -15.79 -29.11 -5.09
C7B AC1 I . -16.68 -28.13 -5.00
C6B AC1 I . -14.53 -29.12 -4.26
O6B AC1 I . -13.37 -29.27 -5.07
CA CA J . 21.19 20.84 8.83
CA CA K . 2.06 20.21 -16.83
CA CA L . -24.81 -12.06 -13.79
CA CA M . -18.78 17.87 -4.25
#